data_2QAI
# 
_entry.id   2QAI 
# 
_audit_conform.dict_name       mmcif_pdbx.dic 
_audit_conform.dict_version    5.397 
_audit_conform.dict_location   http://mmcif.pdb.org/dictionaries/ascii/mmcif_pdbx.dic 
# 
loop_
_database_2.database_id 
_database_2.database_code 
_database_2.pdbx_database_accession 
_database_2.pdbx_DOI 
PDB   2QAI         pdb_00002qai 10.2210/pdb2qai/pdb 
RCSB  RCSB043354   ?            ?                   
WWPDB D_1000043354 ?            ?                   
# 
loop_
_pdbx_audit_revision_history.ordinal 
_pdbx_audit_revision_history.data_content_type 
_pdbx_audit_revision_history.major_revision 
_pdbx_audit_revision_history.minor_revision 
_pdbx_audit_revision_history.revision_date 
1 'Structure model' 1 0 2007-06-26 
2 'Structure model' 1 1 2008-05-01 
3 'Structure model' 1 2 2011-07-13 
4 'Structure model' 1 3 2017-10-18 
5 'Structure model' 1 4 2018-01-24 
6 'Structure model' 1 5 2024-10-30 
# 
_pdbx_audit_revision_details.ordinal             1 
_pdbx_audit_revision_details.revision_ordinal    1 
_pdbx_audit_revision_details.data_content_type   'Structure model' 
_pdbx_audit_revision_details.provider            repository 
_pdbx_audit_revision_details.type                'Initial release' 
_pdbx_audit_revision_details.description         ? 
_pdbx_audit_revision_details.details             ? 
# 
loop_
_pdbx_audit_revision_group.ordinal 
_pdbx_audit_revision_group.revision_ordinal 
_pdbx_audit_revision_group.data_content_type 
_pdbx_audit_revision_group.group 
1 2 'Structure model' 'Version format compliance' 
2 3 'Structure model' 'Version format compliance' 
3 4 'Structure model' 'Refinement description'    
4 5 'Structure model' 'Database references'       
5 5 'Structure model' 'Structure summary'         
6 6 'Structure model' 'Data collection'           
7 6 'Structure model' 'Database references'       
8 6 'Structure model' 'Derived calculations'      
9 6 'Structure model' 'Structure summary'         
# 
loop_
_pdbx_audit_revision_category.ordinal 
_pdbx_audit_revision_category.revision_ordinal 
_pdbx_audit_revision_category.data_content_type 
_pdbx_audit_revision_category.category 
1  4 'Structure model' software                  
2  5 'Structure model' audit_author              
3  5 'Structure model' citation_author           
4  6 'Structure model' chem_comp_atom            
5  6 'Structure model' chem_comp_bond            
6  6 'Structure model' database_2                
7  6 'Structure model' pdbx_entry_details        
8  6 'Structure model' pdbx_modification_feature 
9  6 'Structure model' struct_conn               
10 6 'Structure model' struct_ref_seq_dif        
# 
loop_
_pdbx_audit_revision_item.ordinal 
_pdbx_audit_revision_item.revision_ordinal 
_pdbx_audit_revision_item.data_content_type 
_pdbx_audit_revision_item.item 
1 4 'Structure model' '_software.name'                      
2 5 'Structure model' '_audit_author.name'                  
3 5 'Structure model' '_citation_author.name'               
4 6 'Structure model' '_database_2.pdbx_DOI'                
5 6 'Structure model' '_database_2.pdbx_database_accession' 
6 6 'Structure model' '_struct_conn.pdbx_leaving_atom_flag' 
7 6 'Structure model' '_struct_ref_seq_dif.details'         
# 
_pdbx_database_status.status_code                     REL 
_pdbx_database_status.entry_id                        2QAI 
_pdbx_database_status.recvd_initial_deposition_date   2007-06-15 
_pdbx_database_status.deposit_site                    RCSB 
_pdbx_database_status.process_site                    RCSB 
_pdbx_database_status.status_code_sf                  REL 
_pdbx_database_status.status_code_mr                  ? 
_pdbx_database_status.SG_entry                        Y 
_pdbx_database_status.pdb_format_compatible           Y 
_pdbx_database_status.status_code_cs                  ? 
_pdbx_database_status.methods_development_category    ? 
_pdbx_database_status.status_code_nmr_data            ? 
# 
loop_
_pdbx_database_related.db_name 
_pdbx_database_related.db_id 
_pdbx_database_related.details 
_pdbx_database_related.content_type 
TargetDB PfR7 .                                                                                unspecified 
PDB      2I4R 'Crystal structure of V-type ATP synthase subunit F from Archaeoglobus fulgidus' unspecified 
# 
loop_
_audit_author.name 
_audit_author.pdbx_ordinal 
'Vorobiev, S.M.'                                  1  
'Su, M.'                                          2  
'Seetharaman, J.'                                 3  
'Ma, L.-C.'                                       4  
'Shih, L.'                                        5  
'Fang, Y.'                                        6  
'Xiao, R.'                                        7  
'Acton, T.B.'                                     8  
'Montelione, G.T.'                                9  
'Hunt, J.F.'                                      10 
'Tong, L.'                                        11 
'Northeast Structural Genomics Consortium (NESG)' 12 
# 
_citation.id                        primary 
_citation.title                     'Crystal structure of the V-type ATP synthase subunit F from Pyrococcus furiosus.' 
_citation.journal_abbrev            'To be Published' 
_citation.journal_volume            ? 
_citation.page_first                ? 
_citation.page_last                 ? 
_citation.year                      ? 
_citation.journal_id_ASTM           ? 
_citation.country                   ? 
_citation.journal_id_ISSN           ? 
_citation.journal_id_CSD            0353 
_citation.book_publisher            ? 
_citation.pdbx_database_id_PubMed   ? 
_citation.pdbx_database_id_DOI      ? 
# 
loop_
_citation_author.citation_id 
_citation_author.name 
_citation_author.ordinal 
_citation_author.identifier_ORCID 
primary 'Vorobiev, S.M.'   1  ? 
primary 'Su, M.'           2  ? 
primary 'Seetharaman, J.'  3  ? 
primary 'Ma, L.-C.'        4  ? 
primary 'Shih, L.'         5  ? 
primary 'Fang, Y.'         6  ? 
primary 'Xiao, R.'         7  ? 
primary 'Montelione, G.T.' 8  ? 
primary 'Hunt, J.F.'       9  ? 
primary 'Tong, L.'         10 ? 
# 
loop_
_entity.id 
_entity.type 
_entity.src_method 
_entity.pdbx_description 
_entity.formula_weight 
_entity.pdbx_number_of_molecules 
_entity.pdbx_ec 
_entity.pdbx_mutation 
_entity.pdbx_fragment 
_entity.details 
1 polymer man 'V-type ATP synthase subunit F' 12921.538 2  3.6.3.14 ? ? ? 
2 water   nat water                           18.015    82 ?        ? ? ? 
# 
_entity_name_com.entity_id   1 
_entity_name_com.name        'V-type ATPase subunit F' 
# 
_entity_poly.entity_id                      1 
_entity_poly.type                           'polypeptide(L)' 
_entity_poly.nstd_linkage                   no 
_entity_poly.nstd_monomer                   yes 
_entity_poly.pdbx_seq_one_letter_code       
;(MSE)KIVV(MSE)GDSDTVVGFRLAGVHEAYEYDESLESVERARNKLRELLERDDVGIILITERLAQRIGSLPEVKFPI
ILQIPDKFGSIYGEDILRDVVRRAIGVELKRLEHHHHHH
;
_entity_poly.pdbx_seq_one_letter_code_can   
;MKIVVMGDSDTVVGFRLAGVHEAYEYDESLESVERARNKLRELLERDDVGIILITERLAQRIGSLPEVKFPIILQIPDKF
GSIYGEDILRDVVRRAIGVELKRLEHHHHHH
;
_entity_poly.pdbx_strand_id                 A,B 
_entity_poly.pdbx_target_identifier         PfR7 
# 
_pdbx_entity_nonpoly.entity_id   2 
_pdbx_entity_nonpoly.name        water 
_pdbx_entity_nonpoly.comp_id     HOH 
# 
loop_
_entity_poly_seq.entity_id 
_entity_poly_seq.num 
_entity_poly_seq.mon_id 
_entity_poly_seq.hetero 
1 1   MSE n 
1 2   LYS n 
1 3   ILE n 
1 4   VAL n 
1 5   VAL n 
1 6   MSE n 
1 7   GLY n 
1 8   ASP n 
1 9   SER n 
1 10  ASP n 
1 11  THR n 
1 12  VAL n 
1 13  VAL n 
1 14  GLY n 
1 15  PHE n 
1 16  ARG n 
1 17  LEU n 
1 18  ALA n 
1 19  GLY n 
1 20  VAL n 
1 21  HIS n 
1 22  GLU n 
1 23  ALA n 
1 24  TYR n 
1 25  GLU n 
1 26  TYR n 
1 27  ASP n 
1 28  GLU n 
1 29  SER n 
1 30  LEU n 
1 31  GLU n 
1 32  SER n 
1 33  VAL n 
1 34  GLU n 
1 35  ARG n 
1 36  ALA n 
1 37  ARG n 
1 38  ASN n 
1 39  LYS n 
1 40  LEU n 
1 41  ARG n 
1 42  GLU n 
1 43  LEU n 
1 44  LEU n 
1 45  GLU n 
1 46  ARG n 
1 47  ASP n 
1 48  ASP n 
1 49  VAL n 
1 50  GLY n 
1 51  ILE n 
1 52  ILE n 
1 53  LEU n 
1 54  ILE n 
1 55  THR n 
1 56  GLU n 
1 57  ARG n 
1 58  LEU n 
1 59  ALA n 
1 60  GLN n 
1 61  ARG n 
1 62  ILE n 
1 63  GLY n 
1 64  SER n 
1 65  LEU n 
1 66  PRO n 
1 67  GLU n 
1 68  VAL n 
1 69  LYS n 
1 70  PHE n 
1 71  PRO n 
1 72  ILE n 
1 73  ILE n 
1 74  LEU n 
1 75  GLN n 
1 76  ILE n 
1 77  PRO n 
1 78  ASP n 
1 79  LYS n 
1 80  PHE n 
1 81  GLY n 
1 82  SER n 
1 83  ILE n 
1 84  TYR n 
1 85  GLY n 
1 86  GLU n 
1 87  ASP n 
1 88  ILE n 
1 89  LEU n 
1 90  ARG n 
1 91  ASP n 
1 92  VAL n 
1 93  VAL n 
1 94  ARG n 
1 95  ARG n 
1 96  ALA n 
1 97  ILE n 
1 98  GLY n 
1 99  VAL n 
1 100 GLU n 
1 101 LEU n 
1 102 LYS n 
1 103 ARG n 
1 104 LEU n 
1 105 GLU n 
1 106 HIS n 
1 107 HIS n 
1 108 HIS n 
1 109 HIS n 
1 110 HIS n 
1 111 HIS n 
# 
_entity_src_gen.entity_id                          1 
_entity_src_gen.pdbx_src_id                        1 
_entity_src_gen.pdbx_alt_source_flag               sample 
_entity_src_gen.pdbx_seq_type                      ? 
_entity_src_gen.pdbx_beg_seq_num                   ? 
_entity_src_gen.pdbx_end_seq_num                   ? 
_entity_src_gen.gene_src_common_name               ? 
_entity_src_gen.gene_src_genus                     Pyrococcus 
_entity_src_gen.pdbx_gene_src_gene                 'atpF, PF0181' 
_entity_src_gen.gene_src_species                   ? 
_entity_src_gen.gene_src_strain                    'Vc1, DSM 3638, JCM 8422' 
_entity_src_gen.gene_src_tissue                    ? 
_entity_src_gen.gene_src_tissue_fraction           ? 
_entity_src_gen.gene_src_details                   ? 
_entity_src_gen.pdbx_gene_src_fragment             ? 
_entity_src_gen.pdbx_gene_src_scientific_name      'Pyrococcus furiosus' 
_entity_src_gen.pdbx_gene_src_ncbi_taxonomy_id     2261 
_entity_src_gen.pdbx_gene_src_variant              ? 
_entity_src_gen.pdbx_gene_src_cell_line            ? 
_entity_src_gen.pdbx_gene_src_atcc                 43587 
_entity_src_gen.pdbx_gene_src_organ                ? 
_entity_src_gen.pdbx_gene_src_organelle            ? 
_entity_src_gen.pdbx_gene_src_cell                 ? 
_entity_src_gen.pdbx_gene_src_cellular_location    ? 
_entity_src_gen.host_org_common_name               ? 
_entity_src_gen.pdbx_host_org_scientific_name      'Escherichia coli' 
_entity_src_gen.pdbx_host_org_ncbi_taxonomy_id     562 
_entity_src_gen.host_org_genus                     Escherichia 
_entity_src_gen.pdbx_host_org_gene                 ? 
_entity_src_gen.pdbx_host_org_organ                ? 
_entity_src_gen.host_org_species                   ? 
_entity_src_gen.pdbx_host_org_tissue               ? 
_entity_src_gen.pdbx_host_org_tissue_fraction      ? 
_entity_src_gen.pdbx_host_org_strain               'BL21(DE3)+Magic' 
_entity_src_gen.pdbx_host_org_variant              ? 
_entity_src_gen.pdbx_host_org_cell_line            ? 
_entity_src_gen.pdbx_host_org_atcc                 ? 
_entity_src_gen.pdbx_host_org_culture_collection   ? 
_entity_src_gen.pdbx_host_org_cell                 ? 
_entity_src_gen.pdbx_host_org_organelle            ? 
_entity_src_gen.pdbx_host_org_cellular_location    ? 
_entity_src_gen.pdbx_host_org_vector_type          Plasmid 
_entity_src_gen.pdbx_host_org_vector               ? 
_entity_src_gen.host_org_details                   ? 
_entity_src_gen.expression_system_id               ? 
_entity_src_gen.plasmid_name                       pET21 
_entity_src_gen.plasmid_details                    ? 
_entity_src_gen.pdbx_description                   ? 
# 
loop_
_chem_comp.id 
_chem_comp.type 
_chem_comp.mon_nstd_flag 
_chem_comp.name 
_chem_comp.pdbx_synonyms 
_chem_comp.formula 
_chem_comp.formula_weight 
ALA 'L-peptide linking' y ALANINE          ? 'C3 H7 N O2'     89.093  
ARG 'L-peptide linking' y ARGININE         ? 'C6 H15 N4 O2 1' 175.209 
ASN 'L-peptide linking' y ASPARAGINE       ? 'C4 H8 N2 O3'    132.118 
ASP 'L-peptide linking' y 'ASPARTIC ACID'  ? 'C4 H7 N O4'     133.103 
GLN 'L-peptide linking' y GLUTAMINE        ? 'C5 H10 N2 O3'   146.144 
GLU 'L-peptide linking' y 'GLUTAMIC ACID'  ? 'C5 H9 N O4'     147.129 
GLY 'peptide linking'   y GLYCINE          ? 'C2 H5 N O2'     75.067  
HIS 'L-peptide linking' y HISTIDINE        ? 'C6 H10 N3 O2 1' 156.162 
HOH non-polymer         . WATER            ? 'H2 O'           18.015  
ILE 'L-peptide linking' y ISOLEUCINE       ? 'C6 H13 N O2'    131.173 
LEU 'L-peptide linking' y LEUCINE          ? 'C6 H13 N O2'    131.173 
LYS 'L-peptide linking' y LYSINE           ? 'C6 H15 N2 O2 1' 147.195 
MET 'L-peptide linking' y METHIONINE       ? 'C5 H11 N O2 S'  149.211 
MSE 'L-peptide linking' n SELENOMETHIONINE ? 'C5 H11 N O2 Se' 196.106 
PHE 'L-peptide linking' y PHENYLALANINE    ? 'C9 H11 N O2'    165.189 
PRO 'L-peptide linking' y PROLINE          ? 'C5 H9 N O2'     115.130 
SER 'L-peptide linking' y SERINE           ? 'C3 H7 N O3'     105.093 
THR 'L-peptide linking' y THREONINE        ? 'C4 H9 N O3'     119.119 
TYR 'L-peptide linking' y TYROSINE         ? 'C9 H11 N O3'    181.189 
VAL 'L-peptide linking' y VALINE           ? 'C5 H11 N O2'    117.146 
# 
loop_
_pdbx_poly_seq_scheme.asym_id 
_pdbx_poly_seq_scheme.entity_id 
_pdbx_poly_seq_scheme.seq_id 
_pdbx_poly_seq_scheme.mon_id 
_pdbx_poly_seq_scheme.ndb_seq_num 
_pdbx_poly_seq_scheme.pdb_seq_num 
_pdbx_poly_seq_scheme.auth_seq_num 
_pdbx_poly_seq_scheme.pdb_mon_id 
_pdbx_poly_seq_scheme.auth_mon_id 
_pdbx_poly_seq_scheme.pdb_strand_id 
_pdbx_poly_seq_scheme.pdb_ins_code 
_pdbx_poly_seq_scheme.hetero 
A 1 1   MSE 1   1   1  MSE MSE A . n 
A 1 2   LYS 2   2   2  LYS LYS A . n 
A 1 3   ILE 3   3   3  ILE ILE A . n 
A 1 4   VAL 4   4   4  VAL VAL A . n 
A 1 5   VAL 5   5   5  VAL VAL A . n 
A 1 6   MSE 6   6   6  MSE MSE A . n 
A 1 7   GLY 7   7   7  GLY GLY A . n 
A 1 8   ASP 8   8   8  ASP ASP A . n 
A 1 9   SER 9   9   9  SER SER A . n 
A 1 10  ASP 10  10  10 ASP ASP A . n 
A 1 11  THR 11  11  11 THR THR A . n 
A 1 12  VAL 12  12  12 VAL VAL A . n 
A 1 13  VAL 13  13  13 VAL VAL A . n 
A 1 14  GLY 14  14  14 GLY GLY A . n 
A 1 15  PHE 15  15  15 PHE PHE A . n 
A 1 16  ARG 16  16  16 ARG ARG A . n 
A 1 17  LEU 17  17  17 LEU LEU A . n 
A 1 18  ALA 18  18  18 ALA ALA A . n 
A 1 19  GLY 19  19  19 GLY GLY A . n 
A 1 20  VAL 20  20  20 VAL VAL A . n 
A 1 21  HIS 21  21  21 HIS HIS A . n 
A 1 22  GLU 22  22  22 GLU GLU A . n 
A 1 23  ALA 23  23  23 ALA ALA A . n 
A 1 24  TYR 24  24  24 TYR TYR A . n 
A 1 25  GLU 25  25  25 GLU GLU A . n 
A 1 26  TYR 26  26  26 TYR TYR A . n 
A 1 27  ASP 27  27  27 ASP ASP A . n 
A 1 28  GLU 28  28  28 GLU GLU A . n 
A 1 29  SER 29  29  29 SER SER A . n 
A 1 30  LEU 30  30  30 LEU LEU A . n 
A 1 31  GLU 31  31  31 GLU GLU A . n 
A 1 32  SER 32  32  32 SER SER A . n 
A 1 33  VAL 33  33  33 VAL VAL A . n 
A 1 34  GLU 34  34  34 GLU GLU A . n 
A 1 35  ARG 35  35  35 ARG ARG A . n 
A 1 36  ALA 36  36  36 ALA ALA A . n 
A 1 37  ARG 37  37  37 ARG ARG A . n 
A 1 38  ASN 38  38  38 ASN ASN A . n 
A 1 39  LYS 39  39  39 LYS LYS A . n 
A 1 40  LEU 40  40  40 LEU LEU A . n 
A 1 41  ARG 41  41  41 ARG ALA A . n 
A 1 42  GLU 42  42  42 GLU GLU A . n 
A 1 43  LEU 43  43  43 LEU LEU A . n 
A 1 44  LEU 44  44  44 LEU LEU A . n 
A 1 45  GLU 45  45  45 GLU GLU A . n 
A 1 46  ARG 46  46  46 ARG ARG A . n 
A 1 47  ASP 47  47  47 ASP ASP A . n 
A 1 48  ASP 48  48  48 ASP ASP A . n 
A 1 49  VAL 49  49  49 VAL VAL A . n 
A 1 50  GLY 50  50  50 GLY GLY A . n 
A 1 51  ILE 51  51  51 ILE ILE A . n 
A 1 52  ILE 52  52  52 ILE ILE A . n 
A 1 53  LEU 53  53  53 LEU LEU A . n 
A 1 54  ILE 54  54  54 ILE ILE A . n 
A 1 55  THR 55  55  55 THR THR A . n 
A 1 56  GLU 56  56  56 GLU GLU A . n 
A 1 57  ARG 57  57  57 ARG ARG A . n 
A 1 58  LEU 58  58  58 LEU LEU A . n 
A 1 59  ALA 59  59  59 ALA ALA A . n 
A 1 60  GLN 60  60  60 GLN GLN A . n 
A 1 61  ARG 61  61  61 ARG ARG A . n 
A 1 62  ILE 62  62  62 ILE ILE A . n 
A 1 63  GLY 63  63  63 GLY GLY A . n 
A 1 64  SER 64  64  64 SER SER A . n 
A 1 65  LEU 65  65  65 LEU LEU A . n 
A 1 66  PRO 66  66  66 PRO PRO A . n 
A 1 67  GLU 67  67  67 GLU GLU A . n 
A 1 68  VAL 68  68  68 VAL VAL A . n 
A 1 69  LYS 69  69  69 LYS ALA A . n 
A 1 70  PHE 70  70  70 PHE PHE A . n 
A 1 71  PRO 71  71  71 PRO PRO A . n 
A 1 72  ILE 72  72  72 ILE ILE A . n 
A 1 73  ILE 73  73  73 ILE ILE A . n 
A 1 74  LEU 74  74  74 LEU LEU A . n 
A 1 75  GLN 75  75  75 GLN GLN A . n 
A 1 76  ILE 76  76  76 ILE ILE A . n 
A 1 77  PRO 77  77  77 PRO PRO A . n 
A 1 78  ASP 78  78  78 ASP ASP A . n 
A 1 79  LYS 79  79  79 LYS ALA A . n 
A 1 80  PHE 80  80  80 PHE PHE A . n 
A 1 81  GLY 81  81  ?  ?   ?   A . n 
A 1 82  SER 82  82  ?  ?   ?   A . n 
A 1 83  ILE 83  83  ?  ?   ?   A . n 
A 1 84  TYR 84  84  ?  ?   ?   A . n 
A 1 85  GLY 85  85  ?  ?   ?   A . n 
A 1 86  GLU 86  86  ?  ?   ?   A . n 
A 1 87  ASP 87  87  87 ASP ALA A . n 
A 1 88  ILE 88  88  88 ILE ALA A . n 
A 1 89  LEU 89  89  89 LEU LEU A . n 
A 1 90  ARG 90  90  90 ARG ARG A . n 
A 1 91  ASP 91  91  91 ASP ALA A . n 
A 1 92  VAL 92  92  92 VAL VAL A . n 
A 1 93  VAL 93  93  93 VAL ALA A . n 
A 1 94  ARG 94  94  94 ARG ARG A . n 
A 1 95  ARG 95  95  95 ARG ALA A . n 
A 1 96  ALA 96  96  96 ALA ALA A . n 
A 1 97  ILE 97  97  97 ILE ALA A . n 
A 1 98  GLY 98  98  ?  ?   ?   A . n 
A 1 99  VAL 99  99  ?  ?   ?   A . n 
A 1 100 GLU 100 100 ?  ?   ?   A . n 
A 1 101 LEU 101 101 ?  ?   ?   A . n 
A 1 102 LYS 102 102 ?  ?   ?   A . n 
A 1 103 ARG 103 103 ?  ?   ?   A . n 
A 1 104 LEU 104 104 ?  ?   ?   A . n 
A 1 105 GLU 105 105 ?  ?   ?   A . n 
A 1 106 HIS 106 106 ?  ?   ?   A . n 
A 1 107 HIS 107 107 ?  ?   ?   A . n 
A 1 108 HIS 108 108 ?  ?   ?   A . n 
A 1 109 HIS 109 109 ?  ?   ?   A . n 
A 1 110 HIS 110 110 ?  ?   ?   A . n 
A 1 111 HIS 111 111 ?  ?   ?   A . n 
B 1 1   MSE 1   1   1  MSE MSE B . n 
B 1 2   LYS 2   2   2  LYS LYS B . n 
B 1 3   ILE 3   3   3  ILE ILE B . n 
B 1 4   VAL 4   4   4  VAL VAL B . n 
B 1 5   VAL 5   5   5  VAL VAL B . n 
B 1 6   MSE 6   6   6  MSE MSE B . n 
B 1 7   GLY 7   7   7  GLY GLY B . n 
B 1 8   ASP 8   8   8  ASP ASP B . n 
B 1 9   SER 9   9   9  SER SER B . n 
B 1 10  ASP 10  10  10 ASP ASP B . n 
B 1 11  THR 11  11  11 THR THR B . n 
B 1 12  VAL 12  12  12 VAL VAL B . n 
B 1 13  VAL 13  13  13 VAL VAL B . n 
B 1 14  GLY 14  14  14 GLY GLY B . n 
B 1 15  PHE 15  15  15 PHE PHE B . n 
B 1 16  ARG 16  16  16 ARG ARG B . n 
B 1 17  LEU 17  17  17 LEU LEU B . n 
B 1 18  ALA 18  18  18 ALA ALA B . n 
B 1 19  GLY 19  19  19 GLY GLY B . n 
B 1 20  VAL 20  20  20 VAL VAL B . n 
B 1 21  HIS 21  21  21 HIS HIS B . n 
B 1 22  GLU 22  22  22 GLU GLU B . n 
B 1 23  ALA 23  23  23 ALA ALA B . n 
B 1 24  TYR 24  24  24 TYR TYR B . n 
B 1 25  GLU 25  25  25 GLU GLU B . n 
B 1 26  TYR 26  26  26 TYR TYR B . n 
B 1 27  ASP 27  27  27 ASP ASP B . n 
B 1 28  GLU 28  28  28 GLU GLU B . n 
B 1 29  SER 29  29  29 SER SER B . n 
B 1 30  LEU 30  30  30 LEU LEU B . n 
B 1 31  GLU 31  31  31 GLU GLU B . n 
B 1 32  SER 32  32  32 SER SER B . n 
B 1 33  VAL 33  33  33 VAL VAL B . n 
B 1 34  GLU 34  34  34 GLU GLU B . n 
B 1 35  ARG 35  35  35 ARG ARG B . n 
B 1 36  ALA 36  36  36 ALA ALA B . n 
B 1 37  ARG 37  37  37 ARG ARG B . n 
B 1 38  ASN 38  38  38 ASN ASN B . n 
B 1 39  LYS 39  39  39 LYS LYS B . n 
B 1 40  LEU 40  40  40 LEU LEU B . n 
B 1 41  ARG 41  41  41 ARG ARG B . n 
B 1 42  GLU 42  42  42 GLU GLU B . n 
B 1 43  LEU 43  43  43 LEU LEU B . n 
B 1 44  LEU 44  44  44 LEU LEU B . n 
B 1 45  GLU 45  45  45 GLU GLU B . n 
B 1 46  ARG 46  46  46 ARG ARG B . n 
B 1 47  ASP 47  47  47 ASP ASP B . n 
B 1 48  ASP 48  48  48 ASP ASP B . n 
B 1 49  VAL 49  49  49 VAL VAL B . n 
B 1 50  GLY 50  50  50 GLY GLY B . n 
B 1 51  ILE 51  51  51 ILE ILE B . n 
B 1 52  ILE 52  52  52 ILE ILE B . n 
B 1 53  LEU 53  53  53 LEU LEU B . n 
B 1 54  ILE 54  54  54 ILE ILE B . n 
B 1 55  THR 55  55  55 THR THR B . n 
B 1 56  GLU 56  56  56 GLU GLU B . n 
B 1 57  ARG 57  57  57 ARG ARG B . n 
B 1 58  LEU 58  58  58 LEU LEU B . n 
B 1 59  ALA 59  59  59 ALA ALA B . n 
B 1 60  GLN 60  60  60 GLN GLN B . n 
B 1 61  ARG 61  61  61 ARG ARG B . n 
B 1 62  ILE 62  62  62 ILE ILE B . n 
B 1 63  GLY 63  63  63 GLY GLY B . n 
B 1 64  SER 64  64  64 SER SER B . n 
B 1 65  LEU 65  65  65 LEU LEU B . n 
B 1 66  PRO 66  66  66 PRO PRO B . n 
B 1 67  GLU 67  67  67 GLU ALA B . n 
B 1 68  VAL 68  68  68 VAL VAL B . n 
B 1 69  LYS 69  69  69 LYS LYS B . n 
B 1 70  PHE 70  70  70 PHE PHE B . n 
B 1 71  PRO 71  71  71 PRO PRO B . n 
B 1 72  ILE 72  72  72 ILE ILE B . n 
B 1 73  ILE 73  73  73 ILE ILE B . n 
B 1 74  LEU 74  74  74 LEU LEU B . n 
B 1 75  GLN 75  75  75 GLN GLN B . n 
B 1 76  ILE 76  76  76 ILE ILE B . n 
B 1 77  PRO 77  77  77 PRO PRO B . n 
B 1 78  ASP 78  78  78 ASP ASP B . n 
B 1 79  LYS 79  79  ?  ?   ?   B . n 
B 1 80  PHE 80  80  ?  ?   ?   B . n 
B 1 81  GLY 81  81  ?  ?   ?   B . n 
B 1 82  SER 82  82  ?  ?   ?   B . n 
B 1 83  ILE 83  83  ?  ?   ?   B . n 
B 1 84  TYR 84  84  ?  ?   ?   B . n 
B 1 85  GLY 85  85  ?  ?   ?   B . n 
B 1 86  GLU 86  86  86 GLU ALA B . n 
B 1 87  ASP 87  87  87 ASP ALA B . n 
B 1 88  ILE 88  88  88 ILE ILE B . n 
B 1 89  LEU 89  89  89 LEU LEU B . n 
B 1 90  ARG 90  90  90 ARG ARG B . n 
B 1 91  ASP 91  91  91 ASP ASP B . n 
B 1 92  VAL 92  92  92 VAL ALA B . n 
B 1 93  VAL 93  93  93 VAL VAL B . n 
B 1 94  ARG 94  94  94 ARG ALA B . n 
B 1 95  ARG 95  95  95 ARG ARG B . n 
B 1 96  ALA 96  96  96 ALA ALA B . n 
B 1 97  ILE 97  97  97 ILE ILE B . n 
B 1 98  GLY 98  98  98 GLY GLY B . n 
B 1 99  VAL 99  99  99 VAL VAL B . n 
B 1 100 GLU 100 100 ?  ?   ?   B . n 
B 1 101 LEU 101 101 ?  ?   ?   B . n 
B 1 102 LYS 102 102 ?  ?   ?   B . n 
B 1 103 ARG 103 103 ?  ?   ?   B . n 
B 1 104 LEU 104 104 ?  ?   ?   B . n 
B 1 105 GLU 105 105 ?  ?   ?   B . n 
B 1 106 HIS 106 106 ?  ?   ?   B . n 
B 1 107 HIS 107 107 ?  ?   ?   B . n 
B 1 108 HIS 108 108 ?  ?   ?   B . n 
B 1 109 HIS 109 109 ?  ?   ?   B . n 
B 1 110 HIS 110 110 ?  ?   ?   B . n 
B 1 111 HIS 111 111 ?  ?   ?   B . n 
# 
loop_
_pdbx_nonpoly_scheme.asym_id 
_pdbx_nonpoly_scheme.entity_id 
_pdbx_nonpoly_scheme.mon_id 
_pdbx_nonpoly_scheme.ndb_seq_num 
_pdbx_nonpoly_scheme.pdb_seq_num 
_pdbx_nonpoly_scheme.auth_seq_num 
_pdbx_nonpoly_scheme.pdb_mon_id 
_pdbx_nonpoly_scheme.auth_mon_id 
_pdbx_nonpoly_scheme.pdb_strand_id 
_pdbx_nonpoly_scheme.pdb_ins_code 
C 2 HOH 1  204 204 HOH WAT A . 
C 2 HOH 2  205 205 HOH WAT A . 
C 2 HOH 3  207 207 HOH WAT A . 
C 2 HOH 4  208 208 HOH WAT A . 
C 2 HOH 5  209 209 HOH WAT A . 
C 2 HOH 6  211 211 HOH WAT A . 
C 2 HOH 7  213 213 HOH WAT A . 
C 2 HOH 8  218 218 HOH WAT A . 
C 2 HOH 9  221 221 HOH WAT A . 
C 2 HOH 10 224 224 HOH WAT A . 
C 2 HOH 11 225 225 HOH WAT A . 
C 2 HOH 12 226 226 HOH WAT A . 
C 2 HOH 13 228 228 HOH WAT A . 
C 2 HOH 14 229 229 HOH WAT A . 
C 2 HOH 15 232 232 HOH WAT A . 
C 2 HOH 16 233 233 HOH WAT A . 
C 2 HOH 17 237 237 HOH WAT A . 
C 2 HOH 18 238 238 HOH WAT A . 
C 2 HOH 19 242 242 HOH WAT A . 
C 2 HOH 20 247 247 HOH WAT A . 
C 2 HOH 21 252 252 HOH WAT A . 
C 2 HOH 22 253 253 HOH WAT A . 
C 2 HOH 23 255 255 HOH WAT A . 
C 2 HOH 24 258 258 HOH WAT A . 
C 2 HOH 25 259 259 HOH WAT A . 
C 2 HOH 26 260 260 HOH WAT A . 
C 2 HOH 27 263 263 HOH WAT A . 
C 2 HOH 28 264 264 HOH WAT A . 
C 2 HOH 29 265 265 HOH WAT A . 
C 2 HOH 30 270 270 HOH WAT A . 
C 2 HOH 31 271 271 HOH WAT A . 
C 2 HOH 32 272 272 HOH WAT A . 
C 2 HOH 33 273 273 HOH WAT A . 
C 2 HOH 34 275 275 HOH WAT A . 
C 2 HOH 35 281 281 HOH WAT A . 
C 2 HOH 36 283 283 HOH WAT A . 
C 2 HOH 37 290 290 HOH WAT A . 
C 2 HOH 38 292 292 HOH WAT A . 
C 2 HOH 39 293 293 HOH WAT A . 
C 2 HOH 40 297 297 HOH WAT A . 
C 2 HOH 41 298 298 HOH WAT A . 
D 2 HOH 1  201 201 HOH WAT B . 
D 2 HOH 2  203 203 HOH WAT B . 
D 2 HOH 3  206 206 HOH WAT B . 
D 2 HOH 4  210 210 HOH WAT B . 
D 2 HOH 5  212 212 HOH WAT B . 
D 2 HOH 6  214 214 HOH WAT B . 
D 2 HOH 7  215 215 HOH WAT B . 
D 2 HOH 8  216 216 HOH WAT B . 
D 2 HOH 9  217 217 HOH WAT B . 
D 2 HOH 10 219 219 HOH WAT B . 
D 2 HOH 11 220 220 HOH WAT B . 
D 2 HOH 12 222 222 HOH WAT B . 
D 2 HOH 13 223 223 HOH WAT B . 
D 2 HOH 14 230 230 HOH WAT B . 
D 2 HOH 15 231 231 HOH WAT B . 
D 2 HOH 16 234 234 HOH WAT B . 
D 2 HOH 17 235 235 HOH WAT B . 
D 2 HOH 18 236 236 HOH WAT B . 
D 2 HOH 19 239 239 HOH WAT B . 
D 2 HOH 20 240 240 HOH WAT B . 
D 2 HOH 21 241 241 HOH WAT B . 
D 2 HOH 22 243 243 HOH WAT B . 
D 2 HOH 23 245 245 HOH WAT B . 
D 2 HOH 24 246 246 HOH WAT B . 
D 2 HOH 25 249 249 HOH WAT B . 
D 2 HOH 26 251 251 HOH WAT B . 
D 2 HOH 27 257 257 HOH WAT B . 
D 2 HOH 28 261 261 HOH WAT B . 
D 2 HOH 29 262 262 HOH WAT B . 
D 2 HOH 30 266 266 HOH WAT B . 
D 2 HOH 31 274 274 HOH WAT B . 
D 2 HOH 32 280 280 HOH WAT B . 
D 2 HOH 33 282 282 HOH WAT B . 
D 2 HOH 34 291 291 HOH WAT B . 
D 2 HOH 35 294 294 HOH WAT B . 
D 2 HOH 36 295 295 HOH WAT B . 
D 2 HOH 37 296 296 HOH WAT B . 
D 2 HOH 38 299 299 HOH WAT B . 
D 2 HOH 39 300 300 HOH WAT B . 
D 2 HOH 40 301 301 HOH WAT B . 
D 2 HOH 41 302 302 HOH WAT B . 
# 
loop_
_pdbx_unobs_or_zero_occ_atoms.id 
_pdbx_unobs_or_zero_occ_atoms.PDB_model_num 
_pdbx_unobs_or_zero_occ_atoms.polymer_flag 
_pdbx_unobs_or_zero_occ_atoms.occupancy_flag 
_pdbx_unobs_or_zero_occ_atoms.auth_asym_id 
_pdbx_unobs_or_zero_occ_atoms.auth_comp_id 
_pdbx_unobs_or_zero_occ_atoms.auth_seq_id 
_pdbx_unobs_or_zero_occ_atoms.PDB_ins_code 
_pdbx_unobs_or_zero_occ_atoms.auth_atom_id 
_pdbx_unobs_or_zero_occ_atoms.label_alt_id 
_pdbx_unobs_or_zero_occ_atoms.label_asym_id 
_pdbx_unobs_or_zero_occ_atoms.label_comp_id 
_pdbx_unobs_or_zero_occ_atoms.label_seq_id 
_pdbx_unobs_or_zero_occ_atoms.label_atom_id 
1  1 Y 1 A ARG 41 ? CG  ? A ARG 41 CG  
2  1 Y 1 A ARG 41 ? CD  ? A ARG 41 CD  
3  1 Y 1 A ARG 41 ? NE  ? A ARG 41 NE  
4  1 Y 1 A ARG 41 ? CZ  ? A ARG 41 CZ  
5  1 Y 1 A ARG 41 ? NH1 ? A ARG 41 NH1 
6  1 Y 1 A ARG 41 ? NH2 ? A ARG 41 NH2 
7  1 Y 1 A LYS 69 ? CG  ? A LYS 69 CG  
8  1 Y 1 A LYS 69 ? CD  ? A LYS 69 CD  
9  1 Y 1 A LYS 69 ? CE  ? A LYS 69 CE  
10 1 Y 1 A LYS 69 ? NZ  ? A LYS 69 NZ  
11 1 Y 1 A LYS 79 ? CG  ? A LYS 79 CG  
12 1 Y 1 A LYS 79 ? CD  ? A LYS 79 CD  
13 1 Y 1 A LYS 79 ? CE  ? A LYS 79 CE  
14 1 Y 1 A LYS 79 ? NZ  ? A LYS 79 NZ  
15 1 Y 1 A ASP 87 ? CG  ? A ASP 87 CG  
16 1 Y 1 A ASP 87 ? OD1 ? A ASP 87 OD1 
17 1 Y 1 A ASP 87 ? OD2 ? A ASP 87 OD2 
18 1 Y 1 A ILE 88 ? CG1 ? A ILE 88 CG1 
19 1 Y 1 A ILE 88 ? CG2 ? A ILE 88 CG2 
20 1 Y 1 A ILE 88 ? CD1 ? A ILE 88 CD1 
21 1 Y 1 A ASP 91 ? CG  ? A ASP 91 CG  
22 1 Y 1 A ASP 91 ? OD1 ? A ASP 91 OD1 
23 1 Y 1 A ASP 91 ? OD2 ? A ASP 91 OD2 
24 1 Y 1 A VAL 93 ? CG1 ? A VAL 93 CG1 
25 1 Y 1 A VAL 93 ? CG2 ? A VAL 93 CG2 
26 1 Y 1 A ARG 95 ? CG  ? A ARG 95 CG  
27 1 Y 1 A ARG 95 ? CD  ? A ARG 95 CD  
28 1 Y 1 A ARG 95 ? NE  ? A ARG 95 NE  
29 1 Y 1 A ARG 95 ? CZ  ? A ARG 95 CZ  
30 1 Y 1 A ARG 95 ? NH1 ? A ARG 95 NH1 
31 1 Y 1 A ARG 95 ? NH2 ? A ARG 95 NH2 
32 1 Y 1 A ILE 97 ? CG1 ? A ILE 97 CG1 
33 1 Y 1 A ILE 97 ? CG2 ? A ILE 97 CG2 
34 1 Y 1 A ILE 97 ? CD1 ? A ILE 97 CD1 
35 1 Y 1 B GLU 67 ? CG  ? B GLU 67 CG  
36 1 Y 1 B GLU 67 ? CD  ? B GLU 67 CD  
37 1 Y 1 B GLU 67 ? OE1 ? B GLU 67 OE1 
38 1 Y 1 B GLU 67 ? OE2 ? B GLU 67 OE2 
39 1 Y 1 B GLU 86 ? CG  ? B GLU 86 CG  
40 1 Y 1 B GLU 86 ? CD  ? B GLU 86 CD  
41 1 Y 1 B GLU 86 ? OE1 ? B GLU 86 OE1 
42 1 Y 1 B GLU 86 ? OE2 ? B GLU 86 OE2 
43 1 Y 1 B ASP 87 ? CG  ? B ASP 87 CG  
44 1 Y 1 B ASP 87 ? OD1 ? B ASP 87 OD1 
45 1 Y 1 B ASP 87 ? OD2 ? B ASP 87 OD2 
46 1 Y 1 B VAL 92 ? CG1 ? B VAL 92 CG1 
47 1 Y 1 B VAL 92 ? CG2 ? B VAL 92 CG2 
48 1 Y 1 B ARG 94 ? CG  ? B ARG 94 CG  
49 1 Y 1 B ARG 94 ? CD  ? B ARG 94 CD  
50 1 Y 1 B ARG 94 ? NE  ? B ARG 94 NE  
51 1 Y 1 B ARG 94 ? CZ  ? B ARG 94 CZ  
52 1 Y 1 B ARG 94 ? NH1 ? B ARG 94 NH1 
53 1 Y 1 B ARG 94 ? NH2 ? B ARG 94 NH2 
# 
loop_
_software.name 
_software.classification 
_software.version 
_software.citation_id 
_software.pdbx_ordinal 
CNS       refinement        1.1 ? 1 
HKL-2000  'data collection' .   ? 2 
DENZO     'data reduction'  .   ? 3 
SCALEPACK 'data scaling'    .   ? 4 
SnB       phasing           .   ? 5 
RESOLVE   phasing           .   ? 6 
# 
_cell.entry_id           2QAI 
_cell.length_a           55.814 
_cell.length_b           55.814 
_cell.length_c           159.177 
_cell.angle_alpha        90.00 
_cell.angle_beta         90.00 
_cell.angle_gamma        90.00 
_cell.Z_PDB              16 
_cell.pdbx_unique_axis   ? 
_cell.length_a_esd       ? 
_cell.length_b_esd       ? 
_cell.length_c_esd       ? 
_cell.angle_alpha_esd    ? 
_cell.angle_beta_esd     ? 
_cell.angle_gamma_esd    ? 
# 
_symmetry.entry_id                         2QAI 
_symmetry.space_group_name_H-M             'P 41 21 2' 
_symmetry.pdbx_full_space_group_name_H-M   ? 
_symmetry.cell_setting                     ? 
_symmetry.Int_Tables_number                92 
_symmetry.space_group_name_Hall            ? 
# 
_exptl.entry_id          2QAI 
_exptl.method            'X-RAY DIFFRACTION' 
_exptl.crystals_number   1 
# 
_exptl_crystal.id                    1 
_exptl_crystal.density_meas          ? 
_exptl_crystal.density_Matthews      2.40 
_exptl_crystal.density_percent_sol   48.70 
_exptl_crystal.description           'THE STRUCTURE FACTOR FILE CONTAINS FRIEDEL PAIRS' 
_exptl_crystal.F_000                 ? 
_exptl_crystal.preparation           ? 
# 
_exptl_crystal_grow.crystal_id      1 
_exptl_crystal_grow.method          'MICROBATCH UNDER OIL' 
_exptl_crystal_grow.temp            291 
_exptl_crystal_grow.temp_details    ? 
_exptl_crystal_grow.pH              10.0 
_exptl_crystal_grow.pdbx_details    
'40% PEG 8000, 0.1M K2CO3, 10 mM Taurine, 0.1M CAPS pH 10.0, MICROBATCH UNDER OIL, temperature 291K' 
_exptl_crystal_grow.pdbx_pH_range   . 
# 
_diffrn.id                     1 
_diffrn.ambient_temp           100 
_diffrn.ambient_temp_details   ? 
_diffrn.crystal_id             1 
# 
_diffrn_detector.diffrn_id              1 
_diffrn_detector.detector               CCD 
_diffrn_detector.type                   'ADSC QUANTUM 4' 
_diffrn_detector.pdbx_collection_date   2007-05-31 
_diffrn_detector.details                ? 
# 
_diffrn_radiation.diffrn_id                        1 
_diffrn_radiation.wavelength_id                    1 
_diffrn_radiation.pdbx_monochromatic_or_laue_m_l   M 
_diffrn_radiation.monochromator                    ? 
_diffrn_radiation.pdbx_diffrn_protocol             MAD 
_diffrn_radiation.pdbx_scattering_type             x-ray 
# 
loop_
_diffrn_radiation_wavelength.id 
_diffrn_radiation_wavelength.wavelength 
_diffrn_radiation_wavelength.wt 
1 0.97915 1.0 
2 0.9795  1.0 
3 0.96791 1.0 
# 
_diffrn_source.diffrn_id                   1 
_diffrn_source.source                      SYNCHROTRON 
_diffrn_source.type                        'NSLS BEAMLINE X4A' 
_diffrn_source.pdbx_synchrotron_site       NSLS 
_diffrn_source.pdbx_synchrotron_beamline   X4A 
_diffrn_source.pdbx_wavelength             ? 
_diffrn_source.pdbx_wavelength_list        '0.97915, 0.9795, 0.96791' 
# 
_reflns.entry_id                     2QAI 
_reflns.observed_criterion_sigma_I   0.0 
_reflns.observed_criterion_sigma_F   0.0 
_reflns.d_resolution_low             50.0 
_reflns.d_resolution_high            2.40 
_reflns.number_obs                   18791 
_reflns.number_all                   18791 
_reflns.percent_possible_obs         99.5 
_reflns.pdbx_Rmerge_I_obs            0.055 
_reflns.pdbx_Rsym_value              ? 
_reflns.pdbx_netI_over_sigmaI        38.19 
_reflns.B_iso_Wilson_estimate        26.7 
_reflns.pdbx_redundancy              13.0 
_reflns.R_free_details               ? 
_reflns.limit_h_max                  ? 
_reflns.limit_h_min                  ? 
_reflns.limit_k_max                  ? 
_reflns.limit_k_min                  ? 
_reflns.limit_l_max                  ? 
_reflns.limit_l_min                  ? 
_reflns.observed_criterion_F_max     ? 
_reflns.observed_criterion_F_min     ? 
_reflns.pdbx_chi_squared             ? 
_reflns.pdbx_scaling_rejects         ? 
_reflns.pdbx_diffrn_id               1 
_reflns.pdbx_ordinal                 1 
# 
_reflns_shell.d_res_high             2.40 
_reflns_shell.d_res_low              2.50 
_reflns_shell.percent_possible_all   99.9 
_reflns_shell.Rmerge_I_obs           0.248 
_reflns_shell.pdbx_Rsym_value        ? 
_reflns_shell.meanI_over_sigI_obs    13.25 
_reflns_shell.pdbx_redundancy        11.4 
_reflns_shell.percent_possible_obs   ? 
_reflns_shell.number_unique_all      2207 
_reflns_shell.number_measured_all    ? 
_reflns_shell.number_measured_obs    ? 
_reflns_shell.number_unique_obs      ? 
_reflns_shell.pdbx_chi_squared       ? 
_reflns_shell.pdbx_diffrn_id         ? 
_reflns_shell.pdbx_ordinal           1 
# 
_refine.entry_id                                 2QAI 
_refine.ls_number_reflns_obs                     17921 
_refine.ls_number_reflns_all                     18791 
_refine.pdbx_ls_sigma_I                          ? 
_refine.pdbx_ls_sigma_F                          2.0 
_refine.pdbx_data_cutoff_high_absF               521149.80 
_refine.pdbx_data_cutoff_low_absF                0.000000 
_refine.pdbx_data_cutoff_high_rms_absF           ? 
_refine.ls_d_res_low                             39.80 
_refine.ls_d_res_high                            2.40 
_refine.ls_percent_reflns_obs                    95.4 
_refine.ls_R_factor_obs                          0.215 
_refine.ls_R_factor_all                          ? 
_refine.ls_R_factor_R_work                       0.215 
_refine.ls_R_factor_R_free                       0.238 
_refine.ls_R_factor_R_free_error                 0.009 
_refine.ls_R_factor_R_free_error_details         ? 
_refine.ls_percent_reflns_R_free                 4.0 
_refine.ls_number_reflns_R_free                  713 
_refine.ls_number_parameters                     ? 
_refine.ls_number_restraints                     ? 
_refine.occupancy_min                            ? 
_refine.occupancy_max                            ? 
_refine.correlation_coeff_Fo_to_Fc               ? 
_refine.correlation_coeff_Fo_to_Fc_free          ? 
_refine.B_iso_mean                               46.8 
_refine.aniso_B[1][1]                            6.42 
_refine.aniso_B[2][2]                            6.42 
_refine.aniso_B[3][3]                            -12.84 
_refine.aniso_B[1][2]                            0.00 
_refine.aniso_B[1][3]                            0.00 
_refine.aniso_B[2][3]                            0.00 
_refine.solvent_model_details                    'FLAT MODEL' 
_refine.solvent_model_param_ksol                 0.36129 
_refine.solvent_model_param_bsol                 63.3006 
_refine.pdbx_solvent_vdw_probe_radii             ? 
_refine.pdbx_solvent_ion_probe_radii             ? 
_refine.pdbx_solvent_shrinkage_radii             ? 
_refine.pdbx_ls_cross_valid_method               THROUGHOUT 
_refine.details                                  'THE FRIEDEL PAIRS WERE USED FOR PHASING' 
_refine.pdbx_starting_model                      ? 
_refine.pdbx_method_to_determine_struct          MAD 
_refine.pdbx_isotropic_thermal_model             RESTRAINED 
_refine.pdbx_stereochemistry_target_values       'Engh & Huber' 
_refine.pdbx_stereochem_target_val_spec_case     ? 
_refine.pdbx_R_Free_selection_details            RANDOM 
_refine.pdbx_overall_ESU_R                       ? 
_refine.pdbx_overall_ESU_R_Free                  ? 
_refine.overall_SU_ML                            ? 
_refine.overall_SU_B                             ? 
_refine.ls_redundancy_reflns_obs                 ? 
_refine.B_iso_min                                ? 
_refine.B_iso_max                                ? 
_refine.overall_SU_R_Cruickshank_DPI             ? 
_refine.overall_SU_R_free                        ? 
_refine.ls_wR_factor_R_free                      ? 
_refine.ls_wR_factor_R_work                      ? 
_refine.overall_FOM_free_R_set                   ? 
_refine.overall_FOM_work_R_set                   ? 
_refine.pdbx_refine_id                           'X-RAY DIFFRACTION' 
_refine.pdbx_diffrn_id                           1 
_refine.pdbx_TLS_residual_ADP_flag               ? 
_refine.pdbx_overall_phase_error                 ? 
_refine.pdbx_overall_SU_R_free_Cruickshank_DPI   ? 
_refine.pdbx_overall_SU_R_Blow_DPI               ? 
_refine.pdbx_overall_SU_R_free_Blow_DPI          ? 
# 
_refine_analyze.entry_id                        2QAI 
_refine_analyze.Luzzati_coordinate_error_obs    0.27 
_refine_analyze.Luzzati_sigma_a_obs             0.10 
_refine_analyze.Luzzati_d_res_low_obs           5.00 
_refine_analyze.Luzzati_coordinate_error_free   0.35 
_refine_analyze.Luzzati_sigma_a_free            0.07 
_refine_analyze.Luzzati_d_res_low_free          ? 
_refine_analyze.number_disordered_residues      ? 
_refine_analyze.occupancy_sum_hydrogen          ? 
_refine_analyze.occupancy_sum_non_hydrogen      ? 
_refine_analyze.pdbx_Luzzati_d_res_high_obs     ? 
_refine_analyze.pdbx_refine_id                  'X-RAY DIFFRACTION' 
# 
_refine_hist.pdbx_refine_id                   'X-RAY DIFFRACTION' 
_refine_hist.cycle_id                         LAST 
_refine_hist.pdbx_number_atoms_protein        1417 
_refine_hist.pdbx_number_atoms_nucleic_acid   0 
_refine_hist.pdbx_number_atoms_ligand         0 
_refine_hist.number_atoms_solvent             82 
_refine_hist.number_atoms_total               1499 
_refine_hist.d_res_high                       2.40 
_refine_hist.d_res_low                        39.80 
# 
loop_
_refine_ls_restr.type 
_refine_ls_restr.dev_ideal 
_refine_ls_restr.dev_ideal_target 
_refine_ls_restr.weight 
_refine_ls_restr.number 
_refine_ls_restr.pdbx_refine_id 
_refine_ls_restr.pdbx_restraint_function 
c_bond_d           0.006 ? ? ? 'X-RAY DIFFRACTION' ? 
c_angle_deg        1.2   ? ? ? 'X-RAY DIFFRACTION' ? 
c_dihedral_angle_d 22.0  ? ? ? 'X-RAY DIFFRACTION' ? 
c_improper_angle_d 0.72  ? ? ? 'X-RAY DIFFRACTION' ? 
# 
_refine_ls_shell.pdbx_total_number_of_bins_used   6 
_refine_ls_shell.d_res_high                       2.40 
_refine_ls_shell.d_res_low                        2.55 
_refine_ls_shell.number_reflns_R_work             2691 
_refine_ls_shell.R_factor_R_work                  0.216 
_refine_ls_shell.percent_reflns_obs               89.7 
_refine_ls_shell.R_factor_R_free                  0.214 
_refine_ls_shell.R_factor_R_free_error            0.019 
_refine_ls_shell.percent_reflns_R_free            4.5 
_refine_ls_shell.number_reflns_R_free             128 
_refine_ls_shell.number_reflns_all                ? 
_refine_ls_shell.R_factor_all                     ? 
_refine_ls_shell.number_reflns_obs                ? 
_refine_ls_shell.redundancy_reflns_obs            ? 
_refine_ls_shell.pdbx_refine_id                   'X-RAY DIFFRACTION' 
# 
loop_
_pdbx_xplor_file.serial_no 
_pdbx_xplor_file.param_file 
_pdbx_xplor_file.topol_file 
_pdbx_xplor_file.pdbx_refine_id 
1 protein_rep.param protein.top 'X-RAY DIFFRACTION' 
2 water_rep.param   water.top   'X-RAY DIFFRACTION' 
3 ion.param         ion.top     'X-RAY DIFFRACTION' 
# 
_struct.entry_id                  2QAI 
_struct.title                     
'Crystal structure of the V-type ATP synthase subunit F from Pyrococcus furiosus. NESG target PfR7.' 
_struct.pdbx_model_details        ? 
_struct.pdbx_CASP_flag            ? 
_struct.pdbx_model_type_details   ? 
# 
_struct_keywords.entry_id        2QAI 
_struct_keywords.pdbx_keywords   HYDROLASE 
_struct_keywords.text            
;ATP SYNTHASE, SUBUNIT F, VATF_PYRFU, atpF, NESG, Structural Genomics, PSI-2, Protein Structure Initiative, Northeast Structural Genomics Consortium, HYDROLASE
;
# 
loop_
_struct_asym.id 
_struct_asym.pdbx_blank_PDB_chainid_flag 
_struct_asym.pdbx_modified 
_struct_asym.entity_id 
_struct_asym.details 
A N N 1 ? 
B N N 1 ? 
C N N 2 ? 
D N N 2 ? 
# 
_struct_ref.id                         1 
_struct_ref.db_name                    UNP 
_struct_ref.db_code                    VATF_PYRFU 
_struct_ref.pdbx_db_accession          Q8U4A7 
_struct_ref.entity_id                  1 
_struct_ref.pdbx_seq_one_letter_code   
;MKIVVMGDSDTVVGFRLAGVHEAYEYDESLESVERARNKLRELLERDDVGIILITERLAQRIGSLPEVKFPIILQIPDKF
GSIYGEDILRDVVRRAIGVELKR
;
_struct_ref.pdbx_align_begin           1 
_struct_ref.pdbx_db_isoform            ? 
# 
loop_
_struct_ref_seq.align_id 
_struct_ref_seq.ref_id 
_struct_ref_seq.pdbx_PDB_id_code 
_struct_ref_seq.pdbx_strand_id 
_struct_ref_seq.seq_align_beg 
_struct_ref_seq.pdbx_seq_align_beg_ins_code 
_struct_ref_seq.seq_align_end 
_struct_ref_seq.pdbx_seq_align_end_ins_code 
_struct_ref_seq.pdbx_db_accession 
_struct_ref_seq.db_align_beg 
_struct_ref_seq.pdbx_db_align_beg_ins_code 
_struct_ref_seq.db_align_end 
_struct_ref_seq.pdbx_db_align_end_ins_code 
_struct_ref_seq.pdbx_auth_seq_align_beg 
_struct_ref_seq.pdbx_auth_seq_align_end 
1 1 2QAI A 1 ? 103 ? Q8U4A7 1 ? 103 ? 1 103 
2 1 2QAI B 1 ? 103 ? Q8U4A7 1 ? 103 ? 1 103 
# 
loop_
_struct_ref_seq_dif.align_id 
_struct_ref_seq_dif.pdbx_pdb_id_code 
_struct_ref_seq_dif.mon_id 
_struct_ref_seq_dif.pdbx_pdb_strand_id 
_struct_ref_seq_dif.seq_num 
_struct_ref_seq_dif.pdbx_pdb_ins_code 
_struct_ref_seq_dif.pdbx_seq_db_name 
_struct_ref_seq_dif.pdbx_seq_db_accession_code 
_struct_ref_seq_dif.db_mon_id 
_struct_ref_seq_dif.pdbx_seq_db_seq_num 
_struct_ref_seq_dif.details 
_struct_ref_seq_dif.pdbx_auth_seq_num 
_struct_ref_seq_dif.pdbx_ordinal 
1 2QAI MSE A 1   ? UNP Q8U4A7 MET 1 'modified residue' 1   1  
1 2QAI MSE A 6   ? UNP Q8U4A7 MET 6 'modified residue' 6   2  
1 2QAI LEU A 104 ? UNP Q8U4A7 ?   ? 'cloning artifact' 104 3  
1 2QAI GLU A 105 ? UNP Q8U4A7 ?   ? 'cloning artifact' 105 4  
1 2QAI HIS A 106 ? UNP Q8U4A7 ?   ? 'cloning artifact' 106 5  
1 2QAI HIS A 107 ? UNP Q8U4A7 ?   ? 'cloning artifact' 107 6  
1 2QAI HIS A 108 ? UNP Q8U4A7 ?   ? 'cloning artifact' 108 7  
1 2QAI HIS A 109 ? UNP Q8U4A7 ?   ? 'cloning artifact' 109 8  
1 2QAI HIS A 110 ? UNP Q8U4A7 ?   ? 'cloning artifact' 110 9  
1 2QAI HIS A 111 ? UNP Q8U4A7 ?   ? 'cloning artifact' 111 10 
2 2QAI MSE B 1   ? UNP Q8U4A7 MET 1 'modified residue' 1   11 
2 2QAI MSE B 6   ? UNP Q8U4A7 MET 6 'modified residue' 6   12 
2 2QAI LEU B 104 ? UNP Q8U4A7 ?   ? 'cloning artifact' 104 13 
2 2QAI GLU B 105 ? UNP Q8U4A7 ?   ? 'cloning artifact' 105 14 
2 2QAI HIS B 106 ? UNP Q8U4A7 ?   ? 'cloning artifact' 106 15 
2 2QAI HIS B 107 ? UNP Q8U4A7 ?   ? 'cloning artifact' 107 16 
2 2QAI HIS B 108 ? UNP Q8U4A7 ?   ? 'cloning artifact' 108 17 
2 2QAI HIS B 109 ? UNP Q8U4A7 ?   ? 'cloning artifact' 109 18 
2 2QAI HIS B 110 ? UNP Q8U4A7 ?   ? 'cloning artifact' 110 19 
2 2QAI HIS B 111 ? UNP Q8U4A7 ?   ? 'cloning artifact' 111 20 
# 
_pdbx_struct_assembly.id                   1 
_pdbx_struct_assembly.details              author_defined_assembly 
_pdbx_struct_assembly.method_details       ? 
_pdbx_struct_assembly.oligomeric_details   dimeric 
_pdbx_struct_assembly.oligomeric_count     2 
# 
_pdbx_struct_assembly_gen.assembly_id       1 
_pdbx_struct_assembly_gen.oper_expression   1 
_pdbx_struct_assembly_gen.asym_id_list      A,B,C,D 
# 
_pdbx_struct_oper_list.id                   1 
_pdbx_struct_oper_list.type                 'identity operation' 
_pdbx_struct_oper_list.name                 1_555 
_pdbx_struct_oper_list.symmetry_operation   x,y,z 
_pdbx_struct_oper_list.matrix[1][1]         1.0000000000 
_pdbx_struct_oper_list.matrix[1][2]         0.0000000000 
_pdbx_struct_oper_list.matrix[1][3]         0.0000000000 
_pdbx_struct_oper_list.vector[1]            0.0000000000 
_pdbx_struct_oper_list.matrix[2][1]         0.0000000000 
_pdbx_struct_oper_list.matrix[2][2]         1.0000000000 
_pdbx_struct_oper_list.matrix[2][3]         0.0000000000 
_pdbx_struct_oper_list.vector[2]            0.0000000000 
_pdbx_struct_oper_list.matrix[3][1]         0.0000000000 
_pdbx_struct_oper_list.matrix[3][2]         0.0000000000 
_pdbx_struct_oper_list.matrix[3][3]         1.0000000000 
_pdbx_struct_oper_list.vector[3]            0.0000000000 
# 
loop_
_struct_conf.conf_type_id 
_struct_conf.id 
_struct_conf.pdbx_PDB_helix_id 
_struct_conf.beg_label_comp_id 
_struct_conf.beg_label_asym_id 
_struct_conf.beg_label_seq_id 
_struct_conf.pdbx_beg_PDB_ins_code 
_struct_conf.end_label_comp_id 
_struct_conf.end_label_asym_id 
_struct_conf.end_label_seq_id 
_struct_conf.pdbx_end_PDB_ins_code 
_struct_conf.beg_auth_comp_id 
_struct_conf.beg_auth_asym_id 
_struct_conf.beg_auth_seq_id 
_struct_conf.end_auth_comp_id 
_struct_conf.end_auth_asym_id 
_struct_conf.end_auth_seq_id 
_struct_conf.pdbx_PDB_helix_class 
_struct_conf.details 
_struct_conf.pdbx_PDB_helix_length 
HELX_P HELX_P1 1 ASP A 8  ? GLY A 19 ? ASP A 8  GLY A 19 1 ? 12 
HELX_P HELX_P2 2 SER A 29 ? GLU A 45 ? SER A 29 GLU A 45 1 ? 17 
HELX_P HELX_P3 3 GLU A 56 ? GLY A 63 ? GLU A 56 GLY A 63 1 ? 8  
HELX_P HELX_P4 4 ILE A 88 ? ILE A 97 ? ILE A 88 ILE A 97 1 ? 10 
HELX_P HELX_P5 5 ASP B 8  ? ALA B 18 ? ASP B 8  ALA B 18 1 ? 11 
HELX_P HELX_P6 6 SER B 29 ? ARG B 46 ? SER B 29 ARG B 46 1 ? 18 
HELX_P HELX_P7 7 GLU B 56 ? GLY B 63 ? GLU B 56 GLY B 63 1 ? 8  
HELX_P HELX_P8 8 ASP B 87 ? ALA B 96 ? ASP B 87 ALA B 96 1 ? 10 
# 
_struct_conf_type.id          HELX_P 
_struct_conf_type.criteria    ? 
_struct_conf_type.reference   ? 
# 
loop_
_struct_conn.id 
_struct_conn.conn_type_id 
_struct_conn.pdbx_leaving_atom_flag 
_struct_conn.pdbx_PDB_id 
_struct_conn.ptnr1_label_asym_id 
_struct_conn.ptnr1_label_comp_id 
_struct_conn.ptnr1_label_seq_id 
_struct_conn.ptnr1_label_atom_id 
_struct_conn.pdbx_ptnr1_label_alt_id 
_struct_conn.pdbx_ptnr1_PDB_ins_code 
_struct_conn.pdbx_ptnr1_standard_comp_id 
_struct_conn.ptnr1_symmetry 
_struct_conn.ptnr2_label_asym_id 
_struct_conn.ptnr2_label_comp_id 
_struct_conn.ptnr2_label_seq_id 
_struct_conn.ptnr2_label_atom_id 
_struct_conn.pdbx_ptnr2_label_alt_id 
_struct_conn.pdbx_ptnr2_PDB_ins_code 
_struct_conn.ptnr1_auth_asym_id 
_struct_conn.ptnr1_auth_comp_id 
_struct_conn.ptnr1_auth_seq_id 
_struct_conn.ptnr2_auth_asym_id 
_struct_conn.ptnr2_auth_comp_id 
_struct_conn.ptnr2_auth_seq_id 
_struct_conn.ptnr2_symmetry 
_struct_conn.pdbx_ptnr3_label_atom_id 
_struct_conn.pdbx_ptnr3_label_seq_id 
_struct_conn.pdbx_ptnr3_label_comp_id 
_struct_conn.pdbx_ptnr3_label_asym_id 
_struct_conn.pdbx_ptnr3_label_alt_id 
_struct_conn.pdbx_ptnr3_PDB_ins_code 
_struct_conn.details 
_struct_conn.pdbx_dist_value 
_struct_conn.pdbx_value_order 
_struct_conn.pdbx_role 
covale1 covale both ? A MSE 1 C ? ? ? 1_555 A LYS 2 N ? ? A MSE 1 A LYS 2 1_555 ? ? ? ? ? ? ? 1.328 ? ? 
covale2 covale both ? A VAL 5 C ? ? ? 1_555 A MSE 6 N ? ? A VAL 5 A MSE 6 1_555 ? ? ? ? ? ? ? 1.328 ? ? 
covale3 covale both ? A MSE 6 C ? ? ? 1_555 A GLY 7 N ? ? A MSE 6 A GLY 7 1_555 ? ? ? ? ? ? ? 1.329 ? ? 
covale4 covale both ? B MSE 1 C ? ? ? 1_555 B LYS 2 N ? ? B MSE 1 B LYS 2 1_555 ? ? ? ? ? ? ? 1.331 ? ? 
covale5 covale both ? B VAL 5 C ? ? ? 1_555 B MSE 6 N ? ? B VAL 5 B MSE 6 1_555 ? ? ? ? ? ? ? 1.329 ? ? 
covale6 covale both ? B MSE 6 C ? ? ? 1_555 B GLY 7 N ? ? B MSE 6 B GLY 7 1_555 ? ? ? ? ? ? ? 1.331 ? ? 
# 
_struct_conn_type.id          covale 
_struct_conn_type.criteria    ? 
_struct_conn_type.reference   ? 
# 
loop_
_pdbx_modification_feature.ordinal 
_pdbx_modification_feature.label_comp_id 
_pdbx_modification_feature.label_asym_id 
_pdbx_modification_feature.label_seq_id 
_pdbx_modification_feature.label_alt_id 
_pdbx_modification_feature.modified_residue_label_comp_id 
_pdbx_modification_feature.modified_residue_label_asym_id 
_pdbx_modification_feature.modified_residue_label_seq_id 
_pdbx_modification_feature.modified_residue_label_alt_id 
_pdbx_modification_feature.auth_comp_id 
_pdbx_modification_feature.auth_asym_id 
_pdbx_modification_feature.auth_seq_id 
_pdbx_modification_feature.PDB_ins_code 
_pdbx_modification_feature.symmetry 
_pdbx_modification_feature.modified_residue_auth_comp_id 
_pdbx_modification_feature.modified_residue_auth_asym_id 
_pdbx_modification_feature.modified_residue_auth_seq_id 
_pdbx_modification_feature.modified_residue_PDB_ins_code 
_pdbx_modification_feature.modified_residue_symmetry 
_pdbx_modification_feature.comp_id_linking_atom 
_pdbx_modification_feature.modified_residue_id_linking_atom 
_pdbx_modification_feature.modified_residue_id 
_pdbx_modification_feature.ref_pcm_id 
_pdbx_modification_feature.ref_comp_id 
_pdbx_modification_feature.type 
_pdbx_modification_feature.category 
1 MSE A 1 ? . . . . MSE A 1 ? 1_555 . . . . . . . MET 1 MSE Selenomethionine 'Named protein modification' 
2 MSE A 6 ? . . . . MSE A 6 ? 1_555 . . . . . . . MET 1 MSE Selenomethionine 'Named protein modification' 
3 MSE B 1 ? . . . . MSE B 1 ? 1_555 . . . . . . . MET 1 MSE Selenomethionine 'Named protein modification' 
4 MSE B 6 ? . . . . MSE B 6 ? 1_555 . . . . . . . MET 1 MSE Selenomethionine 'Named protein modification' 
# 
loop_
_struct_mon_prot_cis.pdbx_id 
_struct_mon_prot_cis.label_comp_id 
_struct_mon_prot_cis.label_seq_id 
_struct_mon_prot_cis.label_asym_id 
_struct_mon_prot_cis.label_alt_id 
_struct_mon_prot_cis.pdbx_PDB_ins_code 
_struct_mon_prot_cis.auth_comp_id 
_struct_mon_prot_cis.auth_seq_id 
_struct_mon_prot_cis.auth_asym_id 
_struct_mon_prot_cis.pdbx_label_comp_id_2 
_struct_mon_prot_cis.pdbx_label_seq_id_2 
_struct_mon_prot_cis.pdbx_label_asym_id_2 
_struct_mon_prot_cis.pdbx_PDB_ins_code_2 
_struct_mon_prot_cis.pdbx_auth_comp_id_2 
_struct_mon_prot_cis.pdbx_auth_seq_id_2 
_struct_mon_prot_cis.pdbx_auth_asym_id_2 
_struct_mon_prot_cis.pdbx_PDB_model_num 
_struct_mon_prot_cis.pdbx_omega_angle 
1 PHE 70 A . ? PHE 70 A PRO 71 A ? PRO 71 A 1 0.09 
2 PHE 70 B . ? PHE 70 B PRO 71 B ? PRO 71 B 1 0.67 
# 
loop_
_struct_sheet.id 
_struct_sheet.type 
_struct_sheet.number_strands 
_struct_sheet.details 
A ? 4 ? 
B ? 4 ? 
# 
loop_
_struct_sheet_order.sheet_id 
_struct_sheet_order.range_id_1 
_struct_sheet_order.range_id_2 
_struct_sheet_order.offset 
_struct_sheet_order.sense 
A 1 2 ? parallel 
A 2 3 ? parallel 
A 3 4 ? parallel 
B 1 2 ? parallel 
B 2 3 ? parallel 
B 3 4 ? parallel 
# 
loop_
_struct_sheet_range.sheet_id 
_struct_sheet_range.id 
_struct_sheet_range.beg_label_comp_id 
_struct_sheet_range.beg_label_asym_id 
_struct_sheet_range.beg_label_seq_id 
_struct_sheet_range.pdbx_beg_PDB_ins_code 
_struct_sheet_range.end_label_comp_id 
_struct_sheet_range.end_label_asym_id 
_struct_sheet_range.end_label_seq_id 
_struct_sheet_range.pdbx_end_PDB_ins_code 
_struct_sheet_range.beg_auth_comp_id 
_struct_sheet_range.beg_auth_asym_id 
_struct_sheet_range.beg_auth_seq_id 
_struct_sheet_range.end_auth_comp_id 
_struct_sheet_range.end_auth_asym_id 
_struct_sheet_range.end_auth_seq_id 
A 1 GLU A 22 ? GLU A 25 ? GLU A 22 GLU A 25 
A 2 LYS A 2  ? GLY A 7  ? LYS A 2  GLY A 7  
A 3 VAL A 49 ? THR A 55 ? VAL A 49 THR A 55 
A 4 ILE A 72 ? ILE A 76 ? ILE A 72 ILE A 76 
B 1 GLU B 22 ? GLU B 25 ? GLU B 22 GLU B 25 
B 2 LYS B 2  ? GLY B 7  ? LYS B 2  GLY B 7  
B 3 VAL B 49 ? THR B 55 ? VAL B 49 THR B 55 
B 4 ILE B 72 ? ILE B 76 ? ILE B 72 ILE B 76 
# 
loop_
_pdbx_struct_sheet_hbond.sheet_id 
_pdbx_struct_sheet_hbond.range_id_1 
_pdbx_struct_sheet_hbond.range_id_2 
_pdbx_struct_sheet_hbond.range_1_label_atom_id 
_pdbx_struct_sheet_hbond.range_1_label_comp_id 
_pdbx_struct_sheet_hbond.range_1_label_asym_id 
_pdbx_struct_sheet_hbond.range_1_label_seq_id 
_pdbx_struct_sheet_hbond.range_1_PDB_ins_code 
_pdbx_struct_sheet_hbond.range_1_auth_atom_id 
_pdbx_struct_sheet_hbond.range_1_auth_comp_id 
_pdbx_struct_sheet_hbond.range_1_auth_asym_id 
_pdbx_struct_sheet_hbond.range_1_auth_seq_id 
_pdbx_struct_sheet_hbond.range_2_label_atom_id 
_pdbx_struct_sheet_hbond.range_2_label_comp_id 
_pdbx_struct_sheet_hbond.range_2_label_asym_id 
_pdbx_struct_sheet_hbond.range_2_label_seq_id 
_pdbx_struct_sheet_hbond.range_2_PDB_ins_code 
_pdbx_struct_sheet_hbond.range_2_auth_atom_id 
_pdbx_struct_sheet_hbond.range_2_auth_comp_id 
_pdbx_struct_sheet_hbond.range_2_auth_asym_id 
_pdbx_struct_sheet_hbond.range_2_auth_seq_id 
A 1 2 O GLU A 22 ? O GLU A 22 N VAL A 5  ? N VAL A 5  
A 2 3 N VAL A 4  ? N VAL A 4  O LEU A 53 ? O LEU A 53 
A 3 4 N ILE A 52 ? N ILE A 52 O ILE A 72 ? O ILE A 72 
B 1 2 O TYR B 24 ? O TYR B 24 N VAL B 5  ? N VAL B 5  
B 2 3 N VAL B 4  ? N VAL B 4  O LEU B 53 ? O LEU B 53 
B 3 4 N GLY B 50 ? N GLY B 50 O ILE B 72 ? O ILE B 72 
# 
_pdbx_entry_details.entry_id                   2QAI 
_pdbx_entry_details.compound_details           ? 
_pdbx_entry_details.source_details             ? 
_pdbx_entry_details.nonpolymer_details         ? 
_pdbx_entry_details.sequence_details           ? 
_pdbx_entry_details.has_ligand_of_interest     ? 
_pdbx_entry_details.has_protein_modification   Y 
# 
_pdbx_validate_torsion.id              1 
_pdbx_validate_torsion.PDB_model_num   1 
_pdbx_validate_torsion.auth_comp_id    ASP 
_pdbx_validate_torsion.auth_asym_id    A 
_pdbx_validate_torsion.auth_seq_id     78 
_pdbx_validate_torsion.PDB_ins_code    ? 
_pdbx_validate_torsion.label_alt_id    ? 
_pdbx_validate_torsion.phi             -56.96 
_pdbx_validate_torsion.psi             0.51 
# 
_pdbx_SG_project.id                    1 
_pdbx_SG_project.project_name          'PSI, Protein Structure Initiative' 
_pdbx_SG_project.full_name_of_center   'Northeast Structural Genomics Consortium' 
_pdbx_SG_project.initial_of_center     NESG 
# 
loop_
_pdbx_struct_mod_residue.id 
_pdbx_struct_mod_residue.label_asym_id 
_pdbx_struct_mod_residue.label_comp_id 
_pdbx_struct_mod_residue.label_seq_id 
_pdbx_struct_mod_residue.auth_asym_id 
_pdbx_struct_mod_residue.auth_comp_id 
_pdbx_struct_mod_residue.auth_seq_id 
_pdbx_struct_mod_residue.PDB_ins_code 
_pdbx_struct_mod_residue.parent_comp_id 
_pdbx_struct_mod_residue.details 
1 A MSE 1 A MSE 1 ? MET SELENOMETHIONINE 
2 A MSE 6 A MSE 6 ? MET SELENOMETHIONINE 
3 B MSE 1 B MSE 1 ? MET SELENOMETHIONINE 
4 B MSE 6 B MSE 6 ? MET SELENOMETHIONINE 
# 
_pdbx_database_remark.id     300 
_pdbx_database_remark.text   
;
BIOMOLECULE: 1
THIS ENTRY CONTAINS THE CRYSTALLOGRAPHIC ASYMMETRIC UNIT
WHICH CONSISTS OF 2 CHAIN(S). SEE REMARK 350 FOR
INFORMATION ON GENERATING THE BIOLOGICAL MOLECULE(S).
AUTHORS STATE THAT THE LIGHT SCATTERING DATA ALSO SHOW
THAT THE PROTEIN EXISTS AS A DIMER IN SOLUTION.
;
# 
loop_
_pdbx_unobs_or_zero_occ_residues.id 
_pdbx_unobs_or_zero_occ_residues.PDB_model_num 
_pdbx_unobs_or_zero_occ_residues.polymer_flag 
_pdbx_unobs_or_zero_occ_residues.occupancy_flag 
_pdbx_unobs_or_zero_occ_residues.auth_asym_id 
_pdbx_unobs_or_zero_occ_residues.auth_comp_id 
_pdbx_unobs_or_zero_occ_residues.auth_seq_id 
_pdbx_unobs_or_zero_occ_residues.PDB_ins_code 
_pdbx_unobs_or_zero_occ_residues.label_asym_id 
_pdbx_unobs_or_zero_occ_residues.label_comp_id 
_pdbx_unobs_or_zero_occ_residues.label_seq_id 
1  1 Y 1 A GLY 81  ? A GLY 81  
2  1 Y 1 A SER 82  ? A SER 82  
3  1 Y 1 A ILE 83  ? A ILE 83  
4  1 Y 1 A TYR 84  ? A TYR 84  
5  1 Y 1 A GLY 85  ? A GLY 85  
6  1 Y 1 A GLU 86  ? A GLU 86  
7  1 Y 1 A GLY 98  ? A GLY 98  
8  1 Y 1 A VAL 99  ? A VAL 99  
9  1 Y 1 A GLU 100 ? A GLU 100 
10 1 Y 1 A LEU 101 ? A LEU 101 
11 1 Y 1 A LYS 102 ? A LYS 102 
12 1 Y 1 A ARG 103 ? A ARG 103 
13 1 Y 1 A LEU 104 ? A LEU 104 
14 1 Y 1 A GLU 105 ? A GLU 105 
15 1 Y 1 A HIS 106 ? A HIS 106 
16 1 Y 1 A HIS 107 ? A HIS 107 
17 1 Y 1 A HIS 108 ? A HIS 108 
18 1 Y 1 A HIS 109 ? A HIS 109 
19 1 Y 1 A HIS 110 ? A HIS 110 
20 1 Y 1 A HIS 111 ? A HIS 111 
21 1 Y 1 B LYS 79  ? B LYS 79  
22 1 Y 1 B PHE 80  ? B PHE 80  
23 1 Y 1 B GLY 81  ? B GLY 81  
24 1 Y 1 B SER 82  ? B SER 82  
25 1 Y 1 B ILE 83  ? B ILE 83  
26 1 Y 1 B TYR 84  ? B TYR 84  
27 1 Y 1 B GLY 85  ? B GLY 85  
28 1 Y 1 B GLU 100 ? B GLU 100 
29 1 Y 1 B LEU 101 ? B LEU 101 
30 1 Y 1 B LYS 102 ? B LYS 102 
31 1 Y 1 B ARG 103 ? B ARG 103 
32 1 Y 1 B LEU 104 ? B LEU 104 
33 1 Y 1 B GLU 105 ? B GLU 105 
34 1 Y 1 B HIS 106 ? B HIS 106 
35 1 Y 1 B HIS 107 ? B HIS 107 
36 1 Y 1 B HIS 108 ? B HIS 108 
37 1 Y 1 B HIS 109 ? B HIS 109 
38 1 Y 1 B HIS 110 ? B HIS 110 
39 1 Y 1 B HIS 111 ? B HIS 111 
# 
loop_
_chem_comp_atom.comp_id 
_chem_comp_atom.atom_id 
_chem_comp_atom.type_symbol 
_chem_comp_atom.pdbx_aromatic_flag 
_chem_comp_atom.pdbx_stereo_config 
_chem_comp_atom.pdbx_ordinal 
ALA N    N  N N 1   
ALA CA   C  N S 2   
ALA C    C  N N 3   
ALA O    O  N N 4   
ALA CB   C  N N 5   
ALA OXT  O  N N 6   
ALA H    H  N N 7   
ALA H2   H  N N 8   
ALA HA   H  N N 9   
ALA HB1  H  N N 10  
ALA HB2  H  N N 11  
ALA HB3  H  N N 12  
ALA HXT  H  N N 13  
ARG N    N  N N 14  
ARG CA   C  N S 15  
ARG C    C  N N 16  
ARG O    O  N N 17  
ARG CB   C  N N 18  
ARG CG   C  N N 19  
ARG CD   C  N N 20  
ARG NE   N  N N 21  
ARG CZ   C  N N 22  
ARG NH1  N  N N 23  
ARG NH2  N  N N 24  
ARG OXT  O  N N 25  
ARG H    H  N N 26  
ARG H2   H  N N 27  
ARG HA   H  N N 28  
ARG HB2  H  N N 29  
ARG HB3  H  N N 30  
ARG HG2  H  N N 31  
ARG HG3  H  N N 32  
ARG HD2  H  N N 33  
ARG HD3  H  N N 34  
ARG HE   H  N N 35  
ARG HH11 H  N N 36  
ARG HH12 H  N N 37  
ARG HH21 H  N N 38  
ARG HH22 H  N N 39  
ARG HXT  H  N N 40  
ASN N    N  N N 41  
ASN CA   C  N S 42  
ASN C    C  N N 43  
ASN O    O  N N 44  
ASN CB   C  N N 45  
ASN CG   C  N N 46  
ASN OD1  O  N N 47  
ASN ND2  N  N N 48  
ASN OXT  O  N N 49  
ASN H    H  N N 50  
ASN H2   H  N N 51  
ASN HA   H  N N 52  
ASN HB2  H  N N 53  
ASN HB3  H  N N 54  
ASN HD21 H  N N 55  
ASN HD22 H  N N 56  
ASN HXT  H  N N 57  
ASP N    N  N N 58  
ASP CA   C  N S 59  
ASP C    C  N N 60  
ASP O    O  N N 61  
ASP CB   C  N N 62  
ASP CG   C  N N 63  
ASP OD1  O  N N 64  
ASP OD2  O  N N 65  
ASP OXT  O  N N 66  
ASP H    H  N N 67  
ASP H2   H  N N 68  
ASP HA   H  N N 69  
ASP HB2  H  N N 70  
ASP HB3  H  N N 71  
ASP HD2  H  N N 72  
ASP HXT  H  N N 73  
GLN N    N  N N 74  
GLN CA   C  N S 75  
GLN C    C  N N 76  
GLN O    O  N N 77  
GLN CB   C  N N 78  
GLN CG   C  N N 79  
GLN CD   C  N N 80  
GLN OE1  O  N N 81  
GLN NE2  N  N N 82  
GLN OXT  O  N N 83  
GLN H    H  N N 84  
GLN H2   H  N N 85  
GLN HA   H  N N 86  
GLN HB2  H  N N 87  
GLN HB3  H  N N 88  
GLN HG2  H  N N 89  
GLN HG3  H  N N 90  
GLN HE21 H  N N 91  
GLN HE22 H  N N 92  
GLN HXT  H  N N 93  
GLU N    N  N N 94  
GLU CA   C  N S 95  
GLU C    C  N N 96  
GLU O    O  N N 97  
GLU CB   C  N N 98  
GLU CG   C  N N 99  
GLU CD   C  N N 100 
GLU OE1  O  N N 101 
GLU OE2  O  N N 102 
GLU OXT  O  N N 103 
GLU H    H  N N 104 
GLU H2   H  N N 105 
GLU HA   H  N N 106 
GLU HB2  H  N N 107 
GLU HB3  H  N N 108 
GLU HG2  H  N N 109 
GLU HG3  H  N N 110 
GLU HE2  H  N N 111 
GLU HXT  H  N N 112 
GLY N    N  N N 113 
GLY CA   C  N N 114 
GLY C    C  N N 115 
GLY O    O  N N 116 
GLY OXT  O  N N 117 
GLY H    H  N N 118 
GLY H2   H  N N 119 
GLY HA2  H  N N 120 
GLY HA3  H  N N 121 
GLY HXT  H  N N 122 
HIS N    N  N N 123 
HIS CA   C  N S 124 
HIS C    C  N N 125 
HIS O    O  N N 126 
HIS CB   C  N N 127 
HIS CG   C  Y N 128 
HIS ND1  N  Y N 129 
HIS CD2  C  Y N 130 
HIS CE1  C  Y N 131 
HIS NE2  N  Y N 132 
HIS OXT  O  N N 133 
HIS H    H  N N 134 
HIS H2   H  N N 135 
HIS HA   H  N N 136 
HIS HB2  H  N N 137 
HIS HB3  H  N N 138 
HIS HD1  H  N N 139 
HIS HD2  H  N N 140 
HIS HE1  H  N N 141 
HIS HE2  H  N N 142 
HIS HXT  H  N N 143 
HOH O    O  N N 144 
HOH H1   H  N N 145 
HOH H2   H  N N 146 
ILE N    N  N N 147 
ILE CA   C  N S 148 
ILE C    C  N N 149 
ILE O    O  N N 150 
ILE CB   C  N S 151 
ILE CG1  C  N N 152 
ILE CG2  C  N N 153 
ILE CD1  C  N N 154 
ILE OXT  O  N N 155 
ILE H    H  N N 156 
ILE H2   H  N N 157 
ILE HA   H  N N 158 
ILE HB   H  N N 159 
ILE HG12 H  N N 160 
ILE HG13 H  N N 161 
ILE HG21 H  N N 162 
ILE HG22 H  N N 163 
ILE HG23 H  N N 164 
ILE HD11 H  N N 165 
ILE HD12 H  N N 166 
ILE HD13 H  N N 167 
ILE HXT  H  N N 168 
LEU N    N  N N 169 
LEU CA   C  N S 170 
LEU C    C  N N 171 
LEU O    O  N N 172 
LEU CB   C  N N 173 
LEU CG   C  N N 174 
LEU CD1  C  N N 175 
LEU CD2  C  N N 176 
LEU OXT  O  N N 177 
LEU H    H  N N 178 
LEU H2   H  N N 179 
LEU HA   H  N N 180 
LEU HB2  H  N N 181 
LEU HB3  H  N N 182 
LEU HG   H  N N 183 
LEU HD11 H  N N 184 
LEU HD12 H  N N 185 
LEU HD13 H  N N 186 
LEU HD21 H  N N 187 
LEU HD22 H  N N 188 
LEU HD23 H  N N 189 
LEU HXT  H  N N 190 
LYS N    N  N N 191 
LYS CA   C  N S 192 
LYS C    C  N N 193 
LYS O    O  N N 194 
LYS CB   C  N N 195 
LYS CG   C  N N 196 
LYS CD   C  N N 197 
LYS CE   C  N N 198 
LYS NZ   N  N N 199 
LYS OXT  O  N N 200 
LYS H    H  N N 201 
LYS H2   H  N N 202 
LYS HA   H  N N 203 
LYS HB2  H  N N 204 
LYS HB3  H  N N 205 
LYS HG2  H  N N 206 
LYS HG3  H  N N 207 
LYS HD2  H  N N 208 
LYS HD3  H  N N 209 
LYS HE2  H  N N 210 
LYS HE3  H  N N 211 
LYS HZ1  H  N N 212 
LYS HZ2  H  N N 213 
LYS HZ3  H  N N 214 
LYS HXT  H  N N 215 
MET N    N  N N 216 
MET CA   C  N S 217 
MET C    C  N N 218 
MET O    O  N N 219 
MET CB   C  N N 220 
MET CG   C  N N 221 
MET SD   S  N N 222 
MET CE   C  N N 223 
MET OXT  O  N N 224 
MET H    H  N N 225 
MET H2   H  N N 226 
MET HA   H  N N 227 
MET HB2  H  N N 228 
MET HB3  H  N N 229 
MET HG2  H  N N 230 
MET HG3  H  N N 231 
MET HE1  H  N N 232 
MET HE2  H  N N 233 
MET HE3  H  N N 234 
MET HXT  H  N N 235 
MSE N    N  N N 236 
MSE CA   C  N S 237 
MSE C    C  N N 238 
MSE O    O  N N 239 
MSE OXT  O  N N 240 
MSE CB   C  N N 241 
MSE CG   C  N N 242 
MSE SE   SE N N 243 
MSE CE   C  N N 244 
MSE H    H  N N 245 
MSE H2   H  N N 246 
MSE HA   H  N N 247 
MSE HXT  H  N N 248 
MSE HB2  H  N N 249 
MSE HB3  H  N N 250 
MSE HG2  H  N N 251 
MSE HG3  H  N N 252 
MSE HE1  H  N N 253 
MSE HE2  H  N N 254 
MSE HE3  H  N N 255 
PHE N    N  N N 256 
PHE CA   C  N S 257 
PHE C    C  N N 258 
PHE O    O  N N 259 
PHE CB   C  N N 260 
PHE CG   C  Y N 261 
PHE CD1  C  Y N 262 
PHE CD2  C  Y N 263 
PHE CE1  C  Y N 264 
PHE CE2  C  Y N 265 
PHE CZ   C  Y N 266 
PHE OXT  O  N N 267 
PHE H    H  N N 268 
PHE H2   H  N N 269 
PHE HA   H  N N 270 
PHE HB2  H  N N 271 
PHE HB3  H  N N 272 
PHE HD1  H  N N 273 
PHE HD2  H  N N 274 
PHE HE1  H  N N 275 
PHE HE2  H  N N 276 
PHE HZ   H  N N 277 
PHE HXT  H  N N 278 
PRO N    N  N N 279 
PRO CA   C  N S 280 
PRO C    C  N N 281 
PRO O    O  N N 282 
PRO CB   C  N N 283 
PRO CG   C  N N 284 
PRO CD   C  N N 285 
PRO OXT  O  N N 286 
PRO H    H  N N 287 
PRO HA   H  N N 288 
PRO HB2  H  N N 289 
PRO HB3  H  N N 290 
PRO HG2  H  N N 291 
PRO HG3  H  N N 292 
PRO HD2  H  N N 293 
PRO HD3  H  N N 294 
PRO HXT  H  N N 295 
SER N    N  N N 296 
SER CA   C  N S 297 
SER C    C  N N 298 
SER O    O  N N 299 
SER CB   C  N N 300 
SER OG   O  N N 301 
SER OXT  O  N N 302 
SER H    H  N N 303 
SER H2   H  N N 304 
SER HA   H  N N 305 
SER HB2  H  N N 306 
SER HB3  H  N N 307 
SER HG   H  N N 308 
SER HXT  H  N N 309 
THR N    N  N N 310 
THR CA   C  N S 311 
THR C    C  N N 312 
THR O    O  N N 313 
THR CB   C  N R 314 
THR OG1  O  N N 315 
THR CG2  C  N N 316 
THR OXT  O  N N 317 
THR H    H  N N 318 
THR H2   H  N N 319 
THR HA   H  N N 320 
THR HB   H  N N 321 
THR HG1  H  N N 322 
THR HG21 H  N N 323 
THR HG22 H  N N 324 
THR HG23 H  N N 325 
THR HXT  H  N N 326 
TYR N    N  N N 327 
TYR CA   C  N S 328 
TYR C    C  N N 329 
TYR O    O  N N 330 
TYR CB   C  N N 331 
TYR CG   C  Y N 332 
TYR CD1  C  Y N 333 
TYR CD2  C  Y N 334 
TYR CE1  C  Y N 335 
TYR CE2  C  Y N 336 
TYR CZ   C  Y N 337 
TYR OH   O  N N 338 
TYR OXT  O  N N 339 
TYR H    H  N N 340 
TYR H2   H  N N 341 
TYR HA   H  N N 342 
TYR HB2  H  N N 343 
TYR HB3  H  N N 344 
TYR HD1  H  N N 345 
TYR HD2  H  N N 346 
TYR HE1  H  N N 347 
TYR HE2  H  N N 348 
TYR HH   H  N N 349 
TYR HXT  H  N N 350 
VAL N    N  N N 351 
VAL CA   C  N S 352 
VAL C    C  N N 353 
VAL O    O  N N 354 
VAL CB   C  N N 355 
VAL CG1  C  N N 356 
VAL CG2  C  N N 357 
VAL OXT  O  N N 358 
VAL H    H  N N 359 
VAL H2   H  N N 360 
VAL HA   H  N N 361 
VAL HB   H  N N 362 
VAL HG11 H  N N 363 
VAL HG12 H  N N 364 
VAL HG13 H  N N 365 
VAL HG21 H  N N 366 
VAL HG22 H  N N 367 
VAL HG23 H  N N 368 
VAL HXT  H  N N 369 
# 
loop_
_chem_comp_bond.comp_id 
_chem_comp_bond.atom_id_1 
_chem_comp_bond.atom_id_2 
_chem_comp_bond.value_order 
_chem_comp_bond.pdbx_aromatic_flag 
_chem_comp_bond.pdbx_stereo_config 
_chem_comp_bond.pdbx_ordinal 
ALA N   CA   sing N N 1   
ALA N   H    sing N N 2   
ALA N   H2   sing N N 3   
ALA CA  C    sing N N 4   
ALA CA  CB   sing N N 5   
ALA CA  HA   sing N N 6   
ALA C   O    doub N N 7   
ALA C   OXT  sing N N 8   
ALA CB  HB1  sing N N 9   
ALA CB  HB2  sing N N 10  
ALA CB  HB3  sing N N 11  
ALA OXT HXT  sing N N 12  
ARG N   CA   sing N N 13  
ARG N   H    sing N N 14  
ARG N   H2   sing N N 15  
ARG CA  C    sing N N 16  
ARG CA  CB   sing N N 17  
ARG CA  HA   sing N N 18  
ARG C   O    doub N N 19  
ARG C   OXT  sing N N 20  
ARG CB  CG   sing N N 21  
ARG CB  HB2  sing N N 22  
ARG CB  HB3  sing N N 23  
ARG CG  CD   sing N N 24  
ARG CG  HG2  sing N N 25  
ARG CG  HG3  sing N N 26  
ARG CD  NE   sing N N 27  
ARG CD  HD2  sing N N 28  
ARG CD  HD3  sing N N 29  
ARG NE  CZ   sing N N 30  
ARG NE  HE   sing N N 31  
ARG CZ  NH1  sing N N 32  
ARG CZ  NH2  doub N N 33  
ARG NH1 HH11 sing N N 34  
ARG NH1 HH12 sing N N 35  
ARG NH2 HH21 sing N N 36  
ARG NH2 HH22 sing N N 37  
ARG OXT HXT  sing N N 38  
ASN N   CA   sing N N 39  
ASN N   H    sing N N 40  
ASN N   H2   sing N N 41  
ASN CA  C    sing N N 42  
ASN CA  CB   sing N N 43  
ASN CA  HA   sing N N 44  
ASN C   O    doub N N 45  
ASN C   OXT  sing N N 46  
ASN CB  CG   sing N N 47  
ASN CB  HB2  sing N N 48  
ASN CB  HB3  sing N N 49  
ASN CG  OD1  doub N N 50  
ASN CG  ND2  sing N N 51  
ASN ND2 HD21 sing N N 52  
ASN ND2 HD22 sing N N 53  
ASN OXT HXT  sing N N 54  
ASP N   CA   sing N N 55  
ASP N   H    sing N N 56  
ASP N   H2   sing N N 57  
ASP CA  C    sing N N 58  
ASP CA  CB   sing N N 59  
ASP CA  HA   sing N N 60  
ASP C   O    doub N N 61  
ASP C   OXT  sing N N 62  
ASP CB  CG   sing N N 63  
ASP CB  HB2  sing N N 64  
ASP CB  HB3  sing N N 65  
ASP CG  OD1  doub N N 66  
ASP CG  OD2  sing N N 67  
ASP OD2 HD2  sing N N 68  
ASP OXT HXT  sing N N 69  
GLN N   CA   sing N N 70  
GLN N   H    sing N N 71  
GLN N   H2   sing N N 72  
GLN CA  C    sing N N 73  
GLN CA  CB   sing N N 74  
GLN CA  HA   sing N N 75  
GLN C   O    doub N N 76  
GLN C   OXT  sing N N 77  
GLN CB  CG   sing N N 78  
GLN CB  HB2  sing N N 79  
GLN CB  HB3  sing N N 80  
GLN CG  CD   sing N N 81  
GLN CG  HG2  sing N N 82  
GLN CG  HG3  sing N N 83  
GLN CD  OE1  doub N N 84  
GLN CD  NE2  sing N N 85  
GLN NE2 HE21 sing N N 86  
GLN NE2 HE22 sing N N 87  
GLN OXT HXT  sing N N 88  
GLU N   CA   sing N N 89  
GLU N   H    sing N N 90  
GLU N   H2   sing N N 91  
GLU CA  C    sing N N 92  
GLU CA  CB   sing N N 93  
GLU CA  HA   sing N N 94  
GLU C   O    doub N N 95  
GLU C   OXT  sing N N 96  
GLU CB  CG   sing N N 97  
GLU CB  HB2  sing N N 98  
GLU CB  HB3  sing N N 99  
GLU CG  CD   sing N N 100 
GLU CG  HG2  sing N N 101 
GLU CG  HG3  sing N N 102 
GLU CD  OE1  doub N N 103 
GLU CD  OE2  sing N N 104 
GLU OE2 HE2  sing N N 105 
GLU OXT HXT  sing N N 106 
GLY N   CA   sing N N 107 
GLY N   H    sing N N 108 
GLY N   H2   sing N N 109 
GLY CA  C    sing N N 110 
GLY CA  HA2  sing N N 111 
GLY CA  HA3  sing N N 112 
GLY C   O    doub N N 113 
GLY C   OXT  sing N N 114 
GLY OXT HXT  sing N N 115 
HIS N   CA   sing N N 116 
HIS N   H    sing N N 117 
HIS N   H2   sing N N 118 
HIS CA  C    sing N N 119 
HIS CA  CB   sing N N 120 
HIS CA  HA   sing N N 121 
HIS C   O    doub N N 122 
HIS C   OXT  sing N N 123 
HIS CB  CG   sing N N 124 
HIS CB  HB2  sing N N 125 
HIS CB  HB3  sing N N 126 
HIS CG  ND1  sing Y N 127 
HIS CG  CD2  doub Y N 128 
HIS ND1 CE1  doub Y N 129 
HIS ND1 HD1  sing N N 130 
HIS CD2 NE2  sing Y N 131 
HIS CD2 HD2  sing N N 132 
HIS CE1 NE2  sing Y N 133 
HIS CE1 HE1  sing N N 134 
HIS NE2 HE2  sing N N 135 
HIS OXT HXT  sing N N 136 
HOH O   H1   sing N N 137 
HOH O   H2   sing N N 138 
ILE N   CA   sing N N 139 
ILE N   H    sing N N 140 
ILE N   H2   sing N N 141 
ILE CA  C    sing N N 142 
ILE CA  CB   sing N N 143 
ILE CA  HA   sing N N 144 
ILE C   O    doub N N 145 
ILE C   OXT  sing N N 146 
ILE CB  CG1  sing N N 147 
ILE CB  CG2  sing N N 148 
ILE CB  HB   sing N N 149 
ILE CG1 CD1  sing N N 150 
ILE CG1 HG12 sing N N 151 
ILE CG1 HG13 sing N N 152 
ILE CG2 HG21 sing N N 153 
ILE CG2 HG22 sing N N 154 
ILE CG2 HG23 sing N N 155 
ILE CD1 HD11 sing N N 156 
ILE CD1 HD12 sing N N 157 
ILE CD1 HD13 sing N N 158 
ILE OXT HXT  sing N N 159 
LEU N   CA   sing N N 160 
LEU N   H    sing N N 161 
LEU N   H2   sing N N 162 
LEU CA  C    sing N N 163 
LEU CA  CB   sing N N 164 
LEU CA  HA   sing N N 165 
LEU C   O    doub N N 166 
LEU C   OXT  sing N N 167 
LEU CB  CG   sing N N 168 
LEU CB  HB2  sing N N 169 
LEU CB  HB3  sing N N 170 
LEU CG  CD1  sing N N 171 
LEU CG  CD2  sing N N 172 
LEU CG  HG   sing N N 173 
LEU CD1 HD11 sing N N 174 
LEU CD1 HD12 sing N N 175 
LEU CD1 HD13 sing N N 176 
LEU CD2 HD21 sing N N 177 
LEU CD2 HD22 sing N N 178 
LEU CD2 HD23 sing N N 179 
LEU OXT HXT  sing N N 180 
LYS N   CA   sing N N 181 
LYS N   H    sing N N 182 
LYS N   H2   sing N N 183 
LYS CA  C    sing N N 184 
LYS CA  CB   sing N N 185 
LYS CA  HA   sing N N 186 
LYS C   O    doub N N 187 
LYS C   OXT  sing N N 188 
LYS CB  CG   sing N N 189 
LYS CB  HB2  sing N N 190 
LYS CB  HB3  sing N N 191 
LYS CG  CD   sing N N 192 
LYS CG  HG2  sing N N 193 
LYS CG  HG3  sing N N 194 
LYS CD  CE   sing N N 195 
LYS CD  HD2  sing N N 196 
LYS CD  HD3  sing N N 197 
LYS CE  NZ   sing N N 198 
LYS CE  HE2  sing N N 199 
LYS CE  HE3  sing N N 200 
LYS NZ  HZ1  sing N N 201 
LYS NZ  HZ2  sing N N 202 
LYS NZ  HZ3  sing N N 203 
LYS OXT HXT  sing N N 204 
MET N   CA   sing N N 205 
MET N   H    sing N N 206 
MET N   H2   sing N N 207 
MET CA  C    sing N N 208 
MET CA  CB   sing N N 209 
MET CA  HA   sing N N 210 
MET C   O    doub N N 211 
MET C   OXT  sing N N 212 
MET CB  CG   sing N N 213 
MET CB  HB2  sing N N 214 
MET CB  HB3  sing N N 215 
MET CG  SD   sing N N 216 
MET CG  HG2  sing N N 217 
MET CG  HG3  sing N N 218 
MET SD  CE   sing N N 219 
MET CE  HE1  sing N N 220 
MET CE  HE2  sing N N 221 
MET CE  HE3  sing N N 222 
MET OXT HXT  sing N N 223 
MSE N   CA   sing N N 224 
MSE N   H    sing N N 225 
MSE N   H2   sing N N 226 
MSE CA  C    sing N N 227 
MSE CA  CB   sing N N 228 
MSE CA  HA   sing N N 229 
MSE C   O    doub N N 230 
MSE C   OXT  sing N N 231 
MSE OXT HXT  sing N N 232 
MSE CB  CG   sing N N 233 
MSE CB  HB2  sing N N 234 
MSE CB  HB3  sing N N 235 
MSE CG  SE   sing N N 236 
MSE CG  HG2  sing N N 237 
MSE CG  HG3  sing N N 238 
MSE SE  CE   sing N N 239 
MSE CE  HE1  sing N N 240 
MSE CE  HE2  sing N N 241 
MSE CE  HE3  sing N N 242 
PHE N   CA   sing N N 243 
PHE N   H    sing N N 244 
PHE N   H2   sing N N 245 
PHE CA  C    sing N N 246 
PHE CA  CB   sing N N 247 
PHE CA  HA   sing N N 248 
PHE C   O    doub N N 249 
PHE C   OXT  sing N N 250 
PHE CB  CG   sing N N 251 
PHE CB  HB2  sing N N 252 
PHE CB  HB3  sing N N 253 
PHE CG  CD1  doub Y N 254 
PHE CG  CD2  sing Y N 255 
PHE CD1 CE1  sing Y N 256 
PHE CD1 HD1  sing N N 257 
PHE CD2 CE2  doub Y N 258 
PHE CD2 HD2  sing N N 259 
PHE CE1 CZ   doub Y N 260 
PHE CE1 HE1  sing N N 261 
PHE CE2 CZ   sing Y N 262 
PHE CE2 HE2  sing N N 263 
PHE CZ  HZ   sing N N 264 
PHE OXT HXT  sing N N 265 
PRO N   CA   sing N N 266 
PRO N   CD   sing N N 267 
PRO N   H    sing N N 268 
PRO CA  C    sing N N 269 
PRO CA  CB   sing N N 270 
PRO CA  HA   sing N N 271 
PRO C   O    doub N N 272 
PRO C   OXT  sing N N 273 
PRO CB  CG   sing N N 274 
PRO CB  HB2  sing N N 275 
PRO CB  HB3  sing N N 276 
PRO CG  CD   sing N N 277 
PRO CG  HG2  sing N N 278 
PRO CG  HG3  sing N N 279 
PRO CD  HD2  sing N N 280 
PRO CD  HD3  sing N N 281 
PRO OXT HXT  sing N N 282 
SER N   CA   sing N N 283 
SER N   H    sing N N 284 
SER N   H2   sing N N 285 
SER CA  C    sing N N 286 
SER CA  CB   sing N N 287 
SER CA  HA   sing N N 288 
SER C   O    doub N N 289 
SER C   OXT  sing N N 290 
SER CB  OG   sing N N 291 
SER CB  HB2  sing N N 292 
SER CB  HB3  sing N N 293 
SER OG  HG   sing N N 294 
SER OXT HXT  sing N N 295 
THR N   CA   sing N N 296 
THR N   H    sing N N 297 
THR N   H2   sing N N 298 
THR CA  C    sing N N 299 
THR CA  CB   sing N N 300 
THR CA  HA   sing N N 301 
THR C   O    doub N N 302 
THR C   OXT  sing N N 303 
THR CB  OG1  sing N N 304 
THR CB  CG2  sing N N 305 
THR CB  HB   sing N N 306 
THR OG1 HG1  sing N N 307 
THR CG2 HG21 sing N N 308 
THR CG2 HG22 sing N N 309 
THR CG2 HG23 sing N N 310 
THR OXT HXT  sing N N 311 
TYR N   CA   sing N N 312 
TYR N   H    sing N N 313 
TYR N   H2   sing N N 314 
TYR CA  C    sing N N 315 
TYR CA  CB   sing N N 316 
TYR CA  HA   sing N N 317 
TYR C   O    doub N N 318 
TYR C   OXT  sing N N 319 
TYR CB  CG   sing N N 320 
TYR CB  HB2  sing N N 321 
TYR CB  HB3  sing N N 322 
TYR CG  CD1  doub Y N 323 
TYR CG  CD2  sing Y N 324 
TYR CD1 CE1  sing Y N 325 
TYR CD1 HD1  sing N N 326 
TYR CD2 CE2  doub Y N 327 
TYR CD2 HD2  sing N N 328 
TYR CE1 CZ   doub Y N 329 
TYR CE1 HE1  sing N N 330 
TYR CE2 CZ   sing Y N 331 
TYR CE2 HE2  sing N N 332 
TYR CZ  OH   sing N N 333 
TYR OH  HH   sing N N 334 
TYR OXT HXT  sing N N 335 
VAL N   CA   sing N N 336 
VAL N   H    sing N N 337 
VAL N   H2   sing N N 338 
VAL CA  C    sing N N 339 
VAL CA  CB   sing N N 340 
VAL CA  HA   sing N N 341 
VAL C   O    doub N N 342 
VAL C   OXT  sing N N 343 
VAL CB  CG1  sing N N 344 
VAL CB  CG2  sing N N 345 
VAL CB  HB   sing N N 346 
VAL CG1 HG11 sing N N 347 
VAL CG1 HG12 sing N N 348 
VAL CG1 HG13 sing N N 349 
VAL CG2 HG21 sing N N 350 
VAL CG2 HG22 sing N N 351 
VAL CG2 HG23 sing N N 352 
VAL OXT HXT  sing N N 353 
# 
_atom_sites.entry_id                    2QAI 
_atom_sites.fract_transf_matrix[1][1]   0.00568411 
_atom_sites.fract_transf_matrix[1][2]   -0.01293592 
_atom_sites.fract_transf_matrix[1][3]   -0.01101689 
_atom_sites.fract_transf_matrix[2][1]   -0.01270761 
_atom_sites.fract_transf_matrix[2][2]   0.00447532 
_atom_sites.fract_transf_matrix[2][3]   -0.01181131 
_atom_sites.fract_transf_matrix[3][1]   0.00395477 
_atom_sites.fract_transf_matrix[3][2]   0.00405341 
_atom_sites.fract_transf_matrix[3][3]   -0.00271904 
_atom_sites.fract_transf_vector[1]      -0.055625 
_atom_sites.fract_transf_vector[2]      0.674511 
_atom_sites.fract_transf_vector[3]      0.378590 
# 
loop_
_atom_type.symbol 
C  
N  
O  
SE 
# 
loop_
_atom_site.group_PDB 
_atom_site.id 
_atom_site.type_symbol 
_atom_site.label_atom_id 
_atom_site.label_alt_id 
_atom_site.label_comp_id 
_atom_site.label_asym_id 
_atom_site.label_entity_id 
_atom_site.label_seq_id 
_atom_site.pdbx_PDB_ins_code 
_atom_site.Cartn_x 
_atom_site.Cartn_y 
_atom_site.Cartn_z 
_atom_site.occupancy 
_atom_site.B_iso_or_equiv 
_atom_site.pdbx_formal_charge 
_atom_site.auth_seq_id 
_atom_site.auth_comp_id 
_atom_site.auth_asym_id 
_atom_site.auth_atom_id 
_atom_site.pdbx_PDB_model_num 
HETATM 1    N  N   . MSE A 1 1  ? 3.524   -15.742 -5.533  1.00 53.41 ? 1   MSE A N   1 
HETATM 2    C  CA  . MSE A 1 1  ? 4.346   -14.583 -5.094  1.00 57.53 ? 1   MSE A CA  1 
HETATM 3    C  C   . MSE A 1 1  ? 3.742   -13.246 -5.513  1.00 49.90 ? 1   MSE A C   1 
HETATM 4    O  O   . MSE A 1 1  ? 2.944   -13.173 -6.448  1.00 47.89 ? 1   MSE A O   1 
HETATM 5    C  CB  . MSE A 1 1  ? 5.768   -14.735 -5.620  1.00 56.70 ? 1   MSE A CB  1 
HETATM 6    C  CG  . MSE A 1 1  ? 6.469   -15.938 -5.016  1.00 63.26 ? 1   MSE A CG  1 
HETATM 7    SE SE  . MSE A 1 1  ? 8.328   -16.037 -5.489  1.00 87.82 ? 1   MSE A SE  1 
HETATM 8    C  CE  . MSE A 1 1  ? 9.043   -14.956 -4.051  1.00 86.53 ? 1   MSE A CE  1 
ATOM   9    N  N   . LYS A 1 2  ? 4.138   -12.186 -4.818  1.00 47.09 ? 2   LYS A N   1 
ATOM   10   C  CA  . LYS A 1 2  ? 3.583   -10.861 -5.070  1.00 43.45 ? 2   LYS A CA  1 
ATOM   11   C  C   . LYS A 1 2  ? 4.418   -9.856  -5.850  1.00 38.37 ? 2   LYS A C   1 
ATOM   12   O  O   . LYS A 1 2  ? 5.646   -9.942  -5.927  1.00 39.25 ? 2   LYS A O   1 
ATOM   13   C  CB  . LYS A 1 2  ? 3.177   -10.227 -3.737  1.00 43.72 ? 2   LYS A CB  1 
ATOM   14   C  CG  . LYS A 1 2  ? 2.199   -11.067 -2.927  1.00 48.08 ? 2   LYS A CG  1 
ATOM   15   C  CD  . LYS A 1 2  ? 1.848   -10.387 -1.613  1.00 55.87 ? 2   LYS A CD  1 
ATOM   16   C  CE  . LYS A 1 2  ? 0.902   -11.236 -0.773  1.00 62.58 ? 2   LYS A CE  1 
ATOM   17   N  NZ  . LYS A 1 2  ? 1.541   -12.503 -0.299  1.00 57.19 ? 2   LYS A NZ  1 
ATOM   18   N  N   . ILE A 1 3  ? 3.709   -8.901  -6.437  1.00 35.59 ? 3   ILE A N   1 
ATOM   19   C  CA  . ILE A 1 3  ? 4.314   -7.828  -7.199  1.00 31.57 ? 3   ILE A CA  1 
ATOM   20   C  C   . ILE A 1 3  ? 4.075   -6.561  -6.384  1.00 32.08 ? 3   ILE A C   1 
ATOM   21   O  O   . ILE A 1 3  ? 2.926   -6.187  -6.106  1.00 28.18 ? 3   ILE A O   1 
ATOM   22   C  CB  . ILE A 1 3  ? 3.671   -7.672  -8.590  1.00 30.61 ? 3   ILE A CB  1 
ATOM   23   C  CG1 . ILE A 1 3  ? 3.823   -8.983  -9.381  1.00 30.48 ? 3   ILE A CG1 1 
ATOM   24   C  CG2 . ILE A 1 3  ? 4.332   -6.522  -9.325  1.00 27.34 ? 3   ILE A CG2 1 
ATOM   25   C  CD1 . ILE A 1 3  ? 3.251   -8.945  -10.792 1.00 28.61 ? 3   ILE A CD1 1 
ATOM   26   N  N   . VAL A 1 4  ? 5.171   -5.913  -6.007  1.00 30.79 ? 4   VAL A N   1 
ATOM   27   C  CA  . VAL A 1 4  ? 5.118   -4.709  -5.193  1.00 32.37 ? 4   VAL A CA  1 
ATOM   28   C  C   . VAL A 1 4  ? 5.641   -3.474  -5.904  1.00 31.77 ? 4   VAL A C   1 
ATOM   29   O  O   . VAL A 1 4  ? 6.639   -3.533  -6.624  1.00 35.29 ? 4   VAL A O   1 
ATOM   30   C  CB  . VAL A 1 4  ? 5.940   -4.898  -3.893  1.00 31.62 ? 4   VAL A CB  1 
ATOM   31   C  CG1 . VAL A 1 4  ? 5.785   -3.673  -2.983  1.00 36.40 ? 4   VAL A CG1 1 
ATOM   32   C  CG2 . VAL A 1 4  ? 5.483   -6.168  -3.182  1.00 26.79 ? 4   VAL A CG2 1 
ATOM   33   N  N   . VAL A 1 5  ? 4.956   -2.353  -5.700  1.00 30.22 ? 5   VAL A N   1 
ATOM   34   C  CA  . VAL A 1 5  ? 5.384   -1.104  -6.288  1.00 31.77 ? 5   VAL A CA  1 
ATOM   35   C  C   . VAL A 1 5  ? 5.742   -0.097  -5.193  1.00 34.62 ? 5   VAL A C   1 
ATOM   36   O  O   . VAL A 1 5  ? 5.020   0.054   -4.196  1.00 33.57 ? 5   VAL A O   1 
ATOM   37   C  CB  . VAL A 1 5  ? 4.290   -0.474  -7.193  1.00 30.94 ? 5   VAL A CB  1 
ATOM   38   C  CG1 . VAL A 1 5  ? 3.010   -0.255  -6.413  1.00 35.35 ? 5   VAL A CG1 1 
ATOM   39   C  CG2 . VAL A 1 5  ? 4.785   0.872   -7.720  1.00 30.82 ? 5   VAL A CG2 1 
HETATM 40   N  N   . MSE A 1 6  ? 6.861   0.588   -5.393  1.00 32.38 ? 6   MSE A N   1 
HETATM 41   C  CA  . MSE A 1 6  ? 7.334   1.612   -4.470  1.00 31.40 ? 6   MSE A CA  1 
HETATM 42   C  C   . MSE A 1 6  ? 7.542   2.885   -5.308  1.00 29.39 ? 6   MSE A C   1 
HETATM 43   O  O   . MSE A 1 6  ? 8.257   2.861   -6.317  1.00 30.31 ? 6   MSE A O   1 
HETATM 44   C  CB  . MSE A 1 6  ? 8.668   1.200   -3.832  1.00 29.18 ? 6   MSE A CB  1 
HETATM 45   C  CG  . MSE A 1 6  ? 8.657   -0.088  -3.049  1.00 30.42 ? 6   MSE A CG  1 
HETATM 46   SE SE  . MSE A 1 6  ? 10.440  -0.472  -2.371  1.00 47.44 ? 6   MSE A SE  1 
HETATM 47   C  CE  . MSE A 1 6  ? 10.717  1.148   -1.315  1.00 33.18 ? 6   MSE A CE  1 
ATOM   48   N  N   . GLY A 1 7  ? 6.926   3.986   -4.889  1.00 25.58 ? 7   GLY A N   1 
ATOM   49   C  CA  . GLY A 1 7  ? 7.065   5.232   -5.617  1.00 28.72 ? 7   GLY A CA  1 
ATOM   50   C  C   . GLY A 1 7  ? 6.286   6.377   -4.984  1.00 30.91 ? 7   GLY A C   1 
ATOM   51   O  O   . GLY A 1 7  ? 5.818   6.275   -3.851  1.00 31.68 ? 7   GLY A O   1 
ATOM   52   N  N   . ASP A 1 8  ? 6.159   7.471   -5.724  1.00 34.06 ? 8   ASP A N   1 
ATOM   53   C  CA  . ASP A 1 8  ? 5.431   8.648   -5.263  1.00 36.67 ? 8   ASP A CA  1 
ATOM   54   C  C   . ASP A 1 8  ? 3.944   8.336   -5.313  1.00 36.91 ? 8   ASP A C   1 
ATOM   55   O  O   . ASP A 1 8  ? 3.529   7.334   -5.906  1.00 39.10 ? 8   ASP A O   1 
ATOM   56   C  CB  . ASP A 1 8  ? 5.733   9.844   -6.174  1.00 37.35 ? 8   ASP A CB  1 
ATOM   57   C  CG  . ASP A 1 8  ? 5.402   9.555   -7.631  1.00 37.37 ? 8   ASP A CG  1 
ATOM   58   O  OD1 . ASP A 1 8  ? 6.167   8.808   -8.280  1.00 48.29 ? 8   ASP A OD1 1 
ATOM   59   O  OD2 . ASP A 1 8  ? 4.366   10.053  -8.121  1.00 44.36 ? 8   ASP A OD2 1 
ATOM   60   N  N   . SER A 1 9  ? 3.146   9.208   -4.709  1.00 35.98 ? 9   SER A N   1 
ATOM   61   C  CA  . SER A 1 9  ? 1.699   9.028   -4.664  1.00 38.48 ? 9   SER A CA  1 
ATOM   62   C  C   . SER A 1 9  ? 1.034   8.843   -6.023  1.00 38.25 ? 9   SER A C   1 
ATOM   63   O  O   . SER A 1 9  ? 0.191   7.957   -6.184  1.00 39.14 ? 9   SER A O   1 
ATOM   64   C  CB  . SER A 1 9  ? 1.052   10.208  -3.942  1.00 41.45 ? 9   SER A CB  1 
ATOM   65   O  OG  . SER A 1 9  ? 1.548   10.316  -2.621  1.00 53.97 ? 9   SER A OG  1 
ATOM   66   N  N   . ASP A 1 10 ? 1.399   9.668   -6.999  1.00 40.40 ? 10  ASP A N   1 
ATOM   67   C  CA  . ASP A 1 10 ? 0.794   9.559   -8.328  1.00 43.57 ? 10  ASP A CA  1 
ATOM   68   C  C   . ASP A 1 10 ? 1.043   8.198   -8.954  1.00 41.14 ? 10  ASP A C   1 
ATOM   69   O  O   . ASP A 1 10 ? 0.107   7.478   -9.312  1.00 42.80 ? 10  ASP A O   1 
ATOM   70   C  CB  . ASP A 1 10 ? 1.336   10.641  -9.263  1.00 46.43 ? 10  ASP A CB  1 
ATOM   71   C  CG  . ASP A 1 10 ? 0.906   12.024  -8.851  1.00 46.74 ? 10  ASP A CG  1 
ATOM   72   O  OD1 . ASP A 1 10 ? -0.313  12.239  -8.709  1.00 46.16 ? 10  ASP A OD1 1 
ATOM   73   O  OD2 . ASP A 1 10 ? 1.782   12.897  -8.668  1.00 59.48 ? 10  ASP A OD2 1 
ATOM   74   N  N   . THR A 1 11 ? 2.315   7.847   -9.076  1.00 38.86 ? 11  THR A N   1 
ATOM   75   C  CA  . THR A 1 11 ? 2.695   6.578   -9.665  1.00 39.92 ? 11  THR A CA  1 
ATOM   76   C  C   . THR A 1 11 ? 1.986   5.408   -8.998  1.00 39.50 ? 11  THR A C   1 
ATOM   77   O  O   . THR A 1 11 ? 1.537   4.478   -9.671  1.00 40.57 ? 11  THR A O   1 
ATOM   78   C  CB  . THR A 1 11 ? 4.202   6.375   -9.557  1.00 39.79 ? 11  THR A CB  1 
ATOM   79   O  OG1 . THR A 1 11 ? 4.869   7.437   -10.252 1.00 40.94 ? 11  THR A OG1 1 
ATOM   80   C  CG2 . THR A 1 11 ? 4.605   5.034   -10.149 1.00 41.64 ? 11  THR A CG2 1 
ATOM   81   N  N   . VAL A 1 12 ? 1.886   5.460   -7.673  1.00 39.05 ? 12  VAL A N   1 
ATOM   82   C  CA  . VAL A 1 12 ? 1.247   4.396   -6.908  1.00 36.44 ? 12  VAL A CA  1 
ATOM   83   C  C   . VAL A 1 12 ? -0.246  4.241   -7.216  1.00 36.74 ? 12  VAL A C   1 
ATOM   84   O  O   . VAL A 1 12 ? -0.746  3.125   -7.321  1.00 39.41 ? 12  VAL A O   1 
ATOM   85   C  CB  . VAL A 1 12 ? 1.468   4.627   -5.407  1.00 36.23 ? 12  VAL A CB  1 
ATOM   86   C  CG1 . VAL A 1 12 ? 0.526   3.767   -4.585  1.00 35.83 ? 12  VAL A CG1 1 
ATOM   87   C  CG2 . VAL A 1 12 ? 2.931   4.315   -5.066  1.00 29.36 ? 12  VAL A CG2 1 
ATOM   88   N  N   . VAL A 1 13 ? -0.954  5.356   -7.362  1.00 37.76 ? 13  VAL A N   1 
ATOM   89   C  CA  . VAL A 1 13 ? -2.377  5.309   -7.689  1.00 35.97 ? 13  VAL A CA  1 
ATOM   90   C  C   . VAL A 1 13 ? -2.576  4.468   -8.949  1.00 32.22 ? 13  VAL A C   1 
ATOM   91   O  O   . VAL A 1 13 ? -3.329  3.495   -8.948  1.00 30.09 ? 13  VAL A O   1 
ATOM   92   C  CB  . VAL A 1 13 ? -2.949  6.728   -7.977  1.00 40.00 ? 13  VAL A CB  1 
ATOM   93   C  CG1 . VAL A 1 13 ? -4.353  6.612   -8.569  1.00 45.42 ? 13  VAL A CG1 1 
ATOM   94   C  CG2 . VAL A 1 13 ? -2.999  7.548   -6.702  1.00 39.89 ? 13  VAL A CG2 1 
ATOM   95   N  N   . GLY A 1 14 ? -1.895  4.865   -10.023 1.00 31.65 ? 14  GLY A N   1 
ATOM   96   C  CA  . GLY A 1 14 ? -2.002  4.165   -11.291 1.00 29.38 ? 14  GLY A CA  1 
ATOM   97   C  C   . GLY A 1 14 ? -1.699  2.682   -11.211 1.00 28.90 ? 14  GLY A C   1 
ATOM   98   O  O   . GLY A 1 14 ? -2.486  1.851   -11.674 1.00 28.29 ? 14  GLY A O   1 
ATOM   99   N  N   . PHE A 1 15 ? -0.564  2.348   -10.606 1.00 30.33 ? 15  PHE A N   1 
ATOM   100  C  CA  . PHE A 1 15 ? -0.160  0.956   -10.477 1.00 32.88 ? 15  PHE A CA  1 
ATOM   101  C  C   . PHE A 1 15 ? -1.099  0.112   -9.616  1.00 35.76 ? 15  PHE A C   1 
ATOM   102  O  O   . PHE A 1 15 ? -1.216  -1.097  -9.834  1.00 36.58 ? 15  PHE A O   1 
ATOM   103  C  CB  . PHE A 1 15 ? 1.284   0.883   -9.966  1.00 30.56 ? 15  PHE A CB  1 
ATOM   104  C  CG  . PHE A 1 15 ? 2.306   1.062   -11.052 1.00 31.53 ? 15  PHE A CG  1 
ATOM   105  C  CD1 . PHE A 1 15 ? 2.899   -0.046  -11.658 1.00 31.79 ? 15  PHE A CD1 1 
ATOM   106  C  CD2 . PHE A 1 15 ? 2.633   2.335   -11.522 1.00 30.13 ? 15  PHE A CD2 1 
ATOM   107  C  CE1 . PHE A 1 15 ? 3.800   0.108   -12.718 1.00 29.37 ? 15  PHE A CE1 1 
ATOM   108  C  CE2 . PHE A 1 15 ? 3.532   2.497   -12.583 1.00 31.71 ? 15  PHE A CE2 1 
ATOM   109  C  CZ  . PHE A 1 15 ? 4.114   1.375   -13.178 1.00 28.92 ? 15  PHE A CZ  1 
ATOM   110  N  N   . ARG A 1 16 ? -1.766  0.733   -8.647  1.00 36.66 ? 16  ARG A N   1 
ATOM   111  C  CA  . ARG A 1 16 ? -2.716  0.006   -7.804  1.00 39.47 ? 16  ARG A CA  1 
ATOM   112  C  C   . ARG A 1 16 ? -3.963  -0.285  -8.642  1.00 40.66 ? 16  ARG A C   1 
ATOM   113  O  O   . ARG A 1 16 ? -4.525  -1.375  -8.585  1.00 43.81 ? 16  ARG A O   1 
ATOM   114  C  CB  . ARG A 1 16 ? -3.088  0.839   -6.570  1.00 40.27 ? 16  ARG A CB  1 
ATOM   115  C  CG  . ARG A 1 16 ? -2.330  0.436   -5.316  1.00 38.42 ? 16  ARG A CG  1 
ATOM   116  C  CD  . ARG A 1 16 ? -2.486  1.433   -4.176  1.00 39.04 ? 16  ARG A CD  1 
ATOM   117  N  NE  . ARG A 1 16 ? -1.847  0.925   -2.964  1.00 45.23 ? 16  ARG A NE  1 
ATOM   118  C  CZ  . ARG A 1 16 ? -1.552  1.651   -1.889  1.00 32.78 ? 16  ARG A CZ  1 
ATOM   119  N  NH1 . ARG A 1 16 ? -1.830  2.942   -1.850  1.00 39.29 ? 16  ARG A NH1 1 
ATOM   120  N  NH2 . ARG A 1 16 ? -0.976  1.072   -0.845  1.00 38.04 ? 16  ARG A NH2 1 
ATOM   121  N  N   . LEU A 1 17 ? -4.388  0.702   -9.423  1.00 42.17 ? 17  LEU A N   1 
ATOM   122  C  CA  . LEU A 1 17 ? -5.551  0.541   -10.287 1.00 44.77 ? 17  LEU A CA  1 
ATOM   123  C  C   . LEU A 1 17 ? -5.226  -0.464  -11.390 1.00 45.66 ? 17  LEU A C   1 
ATOM   124  O  O   . LEU A 1 17 ? -6.123  -1.097  -11.952 1.00 49.48 ? 17  LEU A O   1 
ATOM   125  C  CB  . LEU A 1 17 ? -5.928  1.878   -10.929 1.00 40.95 ? 17  LEU A CB  1 
ATOM   126  C  CG  . LEU A 1 17 ? -6.395  3.000   -9.995  1.00 40.75 ? 17  LEU A CG  1 
ATOM   127  C  CD1 . LEU A 1 17 ? -6.502  4.303   -10.769 1.00 37.38 ? 17  LEU A CD1 1 
ATOM   128  C  CD2 . LEU A 1 17 ? -7.731  2.629   -9.377  1.00 37.80 ? 17  LEU A CD2 1 
ATOM   129  N  N   . ALA A 1 18 ? -3.936  -0.612  -11.685 1.00 43.69 ? 18  ALA A N   1 
ATOM   130  C  CA  . ALA A 1 18 ? -3.483  -1.509  -12.744 1.00 39.28 ? 18  ALA A CA  1 
ATOM   131  C  C   . ALA A 1 18 ? -3.267  -2.971  -12.339 1.00 37.26 ? 18  ALA A C   1 
ATOM   132  O  O   . ALA A 1 18 ? -3.085  -3.829  -13.212 1.00 37.81 ? 18  ALA A O   1 
ATOM   133  C  CB  . ALA A 1 18 ? -2.214  -0.948  -13.381 1.00 37.17 ? 18  ALA A CB  1 
ATOM   134  N  N   . GLY A 1 19 ? -3.256  -3.262  -11.037 1.00 33.82 ? 19  GLY A N   1 
ATOM   135  C  CA  . GLY A 1 19 ? -3.107  -4.650  -10.622 1.00 33.96 ? 19  GLY A CA  1 
ATOM   136  C  C   . GLY A 1 19 ? -1.999  -5.135  -9.692  1.00 38.99 ? 19  GLY A C   1 
ATOM   137  O  O   . GLY A 1 19 ? -1.951  -6.335  -9.388  1.00 36.45 ? 19  GLY A O   1 
ATOM   138  N  N   . VAL A 1 20 ? -1.104  -4.262  -9.231  1.00 36.58 ? 20  VAL A N   1 
ATOM   139  C  CA  . VAL A 1 20 ? -0.053  -4.737  -8.329  1.00 35.56 ? 20  VAL A CA  1 
ATOM   140  C  C   . VAL A 1 20 ? -0.679  -5.263  -7.023  1.00 35.84 ? 20  VAL A C   1 
ATOM   141  O  O   . VAL A 1 20 ? -1.780  -4.866  -6.646  1.00 31.35 ? 20  VAL A O   1 
ATOM   142  C  CB  . VAL A 1 20 ? 0.985   -3.616  -8.009  1.00 34.96 ? 20  VAL A CB  1 
ATOM   143  C  CG1 . VAL A 1 20 ? 1.492   -2.998  -9.312  1.00 33.34 ? 20  VAL A CG1 1 
ATOM   144  C  CG2 . VAL A 1 20 ? 0.374   -2.564  -7.098  1.00 28.58 ? 20  VAL A CG2 1 
ATOM   145  N  N   . HIS A 1 21 ? 0.026   -6.156  -6.337  1.00 35.08 ? 21  HIS A N   1 
ATOM   146  C  CA  . HIS A 1 21 ? -0.483  -6.742  -5.098  1.00 37.17 ? 21  HIS A CA  1 
ATOM   147  C  C   . HIS A 1 21 ? -0.263  -5.853  -3.869  1.00 38.93 ? 21  HIS A C   1 
ATOM   148  O  O   . HIS A 1 21 ? -1.070  -5.873  -2.938  1.00 37.46 ? 21  HIS A O   1 
ATOM   149  C  CB  . HIS A 1 21 ? 0.183   -8.098  -4.853  1.00 36.93 ? 21  HIS A CB  1 
ATOM   150  C  CG  . HIS A 1 21 ? 0.091   -9.038  -6.011  1.00 44.95 ? 21  HIS A CG  1 
ATOM   151  N  ND1 . HIS A 1 21 ? -1.049  -9.760  -6.299  1.00 48.83 ? 21  HIS A ND1 1 
ATOM   152  C  CD2 . HIS A 1 21 ? 1.000   -9.389  -6.951  1.00 38.29 ? 21  HIS A CD2 1 
ATOM   153  C  CE1 . HIS A 1 21 ? -0.836  -10.514 -7.360  1.00 44.91 ? 21  HIS A CE1 1 
ATOM   154  N  NE2 . HIS A 1 21 ? 0.401   -10.309 -7.776  1.00 48.27 ? 21  HIS A NE2 1 
ATOM   155  N  N   . GLU A 1 22 ? 0.835   -5.093  -3.870  1.00 35.85 ? 22  GLU A N   1 
ATOM   156  C  CA  . GLU A 1 22 ? 1.177   -4.201  -2.759  1.00 34.03 ? 22  GLU A CA  1 
ATOM   157  C  C   . GLU A 1 22 ? 1.857   -2.924  -3.242  1.00 33.77 ? 22  GLU A C   1 
ATOM   158  O  O   . GLU A 1 22 ? 2.643   -2.937  -4.197  1.00 33.01 ? 22  GLU A O   1 
ATOM   159  C  CB  . GLU A 1 22 ? 2.125   -4.886  -1.770  1.00 32.62 ? 22  GLU A CB  1 
ATOM   160  C  CG  . GLU A 1 22 ? 1.528   -5.955  -0.911  1.00 34.02 ? 22  GLU A CG  1 
ATOM   161  C  CD  . GLU A 1 22 ? 2.581   -6.662  -0.075  1.00 32.55 ? 22  GLU A CD  1 
ATOM   162  O  OE1 . GLU A 1 22 ? 3.399   -5.973  0.570   1.00 40.05 ? 22  GLU A OE1 1 
ATOM   163  O  OE2 . GLU A 1 22 ? 2.591   -7.909  -0.058  1.00 44.65 ? 22  GLU A OE2 1 
ATOM   164  N  N   . ALA A 1 23 ? 1.572   -1.831  -2.541  1.00 33.24 ? 23  ALA A N   1 
ATOM   165  C  CA  . ALA A 1 23 ? 2.137   -0.532  -2.868  1.00 30.97 ? 23  ALA A CA  1 
ATOM   166  C  C   . ALA A 1 23 ? 2.573   0.232   -1.613  1.00 32.76 ? 23  ALA A C   1 
ATOM   167  O  O   . ALA A 1 23 ? 1.923   0.168   -0.567  1.00 34.57 ? 23  ALA A O   1 
ATOM   168  C  CB  . ALA A 1 23 ? 1.117   0.288   -3.642  1.00 29.13 ? 23  ALA A CB  1 
ATOM   169  N  N   . TYR A 1 24 ? 3.687   0.948   -1.738  1.00 32.87 ? 24  TYR A N   1 
ATOM   170  C  CA  . TYR A 1 24 ? 4.235   1.773   -0.666  1.00 30.42 ? 24  TYR A CA  1 
ATOM   171  C  C   . TYR A 1 24 ? 4.574   3.128   -1.296  1.00 31.72 ? 24  TYR A C   1 
ATOM   172  O  O   . TYR A 1 24 ? 5.269   3.193   -2.315  1.00 28.48 ? 24  TYR A O   1 
ATOM   173  C  CB  . TYR A 1 24 ? 5.471   1.104   -0.072  1.00 30.01 ? 24  TYR A CB  1 
ATOM   174  C  CG  . TYR A 1 24 ? 5.146   -0.223  0.577   1.00 33.25 ? 24  TYR A CG  1 
ATOM   175  C  CD1 . TYR A 1 24 ? 4.574   -0.280  1.848   1.00 33.50 ? 24  TYR A CD1 1 
ATOM   176  C  CD2 . TYR A 1 24 ? 5.369   -1.421  -0.097  1.00 32.11 ? 24  TYR A CD2 1 
ATOM   177  C  CE1 . TYR A 1 24 ? 4.229   -1.507  2.439   1.00 27.70 ? 24  TYR A CE1 1 
ATOM   178  C  CE2 . TYR A 1 24 ? 5.030   -2.648  0.475   1.00 33.06 ? 24  TYR A CE2 1 
ATOM   179  C  CZ  . TYR A 1 24 ? 4.459   -2.685  1.743   1.00 36.76 ? 24  TYR A CZ  1 
ATOM   180  O  OH  . TYR A 1 24 ? 4.125   -3.903  2.301   1.00 37.00 ? 24  TYR A OH  1 
ATOM   181  N  N   . GLU A 1 25 ? 4.040   4.197   -0.706  1.00 30.23 ? 25  GLU A N   1 
ATOM   182  C  CA  . GLU A 1 25 ? 4.242   5.555   -1.205  1.00 34.75 ? 25  GLU A CA  1 
ATOM   183  C  C   . GLU A 1 25 ? 5.311   6.333   -0.441  1.00 34.18 ? 25  GLU A C   1 
ATOM   184  O  O   . GLU A 1 25 ? 5.420   6.225   0.782   1.00 32.29 ? 25  GLU A O   1 
ATOM   185  C  CB  . GLU A 1 25 ? 2.917   6.328   -1.141  1.00 32.87 ? 25  GLU A CB  1 
ATOM   186  C  CG  . GLU A 1 25 ? 1.794   5.689   -1.930  1.00 42.74 ? 25  GLU A CG  1 
ATOM   187  C  CD  . GLU A 1 25 ? 0.464   6.391   -1.736  1.00 39.82 ? 25  GLU A CD  1 
ATOM   188  O  OE1 . GLU A 1 25 ? 0.355   7.578   -2.096  1.00 45.88 ? 25  GLU A OE1 1 
ATOM   189  O  OE2 . GLU A 1 25 ? -0.475  5.750   -1.222  1.00 57.54 ? 25  GLU A OE2 1 
ATOM   190  N  N   . TYR A 1 26 ? 6.080   7.138   -1.169  1.00 33.44 ? 26  TYR A N   1 
ATOM   191  C  CA  . TYR A 1 26 ? 7.138   7.939   -0.564  1.00 33.48 ? 26  TYR A CA  1 
ATOM   192  C  C   . TYR A 1 26 ? 7.328   9.259   -1.304  1.00 34.58 ? 26  TYR A C   1 
ATOM   193  O  O   . TYR A 1 26 ? 7.012   9.368   -2.493  1.00 32.87 ? 26  TYR A O   1 
ATOM   194  C  CB  . TYR A 1 26 ? 8.467   7.176   -0.592  1.00 31.58 ? 26  TYR A CB  1 
ATOM   195  C  CG  . TYR A 1 26 ? 8.426   5.830   0.092   1.00 37.58 ? 26  TYR A CG  1 
ATOM   196  C  CD1 . TYR A 1 26 ? 8.521   5.725   1.482   1.00 33.25 ? 26  TYR A CD1 1 
ATOM   197  C  CD2 . TYR A 1 26 ? 8.264   4.656   -0.652  1.00 31.08 ? 26  TYR A CD2 1 
ATOM   198  C  CE1 . TYR A 1 26 ? 8.458   4.484   2.118   1.00 33.40 ? 26  TYR A CE1 1 
ATOM   199  C  CE2 . TYR A 1 26 ? 8.193   3.413   -0.032  1.00 31.26 ? 26  TYR A CE2 1 
ATOM   200  C  CZ  . TYR A 1 26 ? 8.291   3.332   1.354   1.00 38.54 ? 26  TYR A CZ  1 
ATOM   201  O  OH  . TYR A 1 26 ? 8.209   2.100   1.967   1.00 40.96 ? 26  TYR A OH  1 
ATOM   202  N  N   . ASP A 1 27 ? 7.824   10.266  -0.586  1.00 33.65 ? 27  ASP A N   1 
ATOM   203  C  CA  . ASP A 1 27 ? 8.117   11.552  -1.194  1.00 32.63 ? 27  ASP A CA  1 
ATOM   204  C  C   . ASP A 1 27 ? 9.636   11.660  -1.126  1.00 32.67 ? 27  ASP A C   1 
ATOM   205  O  O   . ASP A 1 27 ? 10.304  10.694  -0.752  1.00 35.01 ? 27  ASP A O   1 
ATOM   206  C  CB  . ASP A 1 27 ? 7.424   12.717  -0.460  1.00 32.12 ? 27  ASP A CB  1 
ATOM   207  C  CG  . ASP A 1 27 ? 7.771   12.796  1.010   1.00 33.90 ? 27  ASP A CG  1 
ATOM   208  O  OD1 . ASP A 1 27 ? 8.969   12.773  1.365   1.00 35.29 ? 27  ASP A OD1 1 
ATOM   209  O  OD2 . ASP A 1 27 ? 6.825   12.896  1.822   1.00 46.43 ? 27  ASP A OD2 1 
ATOM   210  N  N   . GLU A 1 28 ? 10.197  12.812  -1.462  1.00 33.00 ? 28  GLU A N   1 
ATOM   211  C  CA  . GLU A 1 28 ? 11.647  12.916  -1.451  1.00 35.43 ? 28  GLU A CA  1 
ATOM   212  C  C   . GLU A 1 28 ? 12.320  13.472  -0.208  1.00 32.85 ? 28  GLU A C   1 
ATOM   213  O  O   . GLU A 1 28 ? 13.521  13.736  -0.228  1.00 32.99 ? 28  GLU A O   1 
ATOM   214  C  CB  . GLU A 1 28 ? 12.116  13.681  -2.689  1.00 39.03 ? 28  GLU A CB  1 
ATOM   215  C  CG  . GLU A 1 28 ? 11.762  12.969  -3.987  1.00 43.18 ? 28  GLU A CG  1 
ATOM   216  C  CD  . GLU A 1 28 ? 12.318  13.661  -5.210  1.00 55.32 ? 28  GLU A CD  1 
ATOM   217  O  OE1 . GLU A 1 28 ? 13.556  13.704  -5.354  1.00 56.11 ? 28  GLU A OE1 1 
ATOM   218  O  OE2 . GLU A 1 28 ? 11.510  14.163  -6.022  1.00 65.99 ? 28  GLU A OE2 1 
ATOM   219  N  N   . SER A 1 29 ? 11.562  13.649  0.870   1.00 31.81 ? 29  SER A N   1 
ATOM   220  C  CA  . SER A 1 29 ? 12.144  14.138  2.115   1.00 30.72 ? 29  SER A CA  1 
ATOM   221  C  C   . SER A 1 29 ? 13.139  13.078  2.577   1.00 31.55 ? 29  SER A C   1 
ATOM   222  O  O   . SER A 1 29 ? 13.018  11.908  2.211   1.00 33.01 ? 29  SER A O   1 
ATOM   223  C  CB  . SER A 1 29 ? 11.062  14.321  3.182   1.00 30.03 ? 29  SER A CB  1 
ATOM   224  O  OG  . SER A 1 29 ? 10.538  13.070  3.583   1.00 29.26 ? 29  SER A OG  1 
ATOM   225  N  N   . LEU A 1 30 ? 14.127  13.481  3.368   1.00 33.88 ? 30  LEU A N   1 
ATOM   226  C  CA  . LEU A 1 30 ? 15.125  12.531  3.861   1.00 32.43 ? 30  LEU A CA  1 
ATOM   227  C  C   . LEU A 1 30 ? 14.517  11.374  4.660   1.00 32.92 ? 30  LEU A C   1 
ATOM   228  O  O   . LEU A 1 30 ? 14.948  10.226  4.516   1.00 32.11 ? 30  LEU A O   1 
ATOM   229  C  CB  . LEU A 1 30 ? 16.165  13.252  4.721   1.00 32.33 ? 30  LEU A CB  1 
ATOM   230  C  CG  . LEU A 1 30 ? 17.163  14.124  3.952   1.00 36.15 ? 30  LEU A CG  1 
ATOM   231  C  CD1 . LEU A 1 30 ? 17.951  14.986  4.945   1.00 34.66 ? 30  LEU A CD1 1 
ATOM   232  C  CD2 . LEU A 1 30 ? 18.097  13.238  3.109   1.00 33.21 ? 30  LEU A CD2 1 
ATOM   233  N  N   . GLU A 1 31 ? 13.520  11.682  5.491   1.00 33.39 ? 31  GLU A N   1 
ATOM   234  C  CA  . GLU A 1 31 ? 12.856  10.676  6.325   1.00 38.85 ? 31  GLU A CA  1 
ATOM   235  C  C   . GLU A 1 31 ? 12.118  9.639   5.487   1.00 34.85 ? 31  GLU A C   1 
ATOM   236  O  O   . GLU A 1 31 ? 12.227  8.437   5.725   1.00 36.37 ? 31  GLU A O   1 
ATOM   237  C  CB  . GLU A 1 31 ? 11.861  11.343  7.284   1.00 36.52 ? 31  GLU A CB  1 
ATOM   238  C  CG  . GLU A 1 31 ? 12.496  12.243  8.332   1.00 54.62 ? 31  GLU A CG  1 
ATOM   239  C  CD  . GLU A 1 31 ? 11.497  12.725  9.377   1.00 59.38 ? 31  GLU A CD  1 
ATOM   240  O  OE1 . GLU A 1 31 ? 10.454  13.298  8.989   1.00 76.89 ? 31  GLU A OE1 1 
ATOM   241  O  OE2 . GLU A 1 31 ? 11.756  12.530  10.587  1.00 79.12 ? 31  GLU A OE2 1 
ATOM   242  N  N   . SER A 1 32 ? 11.353  10.116  4.513   1.00 33.06 ? 32  SER A N   1 
ATOM   243  C  CA  . SER A 1 32 ? 10.607  9.229   3.635   1.00 33.35 ? 32  SER A CA  1 
ATOM   244  C  C   . SER A 1 32 ? 11.561  8.299   2.878   1.00 32.39 ? 32  SER A C   1 
ATOM   245  O  O   . SER A 1 32 ? 11.305  7.098   2.752   1.00 31.92 ? 32  SER A O   1 
ATOM   246  C  CB  . SER A 1 32 ? 9.784   10.050  2.642   1.00 31.96 ? 32  SER A CB  1 
ATOM   247  O  OG  . SER A 1 32 ? 8.948   9.208   1.875   1.00 41.88 ? 32  SER A OG  1 
ATOM   248  N  N   . VAL A 1 33 ? 12.662  8.858   2.381   1.00 33.15 ? 33  VAL A N   1 
ATOM   249  C  CA  . VAL A 1 33 ? 13.640  8.076   1.628   1.00 29.88 ? 33  VAL A CA  1 
ATOM   250  C  C   . VAL A 1 33 ? 14.269  7.007   2.513   1.00 30.23 ? 33  VAL A C   1 
ATOM   251  O  O   . VAL A 1 33 ? 14.516  5.877   2.068   1.00 30.80 ? 33  VAL A O   1 
ATOM   252  C  CB  . VAL A 1 33 ? 14.736  8.990   1.032   1.00 29.03 ? 33  VAL A CB  1 
ATOM   253  C  CG1 . VAL A 1 33 ? 15.885  8.150   0.452   1.00 25.55 ? 33  VAL A CG1 1 
ATOM   254  C  CG2 . VAL A 1 33 ? 14.122  9.859   -0.048  1.00 24.75 ? 33  VAL A CG2 1 
ATOM   255  N  N   . GLU A 1 34 ? 14.511  7.369   3.770   1.00 31.90 ? 34  GLU A N   1 
ATOM   256  C  CA  . GLU A 1 34 ? 15.083  6.448   4.744   1.00 33.10 ? 34  GLU A CA  1 
ATOM   257  C  C   . GLU A 1 34 ? 14.104  5.303   4.994   1.00 33.19 ? 34  GLU A C   1 
ATOM   258  O  O   . GLU A 1 34 ? 14.516  4.147   5.129   1.00 35.05 ? 34  GLU A O   1 
ATOM   259  C  CB  . GLU A 1 34 ? 15.373  7.184   6.056   1.00 32.67 ? 34  GLU A CB  1 
ATOM   260  C  CG  . GLU A 1 34 ? 15.916  6.294   7.176   1.00 37.01 ? 34  GLU A CG  1 
ATOM   261  C  CD  . GLU A 1 34 ? 17.168  5.531   6.775   1.00 47.99 ? 34  GLU A CD  1 
ATOM   262  O  OE1 . GLU A 1 34 ? 17.987  6.077   5.999   1.00 52.95 ? 34  GLU A OE1 1 
ATOM   263  O  OE2 . GLU A 1 34 ? 17.340  4.386   7.248   1.00 52.33 ? 34  GLU A OE2 1 
ATOM   264  N  N   . ARG A 1 35 ? 12.811  5.628   5.058   1.00 32.43 ? 35  ARG A N   1 
ATOM   265  C  CA  . ARG A 1 35 ? 11.782  4.605   5.271   1.00 35.48 ? 35  ARG A CA  1 
ATOM   266  C  C   . ARG A 1 35 ? 11.706  3.650   4.080   1.00 33.81 ? 35  ARG A C   1 
ATOM   267  O  O   . ARG A 1 35 ? 11.596  2.436   4.255   1.00 35.21 ? 35  ARG A O   1 
ATOM   268  C  CB  . ARG A 1 35 ? 10.408  5.248   5.512   1.00 35.07 ? 35  ARG A CB  1 
ATOM   269  C  CG  . ARG A 1 35 ? 10.247  5.828   6.918   1.00 41.73 ? 35  ARG A CG  1 
ATOM   270  C  CD  . ARG A 1 35 ? 8.804   6.210   7.257   1.00 45.92 ? 35  ARG A CD  1 
ATOM   271  N  NE  . ARG A 1 35 ? 8.485   7.582   6.880   1.00 50.45 ? 35  ARG A NE  1 
ATOM   272  C  CZ  . ARG A 1 35 ? 8.070   7.958   5.674   1.00 55.73 ? 35  ARG A CZ  1 
ATOM   273  N  NH1 . ARG A 1 35 ? 7.913   7.057   4.710   1.00 58.61 ? 35  ARG A NH1 1 
ATOM   274  N  NH2 . ARG A 1 35 ? 7.816   9.239   5.431   1.00 51.21 ? 35  ARG A NH2 1 
ATOM   275  N  N   . ALA A 1 36 ? 11.767  4.198   2.872   1.00 35.67 ? 36  ALA A N   1 
ATOM   276  C  CA  . ALA A 1 36 ? 11.722  3.374   1.660   1.00 35.81 ? 36  ALA A CA  1 
ATOM   277  C  C   . ALA A 1 36 ? 12.947  2.475   1.644   1.00 33.99 ? 36  ALA A C   1 
ATOM   278  O  O   . ALA A 1 36 ? 12.880  1.313   1.255   1.00 36.54 ? 36  ALA A O   1 
ATOM   279  C  CB  . ALA A 1 36 ? 11.716  4.264   0.406   1.00 33.64 ? 36  ALA A CB  1 
ATOM   280  N  N   . ARG A 1 37 ? 14.070  3.034   2.075   1.00 36.03 ? 37  ARG A N   1 
ATOM   281  C  CA  . ARG A 1 37 ? 15.329  2.308   2.121   1.00 37.45 ? 37  ARG A CA  1 
ATOM   282  C  C   . ARG A 1 37 ? 15.163  1.079   3.020   1.00 40.25 ? 37  ARG A C   1 
ATOM   283  O  O   . ARG A 1 37 ? 15.562  -0.029  2.645   1.00 42.21 ? 37  ARG A O   1 
ATOM   284  C  CB  . ARG A 1 37 ? 16.427  3.251   2.638   1.00 37.28 ? 37  ARG A CB  1 
ATOM   285  C  CG  . ARG A 1 37 ? 17.848  2.710   2.608   1.00 35.77 ? 37  ARG A CG  1 
ATOM   286  C  CD  . ARG A 1 37 ? 18.836  3.802   3.056   1.00 40.17 ? 37  ARG A CD  1 
ATOM   287  N  NE  . ARG A 1 37 ? 19.179  4.758   1.998   1.00 29.56 ? 37  ARG A NE  1 
ATOM   288  C  CZ  . ARG A 1 37 ? 19.054  6.080   2.092   1.00 27.93 ? 37  ARG A CZ  1 
ATOM   289  N  NH1 . ARG A 1 37 ? 18.572  6.641   3.198   1.00 28.80 ? 37  ARG A NH1 1 
ATOM   290  N  NH2 . ARG A 1 37 ? 19.443  6.854   1.087   1.00 28.20 ? 37  ARG A NH2 1 
ATOM   291  N  N   . ASN A 1 38 ? 14.560  1.265   4.196   1.00 42.02 ? 38  ASN A N   1 
ATOM   292  C  CA  . ASN A 1 38 ? 14.336  0.143   5.111   1.00 40.43 ? 38  ASN A CA  1 
ATOM   293  C  C   . ASN A 1 38 ? 13.251  -0.787  4.566   1.00 39.25 ? 38  ASN A C   1 
ATOM   294  O  O   . ASN A 1 38 ? 13.315  -2.003  4.749   1.00 37.40 ? 38  ASN A O   1 
ATOM   295  C  CB  . ASN A 1 38 ? 13.930  0.639   6.501   1.00 40.99 ? 38  ASN A CB  1 
ATOM   296  C  CG  . ASN A 1 38 ? 15.063  1.347   7.222   1.00 51.46 ? 38  ASN A CG  1 
ATOM   297  O  OD1 . ASN A 1 38 ? 16.178  0.827   7.312   1.00 57.12 ? 38  ASN A OD1 1 
ATOM   298  N  ND2 . ASN A 1 38 ? 14.782  2.538   7.745   1.00 48.30 ? 38  ASN A ND2 1 
ATOM   299  N  N   . LYS A 1 39 ? 12.249  -0.213  3.905   1.00 37.79 ? 39  LYS A N   1 
ATOM   300  C  CA  . LYS A 1 39 ? 11.179  -1.016  3.325   1.00 37.48 ? 39  LYS A CA  1 
ATOM   301  C  C   . LYS A 1 39 ? 11.779  -1.955  2.277   1.00 38.05 ? 39  LYS A C   1 
ATOM   302  O  O   . LYS A 1 39 ? 11.500  -3.154  2.272   1.00 40.13 ? 39  LYS A O   1 
ATOM   303  C  CB  . LYS A 1 39 ? 10.122  -0.117  2.677   1.00 35.71 ? 39  LYS A CB  1 
ATOM   304  C  CG  . LYS A 1 39 ? 9.003   -0.873  1.963   1.00 39.77 ? 39  LYS A CG  1 
ATOM   305  C  CD  . LYS A 1 39 ? 8.249   -1.806  2.910   1.00 41.22 ? 39  LYS A CD  1 
ATOM   306  C  CE  . LYS A 1 39 ? 7.497   -1.027  3.981   1.00 42.97 ? 39  LYS A CE  1 
ATOM   307  N  NZ  . LYS A 1 39 ? 6.792   -1.926  4.929   1.00 44.86 ? 39  LYS A NZ  1 
ATOM   308  N  N   . LEU A 1 40 ? 12.622  -1.407  1.406   1.00 37.85 ? 40  LEU A N   1 
ATOM   309  C  CA  . LEU A 1 40 ? 13.255  -2.210  0.365   1.00 39.58 ? 40  LEU A CA  1 
ATOM   310  C  C   . LEU A 1 40 ? 14.042  -3.371  0.958   1.00 39.63 ? 40  LEU A C   1 
ATOM   311  O  O   . LEU A 1 40 ? 13.984  -4.490  0.451   1.00 43.39 ? 40  LEU A O   1 
ATOM   312  C  CB  . LEU A 1 40 ? 14.179  -1.345  -0.493  1.00 37.60 ? 40  LEU A CB  1 
ATOM   313  C  CG  . LEU A 1 40 ? 14.946  -2.086  -1.596  1.00 40.36 ? 40  LEU A CG  1 
ATOM   314  C  CD1 . LEU A 1 40 ? 13.965  -2.740  -2.566  1.00 34.30 ? 40  LEU A CD1 1 
ATOM   315  C  CD2 . LEU A 1 40 ? 15.856  -1.110  -2.337  1.00 39.57 ? 40  LEU A CD2 1 
ATOM   316  N  N   . ARG A 1 41 ? 14.771  -3.109  2.037   1.00 43.39 ? 41  ARG A N   1 
ATOM   317  C  CA  . ARG A 1 41 ? 15.554  -4.158  2.685   1.00 45.17 ? 41  ARG A CA  1 
ATOM   318  C  C   . ARG A 1 41 ? 14.609  -5.237  3.196   1.00 44.68 ? 41  ARG A C   1 
ATOM   319  O  O   . ARG A 1 41 ? 14.930  -6.426  3.171   1.00 45.51 ? 41  ARG A O   1 
ATOM   320  C  CB  . ARG A 1 41 ? 16.370  -3.575  3.848   1.00 44.43 ? 41  ARG A CB  1 
ATOM   321  N  N   . GLU A 1 42 ? 13.432  -4.808  3.640   1.00 43.79 ? 42  GLU A N   1 
ATOM   322  C  CA  . GLU A 1 42 ? 12.417  -5.712  4.173   1.00 44.82 ? 42  GLU A CA  1 
ATOM   323  C  C   . GLU A 1 42 ? 11.811  -6.601  3.092   1.00 43.36 ? 42  GLU A C   1 
ATOM   324  O  O   . GLU A 1 42 ? 11.667  -7.807  3.276   1.00 47.69 ? 42  GLU A O   1 
ATOM   325  C  CB  . GLU A 1 42 ? 11.303  -4.905  4.844   1.00 44.74 ? 42  GLU A CB  1 
ATOM   326  C  CG  . GLU A 1 42 ? 10.223  -5.759  5.475   1.00 56.22 ? 42  GLU A CG  1 
ATOM   327  C  CD  . GLU A 1 42 ? 9.034   -4.942  5.936   1.00 66.31 ? 42  GLU A CD  1 
ATOM   328  O  OE1 . GLU A 1 42 ? 9.241   -3.929  6.641   1.00 68.64 ? 42  GLU A OE1 1 
ATOM   329  O  OE2 . GLU A 1 42 ? 7.893   -5.321  5.596   1.00 73.44 ? 42  GLU A OE2 1 
ATOM   330  N  N   . LEU A 1 43 ? 11.442  -5.993  1.969   1.00 44.33 ? 43  LEU A N   1 
ATOM   331  C  CA  . LEU A 1 43 ? 10.851  -6.723  0.859   1.00 43.76 ? 43  LEU A CA  1 
ATOM   332  C  C   . LEU A 1 43 ? 11.822  -7.771  0.313   1.00 44.54 ? 43  LEU A C   1 
ATOM   333  O  O   . LEU A 1 43 ? 11.402  -8.834  -0.146  1.00 46.18 ? 43  LEU A O   1 
ATOM   334  C  CB  . LEU A 1 43 ? 10.440  -5.748  -0.249  1.00 40.91 ? 43  LEU A CB  1 
ATOM   335  C  CG  . LEU A 1 43 ? 9.378   -4.723  0.164   1.00 38.96 ? 43  LEU A CG  1 
ATOM   336  C  CD1 . LEU A 1 43 ? 9.173   -3.699  -0.943  1.00 34.25 ? 43  LEU A CD1 1 
ATOM   337  C  CD2 . LEU A 1 43 ? 8.070   -5.441  0.484   1.00 35.91 ? 43  LEU A CD2 1 
ATOM   338  N  N   . LEU A 1 44 ? 13.116  -7.477  0.372   1.00 47.77 ? 44  LEU A N   1 
ATOM   339  C  CA  . LEU A 1 44 ? 14.126  -8.419  -0.108  1.00 50.97 ? 44  LEU A CA  1 
ATOM   340  C  C   . LEU A 1 44 ? 14.179  -9.674  0.764   1.00 52.30 ? 44  LEU A C   1 
ATOM   341  O  O   . LEU A 1 44 ? 14.579  -10.739 0.300   1.00 53.10 ? 44  LEU A O   1 
ATOM   342  C  CB  . LEU A 1 44 ? 15.514  -7.767  -0.125  1.00 50.82 ? 44  LEU A CB  1 
ATOM   343  C  CG  . LEU A 1 44 ? 15.744  -6.575  -1.056  1.00 56.28 ? 44  LEU A CG  1 
ATOM   344  C  CD1 . LEU A 1 44 ? 17.150  -6.033  -0.834  1.00 59.03 ? 44  LEU A CD1 1 
ATOM   345  C  CD2 . LEU A 1 44 ? 15.544  -6.997  -2.514  1.00 50.86 ? 44  LEU A CD2 1 
ATOM   346  N  N   . GLU A 1 45 ? 13.775  -9.542  2.026   1.00 52.92 ? 45  GLU A N   1 
ATOM   347  C  CA  . GLU A 1 45 ? 13.789  -10.668 2.958   1.00 57.64 ? 45  GLU A CA  1 
ATOM   348  C  C   . GLU A 1 45 ? 12.495  -11.477 3.007   1.00 55.27 ? 45  GLU A C   1 
ATOM   349  O  O   . GLU A 1 45 ? 12.430  -12.495 3.693   1.00 60.31 ? 45  GLU A O   1 
ATOM   350  C  CB  . GLU A 1 45 ? 14.126  -10.182 4.369   1.00 57.83 ? 45  GLU A CB  1 
ATOM   351  C  CG  . GLU A 1 45 ? 15.574  -9.759  4.550   1.00 64.05 ? 45  GLU A CG  1 
ATOM   352  C  CD  . GLU A 1 45 ? 15.839  -9.176  5.927   1.00 67.96 ? 45  GLU A CD  1 
ATOM   353  O  OE1 . GLU A 1 45 ? 15.418  -9.800  6.927   1.00 78.55 ? 45  GLU A OE1 1 
ATOM   354  O  OE2 . GLU A 1 45 ? 16.471  -8.100  6.008   1.00 71.75 ? 45  GLU A OE2 1 
ATOM   355  N  N   . ARG A 1 46 ? 11.464  -11.029 2.298   1.00 52.64 ? 46  ARG A N   1 
ATOM   356  C  CA  . ARG A 1 46 ? 10.203  -11.761 2.281   1.00 47.85 ? 46  ARG A CA  1 
ATOM   357  C  C   . ARG A 1 46 ? 10.247  -12.836 1.196   1.00 51.61 ? 46  ARG A C   1 
ATOM   358  O  O   . ARG A 1 46 ? 10.659  -12.580 0.063   1.00 55.14 ? 46  ARG A O   1 
ATOM   359  C  CB  . ARG A 1 46 ? 9.026   -10.804 2.049   1.00 45.15 ? 46  ARG A CB  1 
ATOM   360  C  CG  . ARG A 1 46 ? 8.593   -10.057 3.323   1.00 44.77 ? 46  ARG A CG  1 
ATOM   361  C  CD  . ARG A 1 46 ? 7.492   -9.033  3.064   1.00 38.07 ? 46  ARG A CD  1 
ATOM   362  N  NE  . ARG A 1 46 ? 6.359   -9.596  2.337   1.00 29.96 ? 46  ARG A NE  1 
ATOM   363  C  CZ  . ARG A 1 46 ? 5.382   -8.870  1.796   1.00 31.72 ? 46  ARG A CZ  1 
ATOM   364  N  NH1 . ARG A 1 46 ? 5.398   -7.544  1.911   1.00 27.46 ? 46  ARG A NH1 1 
ATOM   365  N  NH2 . ARG A 1 46 ? 4.403   -9.462  1.107   1.00 25.63 ? 46  ARG A NH2 1 
ATOM   366  N  N   . ASP A 1 47 ? 9.827   -14.046 1.552   1.00 51.44 ? 47  ASP A N   1 
ATOM   367  C  CA  . ASP A 1 47 ? 9.835   -15.167 0.623   1.00 47.91 ? 47  ASP A CA  1 
ATOM   368  C  C   . ASP A 1 47 ? 8.611   -15.172 -0.284  1.00 45.26 ? 47  ASP A C   1 
ATOM   369  O  O   . ASP A 1 47 ? 8.499   -16.015 -1.180  1.00 45.41 ? 47  ASP A O   1 
ATOM   370  C  CB  . ASP A 1 47 ? 9.896   -16.482 1.402   1.00 50.21 ? 47  ASP A CB  1 
ATOM   371  C  CG  . ASP A 1 47 ? 11.066  -16.535 2.375   1.00 57.75 ? 47  ASP A CG  1 
ATOM   372  O  OD1 . ASP A 1 47 ? 12.233  -16.508 1.925   1.00 57.63 ? 47  ASP A OD1 1 
ATOM   373  O  OD2 . ASP A 1 47 ? 10.815  -16.601 3.597   1.00 66.64 ? 47  ASP A OD2 1 
ATOM   374  N  N   . ASP A 1 48 ? 7.697   -14.233 -0.059  1.00 41.07 ? 48  ASP A N   1 
ATOM   375  C  CA  . ASP A 1 48 ? 6.476   -14.170 -0.858  1.00 40.13 ? 48  ASP A CA  1 
ATOM   376  C  C   . ASP A 1 48 ? 6.449   -12.986 -1.834  1.00 38.76 ? 48  ASP A C   1 
ATOM   377  O  O   . ASP A 1 48 ? 5.402   -12.672 -2.411  1.00 38.94 ? 48  ASP A O   1 
ATOM   378  C  CB  . ASP A 1 48 ? 5.261   -14.110 0.073   1.00 39.85 ? 48  ASP A CB  1 
ATOM   379  C  CG  . ASP A 1 48 ? 5.089   -12.749 0.717   1.00 40.02 ? 48  ASP A CG  1 
ATOM   380  O  OD1 . ASP A 1 48 ? 6.099   -12.154 1.149   1.00 45.73 ? 48  ASP A OD1 1 
ATOM   381  O  OD2 . ASP A 1 48 ? 3.936   -12.274 0.792   1.00 45.93 ? 48  ASP A OD2 1 
ATOM   382  N  N   . VAL A 1 49 ? 7.593   -12.332 -2.009  1.00 37.52 ? 49  VAL A N   1 
ATOM   383  C  CA  . VAL A 1 49 ? 7.696   -11.193 -2.923  1.00 38.51 ? 49  VAL A CA  1 
ATOM   384  C  C   . VAL A 1 49 ? 8.576   -11.573 -4.118  1.00 38.33 ? 49  VAL A C   1 
ATOM   385  O  O   . VAL A 1 49 ? 9.756   -11.884 -3.956  1.00 35.59 ? 49  VAL A O   1 
ATOM   386  C  CB  . VAL A 1 49 ? 8.304   -9.948  -2.213  1.00 38.12 ? 49  VAL A CB  1 
ATOM   387  C  CG1 . VAL A 1 49 ? 8.620   -8.860  -3.228  1.00 32.29 ? 49  VAL A CG1 1 
ATOM   388  C  CG2 . VAL A 1 49 ? 7.321   -9.414  -1.181  1.00 39.65 ? 49  VAL A CG2 1 
ATOM   389  N  N   . GLY A 1 50 ? 8.000   -11.537 -5.317  1.00 37.09 ? 50  GLY A N   1 
ATOM   390  C  CA  . GLY A 1 50 ? 8.761   -11.904 -6.496  1.00 37.75 ? 50  GLY A CA  1 
ATOM   391  C  C   . GLY A 1 50 ? 9.209   -10.758 -7.383  1.00 37.11 ? 50  GLY A C   1 
ATOM   392  O  O   . GLY A 1 50 ? 10.259  -10.846 -8.023  1.00 37.22 ? 50  GLY A O   1 
ATOM   393  N  N   . ILE A 1 51 ? 8.421   -9.687  -7.426  1.00 37.87 ? 51  ILE A N   1 
ATOM   394  C  CA  . ILE A 1 51 ? 8.750   -8.534  -8.258  1.00 36.17 ? 51  ILE A CA  1 
ATOM   395  C  C   . ILE A 1 51 ? 8.548   -7.179  -7.585  1.00 34.91 ? 51  ILE A C   1 
ATOM   396  O  O   . ILE A 1 51 ? 7.465   -6.861  -7.084  1.00 31.16 ? 51  ILE A O   1 
ATOM   397  C  CB  . ILE A 1 51 ? 7.913   -8.514  -9.549  1.00 36.31 ? 51  ILE A CB  1 
ATOM   398  C  CG1 . ILE A 1 51 ? 8.101   -9.826  -10.323 1.00 38.14 ? 51  ILE A CG1 1 
ATOM   399  C  CG2 . ILE A 1 51 ? 8.320   -7.303  -10.394 1.00 33.68 ? 51  ILE A CG2 1 
ATOM   400  C  CD1 . ILE A 1 51 ? 7.138   -9.992  -11.494 1.00 32.53 ? 51  ILE A CD1 1 
ATOM   401  N  N   . ILE A 1 52 ? 9.601   -6.373  -7.606  1.00 36.10 ? 52  ILE A N   1 
ATOM   402  C  CA  . ILE A 1 52 ? 9.541   -5.042  -7.035  1.00 34.21 ? 52  ILE A CA  1 
ATOM   403  C  C   . ILE A 1 52 ? 9.678   -3.998  -8.140  1.00 31.61 ? 52  ILE A C   1 
ATOM   404  O  O   . ILE A 1 52 ? 10.689  -3.950  -8.839  1.00 33.58 ? 52  ILE A O   1 
ATOM   405  C  CB  . ILE A 1 52 ? 10.669  -4.814  -6.019  1.00 33.30 ? 52  ILE A CB  1 
ATOM   406  C  CG1 . ILE A 1 52 ? 10.541  -5.809  -4.870  1.00 30.23 ? 52  ILE A CG1 1 
ATOM   407  C  CG2 . ILE A 1 52 ? 10.611  -3.387  -5.492  1.00 28.72 ? 52  ILE A CG2 1 
ATOM   408  C  CD1 . ILE A 1 52 ? 11.802  -5.890  -4.013  1.00 31.76 ? 52  ILE A CD1 1 
ATOM   409  N  N   . LEU A 1 53 ? 8.647   -3.177  -8.292  1.00 31.45 ? 53  LEU A N   1 
ATOM   410  C  CA  . LEU A 1 53 ? 8.636   -2.104  -9.273  1.00 30.14 ? 53  LEU A CA  1 
ATOM   411  C  C   . LEU A 1 53 ? 8.911   -0.820  -8.492  1.00 31.80 ? 53  LEU A C   1 
ATOM   412  O  O   . LEU A 1 53 ? 8.144   -0.458  -7.597  1.00 31.62 ? 53  LEU A O   1 
ATOM   413  C  CB  . LEU A 1 53 ? 7.259   -1.993  -9.943  1.00 28.57 ? 53  LEU A CB  1 
ATOM   414  C  CG  . LEU A 1 53 ? 6.697   -3.223  -10.666 1.00 30.21 ? 53  LEU A CG  1 
ATOM   415  C  CD1 . LEU A 1 53 ? 5.255   -2.954  -11.114 1.00 31.58 ? 53  LEU A CD1 1 
ATOM   416  C  CD2 . LEU A 1 53 ? 7.582   -3.560  -11.849 1.00 25.10 ? 53  LEU A CD2 1 
ATOM   417  N  N   . ILE A 1 54 ? 9.999   -0.139  -8.826  1.00 31.43 ? 54  ILE A N   1 
ATOM   418  C  CA  . ILE A 1 54 ? 10.341  1.083   -8.136  1.00 32.04 ? 54  ILE A CA  1 
ATOM   419  C  C   . ILE A 1 54 ? 10.661  2.201   -9.109  1.00 31.61 ? 54  ILE A C   1 
ATOM   420  O  O   . ILE A 1 54 ? 11.317  1.982   -10.128 1.00 32.19 ? 54  ILE A O   1 
ATOM   421  C  CB  . ILE A 1 54 ? 11.532  0.855   -7.168  1.00 31.55 ? 54  ILE A CB  1 
ATOM   422  C  CG1 . ILE A 1 54 ? 11.935  2.177   -6.517  1.00 31.46 ? 54  ILE A CG1 1 
ATOM   423  C  CG2 . ILE A 1 54 ? 12.693  0.224   -7.905  1.00 34.20 ? 54  ILE A CG2 1 
ATOM   424  C  CD1 . ILE A 1 54 ? 12.971  2.020   -5.416  1.00 35.48 ? 54  ILE A CD1 1 
ATOM   425  N  N   . THR A 1 55 ? 10.169  3.398   -8.797  1.00 31.07 ? 55  THR A N   1 
ATOM   426  C  CA  . THR A 1 55 ? 10.410  4.562   -9.641  1.00 33.58 ? 55  THR A CA  1 
ATOM   427  C  C   . THR A 1 55 ? 11.900  4.870   -9.689  1.00 33.13 ? 55  THR A C   1 
ATOM   428  O  O   . THR A 1 55 ? 12.624  4.724   -8.689  1.00 35.10 ? 55  THR A O   1 
ATOM   429  C  CB  . THR A 1 55 ? 9.681   5.840   -9.113  1.00 31.65 ? 55  THR A CB  1 
ATOM   430  O  OG1 . THR A 1 55 ? 10.032  6.059   -7.740  1.00 35.73 ? 55  THR A OG1 1 
ATOM   431  C  CG2 . THR A 1 55 ? 8.168   5.707   -9.250  1.00 30.92 ? 55  THR A CG2 1 
ATOM   432  N  N   . GLU A 1 56 ? 12.340  5.298   -10.862 1.00 34.21 ? 56  GLU A N   1 
ATOM   433  C  CA  . GLU A 1 56 ? 13.729  5.659   -11.109 1.00 38.46 ? 56  GLU A CA  1 
ATOM   434  C  C   . GLU A 1 56 ? 14.221  6.682   -10.077 1.00 34.06 ? 56  GLU A C   1 
ATOM   435  O  O   . GLU A 1 56 ? 15.310  6.541   -9.521  1.00 35.60 ? 56  GLU A O   1 
ATOM   436  C  CB  . GLU A 1 56 ? 13.834  6.223   -12.532 1.00 37.92 ? 56  GLU A CB  1 
ATOM   437  C  CG  . GLU A 1 56 ? 15.170  6.790   -12.935 1.00 50.46 ? 56  GLU A CG  1 
ATOM   438  C  CD  . GLU A 1 56 ? 15.235  7.070   -14.435 1.00 51.89 ? 56  GLU A CD  1 
ATOM   439  O  OE1 . GLU A 1 56 ? 14.275  7.668   -14.978 1.00 55.34 ? 56  GLU A OE1 1 
ATOM   440  O  OE2 . GLU A 1 56 ? 16.247  6.696   -15.067 1.00 56.07 ? 56  GLU A OE2 1 
ATOM   441  N  N   . ARG A 1 57 ? 13.412  7.703   -9.810  1.00 31.65 ? 57  ARG A N   1 
ATOM   442  C  CA  . ARG A 1 57 ? 13.799  8.726   -8.845  1.00 35.40 ? 57  ARG A CA  1 
ATOM   443  C  C   . ARG A 1 57 ? 14.040  8.145   -7.452  1.00 34.86 ? 57  ARG A C   1 
ATOM   444  O  O   . ARG A 1 57 ? 15.095  8.378   -6.847  1.00 33.32 ? 57  ARG A O   1 
ATOM   445  C  CB  . ARG A 1 57 ? 12.734  9.833   -8.758  1.00 35.18 ? 57  ARG A CB  1 
ATOM   446  C  CG  . ARG A 1 57 ? 12.646  10.745  -9.983  1.00 37.60 ? 57  ARG A CG  1 
ATOM   447  C  CD  . ARG A 1 57 ? 11.820  12.004  -9.665  1.00 40.83 ? 57  ARG A CD  1 
ATOM   448  N  NE  . ARG A 1 57 ? 12.507  12.854  -8.693  1.00 39.39 ? 57  ARG A NE  1 
ATOM   449  C  CZ  . ARG A 1 57 ? 13.410  13.780  -9.009  1.00 34.39 ? 57  ARG A CZ  1 
ATOM   450  N  NH1 . ARG A 1 57 ? 13.730  14.002  -10.279 1.00 35.33 ? 57  ARG A NH1 1 
ATOM   451  N  NH2 . ARG A 1 57 ? 14.030  14.457  -8.051  1.00 30.68 ? 57  ARG A NH2 1 
ATOM   452  N  N   . LEU A 1 58 ? 13.067  7.390   -6.946  1.00 31.32 ? 58  LEU A N   1 
ATOM   453  C  CA  . LEU A 1 58 ? 13.196  6.801   -5.615  1.00 29.62 ? 58  LEU A CA  1 
ATOM   454  C  C   . LEU A 1 58 ? 14.424  5.897   -5.538  1.00 29.31 ? 58  LEU A C   1 
ATOM   455  O  O   . LEU A 1 58 ? 15.167  5.933   -4.553  1.00 29.77 ? 58  LEU A O   1 
ATOM   456  C  CB  . LEU A 1 58 ? 11.931  6.005   -5.250  1.00 31.64 ? 58  LEU A CB  1 
ATOM   457  C  CG  . LEU A 1 58 ? 11.831  5.498   -3.802  1.00 31.86 ? 58  LEU A CG  1 
ATOM   458  C  CD1 . LEU A 1 58 ? 12.002  6.671   -2.829  1.00 27.68 ? 58  LEU A CD1 1 
ATOM   459  C  CD2 . LEU A 1 58 ? 10.486  4.823   -3.578  1.00 27.86 ? 58  LEU A CD2 1 
ATOM   460  N  N   . ALA A 1 59 ? 14.636  5.088   -6.576  1.00 28.78 ? 59  ALA A N   1 
ATOM   461  C  CA  . ALA A 1 59 ? 15.784  4.185   -6.603  1.00 28.72 ? 59  ALA A CA  1 
ATOM   462  C  C   . ALA A 1 59 ? 17.075  4.984   -6.483  1.00 29.42 ? 59  ALA A C   1 
ATOM   463  O  O   . ALA A 1 59 ? 18.016  4.567   -5.804  1.00 29.66 ? 59  ALA A O   1 
ATOM   464  C  CB  . ALA A 1 59 ? 15.798  3.380   -7.896  1.00 28.88 ? 59  ALA A CB  1 
ATOM   465  N  N   . GLN A 1 60 ? 17.118  6.132   -7.150  1.00 29.22 ? 60  GLN A N   1 
ATOM   466  C  CA  . GLN A 1 60 ? 18.306  6.967   -7.097  1.00 30.97 ? 60  GLN A CA  1 
ATOM   467  C  C   . GLN A 1 60 ? 18.428  7.670   -5.744  1.00 32.00 ? 60  GLN A C   1 
ATOM   468  O  O   . GLN A 1 60 ? 19.542  7.899   -5.274  1.00 31.95 ? 60  GLN A O   1 
ATOM   469  C  CB  . GLN A 1 60 ? 18.297  7.979   -8.251  1.00 27.58 ? 60  GLN A CB  1 
ATOM   470  C  CG  . GLN A 1 60 ? 18.289  7.302   -9.613  1.00 35.39 ? 60  GLN A CG  1 
ATOM   471  C  CD  . GLN A 1 60 ? 18.537  8.254   -10.772 1.00 38.14 ? 60  GLN A CD  1 
ATOM   472  O  OE1 . GLN A 1 60 ? 18.407  7.869   -11.939 1.00 38.56 ? 60  GLN A OE1 1 
ATOM   473  N  NE2 . GLN A 1 60 ? 18.894  9.498   -10.462 1.00 35.87 ? 60  GLN A NE2 1 
ATOM   474  N  N   . ARG A 1 61 ? 17.292  8.014   -5.126  1.00 29.57 ? 61  ARG A N   1 
ATOM   475  C  CA  . ARG A 1 61 ? 17.310  8.660   -3.806  1.00 30.19 ? 61  ARG A CA  1 
ATOM   476  C  C   . ARG A 1 61 ? 17.831  7.666   -2.783  1.00 31.04 ? 61  ARG A C   1 
ATOM   477  O  O   . ARG A 1 61 ? 18.603  8.022   -1.892  1.00 34.95 ? 61  ARG A O   1 
ATOM   478  C  CB  . ARG A 1 61 ? 15.907  9.100   -3.364  1.00 28.52 ? 61  ARG A CB  1 
ATOM   479  C  CG  . ARG A 1 61 ? 15.426  10.391  -3.994  1.00 29.16 ? 61  ARG A CG  1 
ATOM   480  C  CD  . ARG A 1 61 ? 16.353  11.539  -3.645  1.00 27.13 ? 61  ARG A CD  1 
ATOM   481  N  NE  . ARG A 1 61 ? 15.890  12.785  -4.238  1.00 28.43 ? 61  ARG A NE  1 
ATOM   482  C  CZ  . ARG A 1 61 ? 16.599  13.908  -4.292  1.00 28.32 ? 61  ARG A CZ  1 
ATOM   483  N  NH1 . ARG A 1 61 ? 17.825  13.956  -3.786  1.00 30.80 ? 61  ARG A NH1 1 
ATOM   484  N  NH2 . ARG A 1 61 ? 16.075  14.987  -4.856  1.00 21.96 ? 61  ARG A NH2 1 
ATOM   485  N  N   . ILE A 1 62 ? 17.384  6.421   -2.899  1.00 33.24 ? 62  ILE A N   1 
ATOM   486  C  CA  . ILE A 1 62 ? 17.824  5.380   -1.975  1.00 33.83 ? 62  ILE A CA  1 
ATOM   487  C  C   . ILE A 1 62 ? 19.322  5.180   -2.148  1.00 36.73 ? 62  ILE A C   1 
ATOM   488  O  O   . ILE A 1 62 ? 20.060  5.090   -1.167  1.00 41.27 ? 62  ILE A O   1 
ATOM   489  C  CB  . ILE A 1 62 ? 17.077  4.043   -2.232  1.00 31.02 ? 62  ILE A CB  1 
ATOM   490  C  CG1 . ILE A 1 62 ? 15.611  4.182   -1.794  1.00 34.02 ? 62  ILE A CG1 1 
ATOM   491  C  CG2 . ILE A 1 62 ? 17.766  2.892   -1.483  1.00 29.43 ? 62  ILE A CG2 1 
ATOM   492  C  CD1 . ILE A 1 62 ? 14.744  2.938   -2.060  1.00 24.50 ? 62  ILE A CD1 1 
ATOM   493  N  N   . GLY A 1 63 ? 19.771  5.134   -3.398  1.00 40.82 ? 63  GLY A N   1 
ATOM   494  C  CA  . GLY A 1 63 ? 21.186  4.953   -3.663  1.00 48.27 ? 63  GLY A CA  1 
ATOM   495  C  C   . GLY A 1 63 ? 21.485  3.734   -4.504  1.00 54.81 ? 63  GLY A C   1 
ATOM   496  O  O   . GLY A 1 63 ? 20.670  3.322   -5.332  1.00 59.83 ? 63  GLY A O   1 
ATOM   497  N  N   . SER A 1 64 ? 22.660  3.153   -4.305  1.00 61.35 ? 64  SER A N   1 
ATOM   498  C  CA  . SER A 1 64 ? 23.036  1.964   -5.060  1.00 67.03 ? 64  SER A CA  1 
ATOM   499  C  C   . SER A 1 64 ? 22.215  0.769   -4.582  1.00 68.69 ? 64  SER A C   1 
ATOM   500  O  O   . SER A 1 64 ? 22.504  0.173   -3.541  1.00 67.02 ? 64  SER A O   1 
ATOM   501  C  CB  . SER A 1 64 ? 24.531  1.682   -4.893  1.00 71.20 ? 64  SER A CB  1 
ATOM   502  O  OG  . SER A 1 64 ? 25.303  2.743   -5.430  1.00 74.76 ? 64  SER A OG  1 
ATOM   503  N  N   . LEU A 1 65 ? 21.174  0.444   -5.343  1.00 70.75 ? 65  LEU A N   1 
ATOM   504  C  CA  . LEU A 1 65 ? 20.298  -0.671  -5.023  1.00 71.11 ? 65  LEU A CA  1 
ATOM   505  C  C   . LEU A 1 65 ? 21.073  -1.976  -4.946  1.00 75.13 ? 65  LEU A C   1 
ATOM   506  O  O   . LEU A 1 65 ? 22.090  -2.143  -5.622  1.00 74.48 ? 65  LEU A O   1 
ATOM   507  C  CB  . LEU A 1 65 ? 19.198  -0.794  -6.078  1.00 70.03 ? 65  LEU A CB  1 
ATOM   508  C  CG  . LEU A 1 65 ? 17.822  -0.218  -5.732  1.00 70.24 ? 65  LEU A CG  1 
ATOM   509  C  CD1 . LEU A 1 65 ? 17.951  1.219   -5.251  1.00 62.51 ? 65  LEU A CD1 1 
ATOM   510  C  CD2 . LEU A 1 65 ? 16.924  -0.314  -6.960  1.00 66.12 ? 65  LEU A CD2 1 
ATOM   511  N  N   . PRO A 1 66 ? 20.594  -2.927  -4.124  1.00 79.27 ? 66  PRO A N   1 
ATOM   512  C  CA  . PRO A 1 66 ? 21.254  -4.226  -3.963  1.00 80.79 ? 66  PRO A CA  1 
ATOM   513  C  C   . PRO A 1 66 ? 21.376  -4.982  -5.281  1.00 81.74 ? 66  PRO A C   1 
ATOM   514  O  O   . PRO A 1 66 ? 20.561  -4.805  -6.189  1.00 81.14 ? 66  PRO A O   1 
ATOM   515  C  CB  . PRO A 1 66 ? 20.356  -4.944  -2.962  1.00 81.33 ? 66  PRO A CB  1 
ATOM   516  C  CG  . PRO A 1 66 ? 19.003  -4.394  -3.279  1.00 79.81 ? 66  PRO A CG  1 
ATOM   517  C  CD  . PRO A 1 66 ? 19.296  -2.917  -3.425  1.00 79.31 ? 66  PRO A CD  1 
ATOM   518  N  N   . GLU A 1 67 ? 22.400  -5.821  -5.382  1.00 82.34 ? 67  GLU A N   1 
ATOM   519  C  CA  . GLU A 1 67 ? 22.621  -6.600  -6.591  1.00 82.65 ? 67  GLU A CA  1 
ATOM   520  C  C   . GLU A 1 67 ? 22.151  -8.031  -6.367  1.00 79.81 ? 67  GLU A C   1 
ATOM   521  O  O   . GLU A 1 67 ? 22.940  -8.907  -6.015  1.00 79.30 ? 67  GLU A O   1 
ATOM   522  C  CB  . GLU A 1 67 ? 24.107  -6.598  -6.967  1.00 84.72 ? 67  GLU A CB  1 
ATOM   523  C  CG  . GLU A 1 67 ? 24.770  -5.230  -6.910  1.00 91.52 ? 67  GLU A CG  1 
ATOM   524  C  CD  . GLU A 1 67 ? 25.084  -4.793  -5.488  1.00 98.48 ? 67  GLU A CD  1 
ATOM   525  O  OE1 . GLU A 1 67 ? 25.874  -5.489  -4.814  1.00 99.45 ? 67  GLU A OE1 1 
ATOM   526  O  OE2 . GLU A 1 67 ? 24.547  -3.754  -5.044  1.00 99.83 ? 67  GLU A OE2 1 
ATOM   527  N  N   . VAL A 1 68 ? 20.859  -8.257  -6.565  1.00 78.21 ? 68  VAL A N   1 
ATOM   528  C  CA  . VAL A 1 68 ? 20.280  -9.582  -6.396  1.00 74.95 ? 68  VAL A CA  1 
ATOM   529  C  C   . VAL A 1 68 ? 19.512  -9.962  -7.654  1.00 73.38 ? 68  VAL A C   1 
ATOM   530  O  O   . VAL A 1 68 ? 18.951  -9.098  -8.330  1.00 72.81 ? 68  VAL A O   1 
ATOM   531  C  CB  . VAL A 1 68 ? 19.316  -9.632  -5.192  1.00 75.15 ? 68  VAL A CB  1 
ATOM   532  C  CG1 . VAL A 1 68 ? 20.085  -9.405  -3.903  1.00 71.86 ? 68  VAL A CG1 1 
ATOM   533  C  CG2 . VAL A 1 68 ? 18.226  -8.581  -5.356  1.00 74.11 ? 68  VAL A CG2 1 
ATOM   534  N  N   . LYS A 1 69 ? 19.491  -11.254 -7.967  1.00 70.94 ? 69  LYS A N   1 
ATOM   535  C  CA  . LYS A 1 69 ? 18.791  -11.734 -9.152  1.00 66.56 ? 69  LYS A CA  1 
ATOM   536  C  C   . LYS A 1 69 ? 17.340  -12.047 -8.814  1.00 63.26 ? 69  LYS A C   1 
ATOM   537  O  O   . LYS A 1 69 ? 16.500  -12.191 -9.701  1.00 61.99 ? 69  LYS A O   1 
ATOM   538  C  CB  . LYS A 1 69 ? 19.485  -12.970 -9.702  1.00 68.52 ? 69  LYS A CB  1 
ATOM   539  N  N   . PHE A 1 70 ? 17.049  -12.150 -7.523  1.00 59.76 ? 70  PHE A N   1 
ATOM   540  C  CA  . PHE A 1 70 ? 15.690  -12.434 -7.087  1.00 58.68 ? 70  PHE A CA  1 
ATOM   541  C  C   . PHE A 1 70 ? 15.477  -11.925 -5.666  1.00 56.41 ? 70  PHE A C   1 
ATOM   542  O  O   . PHE A 1 70 ? 16.321  -12.125 -4.794  1.00 56.09 ? 70  PHE A O   1 
ATOM   543  C  CB  . PHE A 1 70 ? 15.412  -13.936 -7.165  1.00 58.79 ? 70  PHE A CB  1 
ATOM   544  C  CG  . PHE A 1 70 ? 13.953  -14.273 -7.247  1.00 63.38 ? 70  PHE A CG  1 
ATOM   545  C  CD1 . PHE A 1 70 ? 13.161  -14.313 -6.101  1.00 65.57 ? 70  PHE A CD1 1 
ATOM   546  C  CD2 . PHE A 1 70 ? 13.359  -14.527 -8.481  1.00 59.60 ? 70  PHE A CD2 1 
ATOM   547  C  CE1 . PHE A 1 70 ? 11.801  -14.606 -6.187  1.00 72.07 ? 70  PHE A CE1 1 
ATOM   548  C  CE2 . PHE A 1 70 ? 12.002  -14.819 -8.576  1.00 62.34 ? 70  PHE A CE2 1 
ATOM   549  C  CZ  . PHE A 1 70 ? 11.222  -14.858 -7.429  1.00 68.56 ? 70  PHE A CZ  1 
ATOM   550  N  N   . PRO A 1 71 ? 14.345  -11.244 -5.419  1.00 51.70 ? 71  PRO A N   1 
ATOM   551  C  CA  . PRO A 1 71 ? 13.281  -10.938 -6.382  1.00 47.28 ? 71  PRO A CA  1 
ATOM   552  C  C   . PRO A 1 71 ? 13.736  -10.057 -7.545  1.00 43.60 ? 71  PRO A C   1 
ATOM   553  O  O   . PRO A 1 71 ? 14.793  -9.421  -7.493  1.00 41.77 ? 71  PRO A O   1 
ATOM   554  C  CB  . PRO A 1 71 ? 12.232  -10.244 -5.520  1.00 49.92 ? 71  PRO A CB  1 
ATOM   555  C  CG  . PRO A 1 71 ? 13.077  -9.513  -4.521  1.00 52.46 ? 71  PRO A CG  1 
ATOM   556  C  CD  . PRO A 1 71 ? 14.082  -10.578 -4.131  1.00 51.31 ? 71  PRO A CD  1 
ATOM   557  N  N   . ILE A 1 72 ? 12.924  -10.035 -8.597  1.00 41.80 ? 72  ILE A N   1 
ATOM   558  C  CA  . ILE A 1 72 ? 13.207  -9.239  -9.786  1.00 39.52 ? 72  ILE A CA  1 
ATOM   559  C  C   . ILE A 1 72 ? 12.917  -7.781  -9.459  1.00 39.73 ? 72  ILE A C   1 
ATOM   560  O  O   . ILE A 1 72 ? 11.850  -7.462  -8.925  1.00 39.33 ? 72  ILE A O   1 
ATOM   561  C  CB  . ILE A 1 72 ? 12.287  -9.650  -10.950 1.00 37.90 ? 72  ILE A CB  1 
ATOM   562  C  CG1 . ILE A 1 72 ? 12.429  -11.144 -11.229 1.00 34.10 ? 72  ILE A CG1 1 
ATOM   563  C  CG2 . ILE A 1 72 ? 12.607  -8.822  -12.190 1.00 39.71 ? 72  ILE A CG2 1 
ATOM   564  C  CD1 . ILE A 1 72 ? 11.422  -11.652 -12.228 1.00 30.81 ? 72  ILE A CD1 1 
ATOM   565  N  N   . ILE A 1 73 ? 13.854  -6.897  -9.779  1.00 39.30 ? 73  ILE A N   1 
ATOM   566  C  CA  . ILE A 1 73 ? 13.660  -5.478  -9.512  1.00 40.00 ? 73  ILE A CA  1 
ATOM   567  C  C   . ILE A 1 73 ? 13.647  -4.673  -10.804 1.00 39.03 ? 73  ILE A C   1 
ATOM   568  O  O   . ILE A 1 73 ? 14.626  -4.655  -11.543 1.00 35.99 ? 73  ILE A O   1 
ATOM   569  C  CB  . ILE A 1 73 ? 14.761  -4.925  -8.590  1.00 38.46 ? 73  ILE A CB  1 
ATOM   570  C  CG1 . ILE A 1 73 ? 14.785  -5.717  -7.279  1.00 39.69 ? 73  ILE A CG1 1 
ATOM   571  C  CG2 . ILE A 1 73 ? 14.499  -3.455  -8.299  1.00 38.02 ? 73  ILE A CG2 1 
ATOM   572  C  CD1 . ILE A 1 73 ? 15.849  -5.258  -6.299  1.00 42.55 ? 73  ILE A CD1 1 
ATOM   573  N  N   . LEU A 1 74 ? 12.527  -4.011  -11.069 1.00 39.12 ? 74  LEU A N   1 
ATOM   574  C  CA  . LEU A 1 74 ? 12.382  -3.200  -12.272 1.00 38.06 ? 74  LEU A CA  1 
ATOM   575  C  C   . LEU A 1 74 ? 12.206  -1.737  -11.908 1.00 38.65 ? 74  LEU A C   1 
ATOM   576  O  O   . LEU A 1 74 ? 11.520  -1.404  -10.939 1.00 34.95 ? 74  LEU A O   1 
ATOM   577  C  CB  . LEU A 1 74 ? 11.160  -3.628  -13.094 1.00 40.95 ? 74  LEU A CB  1 
ATOM   578  C  CG  . LEU A 1 74 ? 11.041  -5.021  -13.719 1.00 45.95 ? 74  LEU A CG  1 
ATOM   579  C  CD1 . LEU A 1 74 ? 10.945  -6.066  -12.625 1.00 57.65 ? 74  LEU A CD1 1 
ATOM   580  C  CD2 . LEU A 1 74 ? 9.787   -5.075  -14.591 1.00 39.43 ? 74  LEU A CD2 1 
ATOM   581  N  N   . GLN A 1 75 ? 12.814  -0.866  -12.699 1.00 34.96 ? 75  GLN A N   1 
ATOM   582  C  CA  . GLN A 1 75 ? 12.686  0.553   -12.458 1.00 35.69 ? 75  GLN A CA  1 
ATOM   583  C  C   . GLN A 1 75 ? 11.673  1.151   -13.416 1.00 37.08 ? 75  GLN A C   1 
ATOM   584  O  O   . GLN A 1 75 ? 11.713  0.899   -14.619 1.00 38.98 ? 75  GLN A O   1 
ATOM   585  C  CB  . GLN A 1 75 ? 14.042  1.250   -12.599 1.00 34.09 ? 75  GLN A CB  1 
ATOM   586  C  CG  . GLN A 1 75 ? 14.905  1.084   -11.361 1.00 39.41 ? 75  GLN A CG  1 
ATOM   587  C  CD  . GLN A 1 75 ? 16.185  1.882   -11.416 1.00 47.27 ? 75  GLN A CD  1 
ATOM   588  O  OE1 . GLN A 1 75 ? 16.196  3.027   -11.868 1.00 48.52 ? 75  GLN A OE1 1 
ATOM   589  N  NE2 . GLN A 1 75 ? 17.275  1.289   -10.937 1.00 51.03 ? 75  GLN A NE2 1 
ATOM   590  N  N   . ILE A 1 76 ? 10.738  1.916   -12.871 1.00 33.98 ? 76  ILE A N   1 
ATOM   591  C  CA  . ILE A 1 76 ? 9.738   2.559   -13.698 1.00 33.06 ? 76  ILE A CA  1 
ATOM   592  C  C   . ILE A 1 76 ? 10.389  3.835   -14.230 1.00 40.78 ? 76  ILE A C   1 
ATOM   593  O  O   . ILE A 1 76 ? 10.868  4.672   -13.455 1.00 38.49 ? 76  ILE A O   1 
ATOM   594  C  CB  . ILE A 1 76 ? 8.496   2.932   -12.880 1.00 28.76 ? 76  ILE A CB  1 
ATOM   595  C  CG1 . ILE A 1 76 ? 7.965   1.691   -12.159 1.00 25.60 ? 76  ILE A CG1 1 
ATOM   596  C  CG2 . ILE A 1 76 ? 7.434   3.537   -13.794 1.00 29.74 ? 76  ILE A CG2 1 
ATOM   597  C  CD1 . ILE A 1 76 ? 6.856   1.971   -11.190 1.00 23.68 ? 76  ILE A CD1 1 
ATOM   598  N  N   . PRO A 1 77 ? 10.448  3.987   -15.562 1.00 47.12 ? 77  PRO A N   1 
ATOM   599  C  CA  . PRO A 1 77 ? 11.066  5.203   -16.093 1.00 50.35 ? 77  PRO A CA  1 
ATOM   600  C  C   . PRO A 1 77 ? 10.298  6.430   -15.623 1.00 54.05 ? 77  PRO A C   1 
ATOM   601  O  O   . PRO A 1 77 ? 9.088   6.369   -15.400 1.00 52.58 ? 77  PRO A O   1 
ATOM   602  C  CB  . PRO A 1 77 ? 11.005  4.991   -17.607 1.00 50.60 ? 77  PRO A CB  1 
ATOM   603  C  CG  . PRO A 1 77 ? 9.803   4.098   -17.782 1.00 50.00 ? 77  PRO A CG  1 
ATOM   604  C  CD  . PRO A 1 77 ? 9.957   3.120   -16.646 1.00 46.58 ? 77  PRO A CD  1 
ATOM   605  N  N   . ASP A 1 78 ? 11.016  7.536   -15.464 1.00 59.72 ? 78  ASP A N   1 
ATOM   606  C  CA  . ASP A 1 78 ? 10.441  8.789   -14.997 1.00 65.91 ? 78  ASP A CA  1 
ATOM   607  C  C   . ASP A 1 78 ? 9.279   9.323   -15.837 1.00 69.53 ? 78  ASP A C   1 
ATOM   608  O  O   . ASP A 1 78 ? 8.726   10.376  -15.533 1.00 72.73 ? 78  ASP A O   1 
ATOM   609  C  CB  . ASP A 1 78 ? 11.544  9.846   -14.896 1.00 66.86 ? 78  ASP A CB  1 
ATOM   610  C  CG  . ASP A 1 78 ? 11.185  10.974  -13.951 1.00 72.06 ? 78  ASP A CG  1 
ATOM   611  O  OD1 . ASP A 1 78 ? 10.798  10.680  -12.799 1.00 77.77 ? 78  ASP A OD1 1 
ATOM   612  O  OD2 . ASP A 1 78 ? 11.296  12.152  -14.352 1.00 77.64 ? 78  ASP A OD2 1 
ATOM   613  N  N   . LYS A 1 79 ? 8.905   8.602   -16.888 1.00 77.10 ? 79  LYS A N   1 
ATOM   614  C  CA  . LYS A 1 79 ? 7.796   9.022   -17.741 1.00 81.01 ? 79  LYS A CA  1 
ATOM   615  C  C   . LYS A 1 79 ? 6.470   8.534   -17.152 1.00 83.82 ? 79  LYS A C   1 
ATOM   616  O  O   . LYS A 1 79 ? 5.483   9.271   -17.115 1.00 82.49 ? 79  LYS A O   1 
ATOM   617  C  CB  . LYS A 1 79 ? 7.983   8.471   -19.150 1.00 80.66 ? 79  LYS A CB  1 
ATOM   618  N  N   . PHE A 1 80 ? 6.459   7.285   -16.691 1.00 86.41 ? 80  PHE A N   1 
ATOM   619  C  CA  . PHE A 1 80 ? 5.265   6.691   -16.094 1.00 86.99 ? 80  PHE A CA  1 
ATOM   620  C  C   . PHE A 1 80 ? 5.192   7.034   -14.613 1.00 86.69 ? 80  PHE A C   1 
ATOM   621  O  O   . PHE A 1 80 ? 4.211   7.613   -14.149 1.00 86.71 ? 80  PHE A O   1 
ATOM   622  C  CB  . PHE A 1 80 ? 5.280   5.169   -16.251 1.00 87.78 ? 80  PHE A CB  1 
ATOM   623  C  CG  . PHE A 1 80 ? 5.272   4.703   -17.677 1.00 90.69 ? 80  PHE A CG  1 
ATOM   624  C  CD1 . PHE A 1 80 ? 6.406   4.831   -18.475 1.00 94.23 ? 80  PHE A CD1 1 
ATOM   625  C  CD2 . PHE A 1 80 ? 4.128   4.131   -18.226 1.00 95.35 ? 80  PHE A CD2 1 
ATOM   626  C  CE1 . PHE A 1 80 ? 6.398   4.391   -19.800 1.00 97.84 ? 80  PHE A CE1 1 
ATOM   627  C  CE2 . PHE A 1 80 ? 4.112   3.690   -19.549 1.00 94.96 ? 80  PHE A CE2 1 
ATOM   628  C  CZ  . PHE A 1 80 ? 5.249   3.822   -20.335 1.00 96.33 ? 80  PHE A CZ  1 
ATOM   629  N  N   . ASP A 1 87 ? -5.465  15.936  -9.154  1.00 98.99 ? 87  ASP A N   1 
ATOM   630  C  CA  . ASP A 1 87 ? -6.876  15.726  -8.854  1.00 98.62 ? 87  ASP A CA  1 
ATOM   631  C  C   . ASP A 1 87 ? -7.675  15.553  -10.139 1.00 98.94 ? 87  ASP A C   1 
ATOM   632  O  O   . ASP A 1 87 ? -8.865  15.866  -10.189 1.00 98.27 ? 87  ASP A O   1 
ATOM   633  C  CB  . ASP A 1 87 ? -7.417  16.904  -8.053  1.00 98.28 ? 87  ASP A CB  1 
ATOM   634  N  N   . ILE A 1 88 ? -7.011  15.055  -11.178 1.00 99.73 ? 88  ILE A N   1 
ATOM   635  C  CA  . ILE A 1 88 ? -7.651  14.838  -12.472 1.00 98.64 ? 88  ILE A CA  1 
ATOM   636  C  C   . ILE A 1 88 ? -8.445  13.537  -12.452 1.00 96.80 ? 88  ILE A C   1 
ATOM   637  O  O   . ILE A 1 88 ? -9.506  13.426  -13.071 1.00 95.94 ? 88  ILE A O   1 
ATOM   638  C  CB  . ILE A 1 88 ? -6.596  14.793  -13.574 1.00 98.95 ? 88  ILE A CB  1 
ATOM   639  N  N   . LEU A 1 89 ? -7.920  12.557  -11.730 1.00 94.82 ? 89  LEU A N   1 
ATOM   640  C  CA  . LEU A 1 89 ? -8.559  11.256  -11.619 1.00 93.43 ? 89  LEU A CA  1 
ATOM   641  C  C   . LEU A 1 89 ? -9.674  11.312  -10.576 1.00 91.55 ? 89  LEU A C   1 
ATOM   642  O  O   . LEU A 1 89 ? -10.197 10.278  -10.152 1.00 90.07 ? 89  LEU A O   1 
ATOM   643  C  CB  . LEU A 1 89 ? -7.513  10.212  -11.226 1.00 94.27 ? 89  LEU A CB  1 
ATOM   644  C  CG  . LEU A 1 89 ? -7.580  8.835   -11.892 1.00 95.34 ? 89  LEU A CG  1 
ATOM   645  C  CD1 . LEU A 1 89 ? -6.298  8.077   -11.587 1.00 95.17 ? 89  LEU A CD1 1 
ATOM   646  C  CD2 . LEU A 1 89 ? -8.799  8.067   -11.406 1.00 98.94 ? 89  LEU A CD2 1 
ATOM   647  N  N   . ARG A 1 90 ? -10.036 12.526  -10.165 1.00 88.83 ? 90  ARG A N   1 
ATOM   648  C  CA  . ARG A 1 90 ? -11.091 12.710  -9.173  1.00 86.66 ? 90  ARG A CA  1 
ATOM   649  C  C   . ARG A 1 90 ? -12.459 12.554  -9.824  1.00 85.17 ? 90  ARG A C   1 
ATOM   650  O  O   . ARG A 1 90 ? -13.401 12.065  -9.201  1.00 85.39 ? 90  ARG A O   1 
ATOM   651  C  CB  . ARG A 1 90 ? -10.979 14.087  -8.504  1.00 86.40 ? 90  ARG A CB  1 
ATOM   652  C  CG  . ARG A 1 90 ? -11.796 14.202  -7.220  1.00 81.79 ? 90  ARG A CG  1 
ATOM   653  C  CD  . ARG A 1 90 ? -11.303 15.326  -6.310  1.00 79.96 ? 90  ARG A CD  1 
ATOM   654  N  NE  . ARG A 1 90 ? -11.907 16.622  -6.610  1.00 76.22 ? 90  ARG A NE  1 
ATOM   655  C  CZ  . ARG A 1 90 ? -11.652 17.738  -5.929  1.00 74.40 ? 90  ARG A CZ  1 
ATOM   656  N  NH1 . ARG A 1 90 ? -10.799 17.720  -4.909  1.00 64.08 ? 90  ARG A NH1 1 
ATOM   657  N  NH2 . ARG A 1 90 ? -12.256 18.872  -6.262  1.00 65.62 ? 90  ARG A NH2 1 
ATOM   658  N  N   . ASP A 1 91 ? -12.564 12.970  -11.083 1.00 83.11 ? 91  ASP A N   1 
ATOM   659  C  CA  . ASP A 1 91 ? -13.815 12.855  -11.817 1.00 79.94 ? 91  ASP A CA  1 
ATOM   660  C  C   . ASP A 1 91 ? -13.980 11.405  -12.250 1.00 77.50 ? 91  ASP A C   1 
ATOM   661  O  O   . ASP A 1 91 ? -15.084 10.858  -12.243 1.00 74.67 ? 91  ASP A O   1 
ATOM   662  C  CB  . ASP A 1 91 ? -13.793 13.764  -13.035 1.00 81.58 ? 91  ASP A CB  1 
ATOM   663  N  N   . VAL A 1 92 ? -12.863 10.791  -12.626 1.00 76.58 ? 92  VAL A N   1 
ATOM   664  C  CA  . VAL A 1 92 ? -12.853 9.404   -13.065 1.00 75.12 ? 92  VAL A CA  1 
ATOM   665  C  C   . VAL A 1 92 ? -13.261 8.492   -11.915 1.00 75.93 ? 92  VAL A C   1 
ATOM   666  O  O   . VAL A 1 92 ? -14.033 7.553   -12.101 1.00 75.85 ? 92  VAL A O   1 
ATOM   667  C  CB  . VAL A 1 92 ? -11.447 8.985   -13.556 1.00 76.04 ? 92  VAL A CB  1 
ATOM   668  C  CG1 . VAL A 1 92 ? -11.460 7.528   -13.995 1.00 74.61 ? 92  VAL A CG1 1 
ATOM   669  C  CG2 . VAL A 1 92 ? -11.008 9.881   -14.705 1.00 72.60 ? 92  VAL A CG2 1 
ATOM   670  N  N   . VAL A 1 93 ? -12.742 8.777   -10.726 1.00 77.16 ? 93  VAL A N   1 
ATOM   671  C  CA  . VAL A 1 93 ? -13.051 7.972   -9.549  1.00 77.96 ? 93  VAL A CA  1 
ATOM   672  C  C   . VAL A 1 93 ? -14.538 8.010   -9.224  1.00 77.61 ? 93  VAL A C   1 
ATOM   673  O  O   . VAL A 1 93 ? -15.206 6.978   -9.219  1.00 76.50 ? 93  VAL A O   1 
ATOM   674  C  CB  . VAL A 1 93 ? -12.241 8.463   -8.352  1.00 77.54 ? 93  VAL A CB  1 
ATOM   675  N  N   . ARG A 1 94 ? -15.046 9.210   -8.956  1.00 78.43 ? 94  ARG A N   1 
ATOM   676  C  CA  . ARG A 1 94 ? -16.451 9.408   -8.618  1.00 78.82 ? 94  ARG A CA  1 
ATOM   677  C  C   . ARG A 1 94 ? -17.396 8.799   -9.653  1.00 78.02 ? 94  ARG A C   1 
ATOM   678  O  O   . ARG A 1 94 ? -18.382 8.153   -9.296  1.00 76.17 ? 94  ARG A O   1 
ATOM   679  C  CB  . ARG A 1 94 ? -16.740 10.905  -8.462  1.00 80.20 ? 94  ARG A CB  1 
ATOM   680  C  CG  . ARG A 1 94 ? -15.906 11.588  -7.384  1.00 83.10 ? 94  ARG A CG  1 
ATOM   681  C  CD  . ARG A 1 94 ? -16.115 13.102  -7.366  1.00 84.10 ? 94  ARG A CD  1 
ATOM   682  N  NE  . ARG A 1 94 ? -16.836 13.556  -6.179  1.00 95.48 ? 94  ARG A NE  1 
ATOM   683  C  CZ  . ARG A 1 94 ? -18.123 13.317  -5.944  1.00 97.88 ? 94  ARG A CZ  1 
ATOM   684  N  NH1 . ARG A 1 94 ? -18.842 12.626  -6.819  1.00 99.43 ? 94  ARG A NH1 1 
ATOM   685  N  NH2 . ARG A 1 94 ? -18.690 13.763  -4.830  1.00 97.13 ? 94  ARG A NH2 1 
ATOM   686  N  N   . ARG A 1 95 ? -17.095 9.004   -10.932 1.00 78.08 ? 95  ARG A N   1 
ATOM   687  C  CA  . ARG A 1 95 ? -17.931 8.468   -11.999 1.00 80.31 ? 95  ARG A CA  1 
ATOM   688  C  C   . ARG A 1 95 ? -17.873 6.945   -12.001 1.00 81.90 ? 95  ARG A C   1 
ATOM   689  O  O   . ARG A 1 95 ? -18.881 6.276   -12.227 1.00 81.90 ? 95  ARG A O   1 
ATOM   690  C  CB  . ARG A 1 95 ? -17.475 9.012   -13.348 1.00 79.31 ? 95  ARG A CB  1 
ATOM   691  N  N   . ALA A 1 96 ? -16.686 6.406   -11.744 1.00 84.70 ? 96  ALA A N   1 
ATOM   692  C  CA  . ALA A 1 96 ? -16.488 4.962   -11.715 1.00 87.35 ? 96  ALA A CA  1 
ATOM   693  C  C   . ALA A 1 96 ? -17.336 4.315   -10.625 1.00 89.31 ? 96  ALA A C   1 
ATOM   694  O  O   . ALA A 1 96 ? -18.257 3.551   -10.915 1.00 91.25 ? 96  ALA A O   1 
ATOM   695  C  CB  . ALA A 1 96 ? -15.015 4.643   -11.493 1.00 87.14 ? 96  ALA A CB  1 
ATOM   696  N  N   . ILE A 1 97 ? -17.025 4.626   -9.370  1.00 91.20 ? 97  ILE A N   1 
ATOM   697  C  CA  . ILE A 1 97 ? -17.766 4.069   -8.245  1.00 92.84 ? 97  ILE A CA  1 
ATOM   698  C  C   . ILE A 1 97 ? -18.994 4.920   -7.934  1.00 94.45 ? 97  ILE A C   1 
ATOM   699  O  O   . ILE A 1 97 ? -19.131 5.344   -6.767  1.00 97.18 ? 97  ILE A O   1 
ATOM   700  C  CB  . ILE A 1 97 ? -16.863 3.982   -7.020  1.00 92.68 ? 97  ILE A CB  1 
HETATM 701  N  N   . MSE B 1 1  ? -1.317  14.484  11.473  1.00 54.68 ? 1   MSE B N   1 
HETATM 702  C  CA  . MSE B 1 1  ? -2.012  13.300  12.051  1.00 55.20 ? 1   MSE B CA  1 
HETATM 703  C  C   . MSE B 1 1  ? -2.566  12.469  10.898  1.00 52.66 ? 1   MSE B C   1 
HETATM 704  O  O   . MSE B 1 1  ? -3.200  13.008  9.987   1.00 50.02 ? 1   MSE B O   1 
HETATM 705  C  CB  . MSE B 1 1  ? -3.141  13.757  12.969  1.00 58.04 ? 1   MSE B CB  1 
HETATM 706  C  CG  . MSE B 1 1  ? -3.713  12.644  13.820  1.00 68.05 ? 1   MSE B CG  1 
HETATM 707  SE SE  . MSE B 1 1  ? -2.336  11.723  14.824  1.00 82.72 ? 1   MSE B SE  1 
HETATM 708  C  CE  . MSE B 1 1  ? -1.889  13.126  16.070  1.00 73.48 ? 1   MSE B CE  1 
ATOM   709  N  N   . LYS B 1 2  ? -2.351  11.156  10.938  1.00 48.16 ? 2   LYS B N   1 
ATOM   710  C  CA  . LYS B 1 2  ? -2.797  10.318  9.831   1.00 47.51 ? 2   LYS B CA  1 
ATOM   711  C  C   . LYS B 1 2  ? -3.882  9.268   10.046  1.00 42.14 ? 2   LYS B C   1 
ATOM   712  O  O   . LYS B 1 2  ? -4.048  8.696   11.128  1.00 39.88 ? 2   LYS B O   1 
ATOM   713  C  CB  . LYS B 1 2  ? -1.585  9.631   9.197   1.00 47.20 ? 2   LYS B CB  1 
ATOM   714  C  CG  . LYS B 1 2  ? -0.432  10.581  8.929   1.00 52.63 ? 2   LYS B CG  1 
ATOM   715  C  CD  . LYS B 1 2  ? 0.683   9.916   8.149   1.00 60.12 ? 2   LYS B CD  1 
ATOM   716  C  CE  . LYS B 1 2  ? 2.003   10.654  8.362   1.00 65.90 ? 2   LYS B CE  1 
ATOM   717  N  NZ  . LYS B 1 2  ? 1.871   12.136  8.228   1.00 61.97 ? 2   LYS B NZ  1 
ATOM   718  N  N   . ILE B 1 3  ? -4.618  9.037   8.967   1.00 39.35 ? 3   ILE B N   1 
ATOM   719  C  CA  . ILE B 1 3  ? -5.670  8.039   8.926   1.00 35.60 ? 3   ILE B CA  1 
ATOM   720  C  C   . ILE B 1 3  ? -5.141  6.938   8.015   1.00 34.99 ? 3   ILE B C   1 
ATOM   721  O  O   . ILE B 1 3  ? -4.732  7.196   6.875   1.00 34.96 ? 3   ILE B O   1 
ATOM   722  C  CB  . ILE B 1 3  ? -6.963  8.604   8.333   1.00 34.30 ? 3   ILE B CB  1 
ATOM   723  C  CG1 . ILE B 1 3  ? -7.528  9.678   9.265   1.00 33.46 ? 3   ILE B CG1 1 
ATOM   724  C  CG2 . ILE B 1 3  ? -7.975  7.475   8.122   1.00 25.61 ? 3   ILE B CG2 1 
ATOM   725  C  CD1 . ILE B 1 3  ? -8.695  10.442  8.672   1.00 35.00 ? 3   ILE B CD1 1 
ATOM   726  N  N   . VAL B 1 4  ? -5.154  5.715   8.529   1.00 35.46 ? 4   VAL B N   1 
ATOM   727  C  CA  . VAL B 1 4  ? -4.659  4.558   7.796   1.00 33.17 ? 4   VAL B CA  1 
ATOM   728  C  C   . VAL B 1 4  ? -5.731  3.505   7.523   1.00 29.12 ? 4   VAL B C   1 
ATOM   729  O  O   . VAL B 1 4  ? -6.627  3.289   8.333   1.00 29.97 ? 4   VAL B O   1 
ATOM   730  C  CB  . VAL B 1 4  ? -3.518  3.881   8.582   1.00 29.95 ? 4   VAL B CB  1 
ATOM   731  C  CG1 . VAL B 1 4  ? -3.000  2.661   7.827   1.00 28.59 ? 4   VAL B CG1 1 
ATOM   732  C  CG2 . VAL B 1 4  ? -2.399  4.886   8.816   1.00 34.58 ? 4   VAL B CG2 1 
ATOM   733  N  N   . VAL B 1 5  ? -5.623  2.845   6.378   1.00 27.38 ? 5   VAL B N   1 
ATOM   734  C  CA  . VAL B 1 5  ? -6.555  1.789   6.032   1.00 28.83 ? 5   VAL B CA  1 
ATOM   735  C  C   . VAL B 1 5  ? -5.792  0.489   5.730   1.00 28.36 ? 5   VAL B C   1 
ATOM   736  O  O   . VAL B 1 5  ? -4.731  0.508   5.109   1.00 27.08 ? 5   VAL B O   1 
ATOM   737  C  CB  . VAL B 1 5  ? -7.421  2.178   4.805   1.00 30.10 ? 5   VAL B CB  1 
ATOM   738  C  CG1 . VAL B 1 5  ? -6.545  2.433   3.600   1.00 26.72 ? 5   VAL B CG1 1 
ATOM   739  C  CG2 . VAL B 1 5  ? -8.425  1.072   4.509   1.00 23.06 ? 5   VAL B CG2 1 
HETATM 740  N  N   . MSE B 1 6  ? -6.330  -0.629  6.206   1.00 27.77 ? 6   MSE B N   1 
HETATM 741  C  CA  . MSE B 1 6  ? -5.741  -1.945  5.979   1.00 29.74 ? 6   MSE B CA  1 
HETATM 742  C  C   . MSE B 1 6  ? -6.865  -2.814  5.428   1.00 28.38 ? 6   MSE B C   1 
HETATM 743  O  O   . MSE B 1 6  ? -7.979  -2.797  5.958   1.00 28.73 ? 6   MSE B O   1 
HETATM 744  C  CB  . MSE B 1 6  ? -5.235  -2.563  7.286   1.00 27.32 ? 6   MSE B CB  1 
HETATM 745  C  CG  . MSE B 1 6  ? -4.441  -1.621  8.177   1.00 34.13 ? 6   MSE B CG  1 
HETATM 746  SE SE  . MSE B 1 6  ? -3.823  -2.474  9.813   1.00 48.26 ? 6   MSE B SE  1 
HETATM 747  C  CE  . MSE B 1 6  ? -5.513  -2.621  10.762  1.00 69.84 ? 6   MSE B CE  1 
ATOM   748  N  N   . GLY B 1 7  ? -6.573  -3.570  4.372   1.00 28.24 ? 7   GLY B N   1 
ATOM   749  C  CA  . GLY B 1 7  ? -7.585  -4.426  3.781   1.00 25.61 ? 7   GLY B CA  1 
ATOM   750  C  C   . GLY B 1 7  ? -7.160  -4.969  2.435   1.00 28.36 ? 7   GLY B C   1 
ATOM   751  O  O   . GLY B 1 7  ? -5.969  -4.998  2.113   1.00 32.48 ? 7   GLY B O   1 
ATOM   752  N  N   . ASP B 1 8  ? -8.139  -5.402  1.647   1.00 29.74 ? 8   ASP B N   1 
ATOM   753  C  CA  . ASP B 1 8  ? -7.877  -5.952  0.322   1.00 30.80 ? 8   ASP B CA  1 
ATOM   754  C  C   . ASP B 1 8  ? -7.594  -4.805  -0.638  1.00 32.10 ? 8   ASP B C   1 
ATOM   755  O  O   . ASP B 1 8  ? -7.890  -3.646  -0.340  1.00 32.27 ? 8   ASP B O   1 
ATOM   756  C  CB  . ASP B 1 8  ? -9.089  -6.742  -0.174  1.00 30.57 ? 8   ASP B CB  1 
ATOM   757  C  CG  . ASP B 1 8  ? -10.317 -5.865  -0.331  1.00 33.74 ? 8   ASP B CG  1 
ATOM   758  O  OD1 . ASP B 1 8  ? -10.935 -5.521  0.704   1.00 36.04 ? 8   ASP B OD1 1 
ATOM   759  O  OD2 . ASP B 1 8  ? -10.649 -5.495  -1.480  1.00 38.51 ? 8   ASP B OD2 1 
ATOM   760  N  N   . SER B 1 9  ? -7.043  -5.137  -1.799  1.00 33.10 ? 9   SER B N   1 
ATOM   761  C  CA  . SER B 1 9  ? -6.696  -4.142  -2.809  1.00 36.74 ? 9   SER B CA  1 
ATOM   762  C  C   . SER B 1 9  ? -7.814  -3.184  -3.243  1.00 37.48 ? 9   SER B C   1 
ATOM   763  O  O   . SER B 1 9  ? -7.618  -1.969  -3.256  1.00 37.57 ? 9   SER B O   1 
ATOM   764  C  CB  . SER B 1 9  ? -6.116  -4.846  -4.040  1.00 37.96 ? 9   SER B CB  1 
ATOM   765  O  OG  . SER B 1 9  ? -4.848  -5.412  -3.737  1.00 43.29 ? 9   SER B OG  1 
ATOM   766  N  N   . ASP B 1 10 ? -8.973  -3.725  -3.608  1.00 38.33 ? 10  ASP B N   1 
ATOM   767  C  CA  . ASP B 1 10 ? -10.095 -2.898  -4.056  1.00 36.40 ? 10  ASP B CA  1 
ATOM   768  C  C   . ASP B 1 10 ? -10.491 -1.859  -3.008  1.00 33.13 ? 10  ASP B C   1 
ATOM   769  O  O   . ASP B 1 10 ? -10.622 -0.673  -3.313  1.00 32.48 ? 10  ASP B O   1 
ATOM   770  C  CB  . ASP B 1 10 ? -11.292 -3.789  -4.395  1.00 38.37 ? 10  ASP B CB  1 
ATOM   771  C  CG  . ASP B 1 10 ? -11.554 -3.867  -5.892  1.00 43.88 ? 10  ASP B CG  1 
ATOM   772  O  OD1 . ASP B 1 10 ? -10.581 -3.950  -6.675  1.00 42.85 ? 10  ASP B OD1 1 
ATOM   773  O  OD2 . ASP B 1 10 ? -12.741 -3.855  -6.289  1.00 52.76 ? 10  ASP B OD2 1 
ATOM   774  N  N   . THR B 1 11 ? -10.666 -2.313  -1.773  1.00 32.24 ? 11  THR B N   1 
ATOM   775  C  CA  . THR B 1 11 ? -11.018 -1.430  -0.674  1.00 32.79 ? 11  THR B CA  1 
ATOM   776  C  C   . THR B 1 11 ? -9.933  -0.374  -0.497  1.00 34.31 ? 11  THR B C   1 
ATOM   777  O  O   . THR B 1 11 ? -10.203 0.826   -0.477  1.00 36.76 ? 11  THR B O   1 
ATOM   778  C  CB  . THR B 1 11 ? -11.150 -2.230  0.639   1.00 34.69 ? 11  THR B CB  1 
ATOM   779  O  OG1 . THR B 1 11 ? -12.205 -3.187  0.500   1.00 39.54 ? 11  THR B OG1 1 
ATOM   780  C  CG2 . THR B 1 11 ? -11.455 -1.307  1.825   1.00 32.37 ? 11  THR B CG2 1 
ATOM   781  N  N   . VAL B 1 12 ? -8.698  -0.840  -0.369  1.00 33.73 ? 12  VAL B N   1 
ATOM   782  C  CA  . VAL B 1 12 ? -7.554  0.042   -0.178  1.00 32.70 ? 12  VAL B CA  1 
ATOM   783  C  C   . VAL B 1 12 ? -7.433  1.151   -1.234  1.00 31.95 ? 12  VAL B C   1 
ATOM   784  O  O   . VAL B 1 12 ? -7.301  2.328   -0.890  1.00 31.80 ? 12  VAL B O   1 
ATOM   785  C  CB  . VAL B 1 12 ? -6.246  -0.796  -0.127  1.00 33.31 ? 12  VAL B CB  1 
ATOM   786  C  CG1 . VAL B 1 12 ? -5.039  0.081   -0.391  1.00 38.26 ? 12  VAL B CG1 1 
ATOM   787  C  CG2 . VAL B 1 12 ? -6.123  -1.463  1.249   1.00 30.21 ? 12  VAL B CG2 1 
ATOM   788  N  N   . VAL B 1 13 ? -7.475  0.788   -2.511  1.00 30.32 ? 13  VAL B N   1 
ATOM   789  C  CA  . VAL B 1 13 ? -7.357  1.799   -3.559  1.00 32.32 ? 13  VAL B CA  1 
ATOM   790  C  C   . VAL B 1 13 ? -8.520  2.795   -3.487  1.00 32.01 ? 13  VAL B C   1 
ATOM   791  O  O   . VAL B 1 13 ? -8.353  3.980   -3.773  1.00 32.93 ? 13  VAL B O   1 
ATOM   792  C  CB  . VAL B 1 13 ? -7.314  1.157   -4.976  1.00 32.22 ? 13  VAL B CB  1 
ATOM   793  C  CG1 . VAL B 1 13 ? -8.639  0.508   -5.296  1.00 35.13 ? 13  VAL B CG1 1 
ATOM   794  C  CG2 . VAL B 1 13 ? -6.989  2.214   -6.016  1.00 40.12 ? 13  VAL B CG2 1 
ATOM   795  N  N   . GLY B 1 14 ? -9.693  2.314   -3.092  1.00 29.12 ? 14  GLY B N   1 
ATOM   796  C  CA  . GLY B 1 14 ? -10.847 3.190   -2.981  1.00 29.14 ? 14  GLY B CA  1 
ATOM   797  C  C   . GLY B 1 14 ? -10.709 4.193   -1.846  1.00 29.15 ? 14  GLY B C   1 
ATOM   798  O  O   . GLY B 1 14 ? -10.960 5.387   -2.024  1.00 29.54 ? 14  GLY B O   1 
ATOM   799  N  N   . PHE B 1 15 ? -10.308 3.711   -0.673  1.00 30.18 ? 15  PHE B N   1 
ATOM   800  C  CA  . PHE B 1 15 ? -10.142 4.590   0.476   1.00 31.83 ? 15  PHE B CA  1 
ATOM   801  C  C   . PHE B 1 15 ? -8.972  5.555   0.316   1.00 31.98 ? 15  PHE B C   1 
ATOM   802  O  O   . PHE B 1 15 ? -9.053  6.692   0.772   1.00 35.56 ? 15  PHE B O   1 
ATOM   803  C  CB  . PHE B 1 15 ? -10.000 3.768   1.766   1.00 29.80 ? 15  PHE B CB  1 
ATOM   804  C  CG  . PHE B 1 15 ? -11.315 3.274   2.301   1.00 29.83 ? 15  PHE B CG  1 
ATOM   805  C  CD1 . PHE B 1 15 ? -11.908 3.888   3.400   1.00 29.59 ? 15  PHE B CD1 1 
ATOM   806  C  CD2 . PHE B 1 15 ? -11.992 2.231   1.673   1.00 27.53 ? 15  PHE B CD2 1 
ATOM   807  C  CE1 . PHE B 1 15 ? -13.152 3.475   3.864   1.00 30.37 ? 15  PHE B CE1 1 
ATOM   808  C  CE2 . PHE B 1 15 ? -13.241 1.812   2.131   1.00 33.20 ? 15  PHE B CE2 1 
ATOM   809  C  CZ  . PHE B 1 15 ? -13.818 2.438   3.231   1.00 34.38 ? 15  PHE B CZ  1 
ATOM   810  N  N   . ARG B 1 16 ? -7.892  5.115   -0.324  1.00 29.80 ? 16  ARG B N   1 
ATOM   811  C  CA  . ARG B 1 16 ? -6.749  6.001   -0.538  1.00 33.06 ? 16  ARG B CA  1 
ATOM   812  C  C   . ARG B 1 16 ? -7.205  7.115   -1.482  1.00 33.59 ? 16  ARG B C   1 
ATOM   813  O  O   . ARG B 1 16 ? -6.847  8.277   -1.309  1.00 36.15 ? 16  ARG B O   1 
ATOM   814  C  CB  . ARG B 1 16 ? -5.571  5.245   -1.162  1.00 35.01 ? 16  ARG B CB  1 
ATOM   815  C  CG  . ARG B 1 16 ? -4.325  6.100   -1.361  1.00 35.54 ? 16  ARG B CG  1 
ATOM   816  C  CD  . ARG B 1 16 ? -3.650  6.455   -0.044  1.00 39.14 ? 16  ARG B CD  1 
ATOM   817  N  NE  . ARG B 1 16 ? -2.510  7.351   -0.243  1.00 42.92 ? 16  ARG B NE  1 
ATOM   818  C  CZ  . ARG B 1 16 ? -2.615  8.657   -0.472  1.00 42.38 ? 16  ARG B CZ  1 
ATOM   819  N  NH1 . ARG B 1 16 ? -3.813  9.229   -0.524  1.00 39.83 ? 16  ARG B NH1 1 
ATOM   820  N  NH2 . ARG B 1 16 ? -1.524  9.391   -0.666  1.00 44.42 ? 16  ARG B NH2 1 
ATOM   821  N  N   . LEU B 1 17 ? -8.000  6.751   -2.482  1.00 32.19 ? 17  LEU B N   1 
ATOM   822  C  CA  . LEU B 1 17 ? -8.519  7.737   -3.421  1.00 34.02 ? 17  LEU B CA  1 
ATOM   823  C  C   . LEU B 1 17 ? -9.549  8.630   -2.731  1.00 35.20 ? 17  LEU B C   1 
ATOM   824  O  O   . LEU B 1 17 ? -9.751  9.775   -3.131  1.00 34.12 ? 17  LEU B O   1 
ATOM   825  C  CB  . LEU B 1 17 ? -9.168  7.049   -4.629  1.00 33.20 ? 17  LEU B CB  1 
ATOM   826  C  CG  . LEU B 1 17 ? -8.255  6.691   -5.812  1.00 40.44 ? 17  LEU B CG  1 
ATOM   827  C  CD1 . LEU B 1 17 ? -6.994  5.992   -5.313  1.00 52.05 ? 17  LEU B CD1 1 
ATOM   828  C  CD2 . LEU B 1 17 ? -9.014  5.794   -6.786  1.00 37.49 ? 17  LEU B CD2 1 
ATOM   829  N  N   . ALA B 1 18 ? -10.191 8.107   -1.690  1.00 35.66 ? 18  ALA B N   1 
ATOM   830  C  CA  . ALA B 1 18 ? -11.204 8.871   -0.972  1.00 32.16 ? 18  ALA B CA  1 
ATOM   831  C  C   . ALA B 1 18 ? -10.625 9.819   0.084   1.00 30.81 ? 18  ALA B C   1 
ATOM   832  O  O   . ALA B 1 18 ? -11.372 10.536  0.758   1.00 31.88 ? 18  ALA B O   1 
ATOM   833  C  CB  . ALA B 1 18 ? -12.225 7.923   -0.339  1.00 30.35 ? 18  ALA B CB  1 
ATOM   834  N  N   . GLY B 1 19 ? -9.304  9.819   0.236   1.00 30.66 ? 19  GLY B N   1 
ATOM   835  C  CA  . GLY B 1 19 ? -8.698  10.727  1.192   1.00 31.70 ? 19  GLY B CA  1 
ATOM   836  C  C   . GLY B 1 19 ? -7.809  10.137  2.269   1.00 36.94 ? 19  GLY B C   1 
ATOM   837  O  O   . GLY B 1 19 ? -7.077  10.874  2.939   1.00 37.11 ? 19  GLY B O   1 
ATOM   838  N  N   . VAL B 1 20 ? -7.873  8.824   2.456   1.00 35.04 ? 20  VAL B N   1 
ATOM   839  C  CA  . VAL B 1 20 ? -7.045  8.170   3.463   1.00 37.64 ? 20  VAL B CA  1 
ATOM   840  C  C   . VAL B 1 20 ? -5.562  8.406   3.157   1.00 38.83 ? 20  VAL B C   1 
ATOM   841  O  O   . VAL B 1 20 ? -5.132  8.274   2.009   1.00 40.22 ? 20  VAL B O   1 
ATOM   842  C  CB  . VAL B 1 20 ? -7.357  6.653   3.514   1.00 37.65 ? 20  VAL B CB  1 
ATOM   843  C  CG1 . VAL B 1 20 ? -6.360  5.934   4.397   1.00 36.29 ? 20  VAL B CG1 1 
ATOM   844  C  CG2 . VAL B 1 20 ? -8.769  6.451   4.044   1.00 32.81 ? 20  VAL B CG2 1 
ATOM   845  N  N   . HIS B 1 21 ? -4.792  8.761   4.183   1.00 39.71 ? 21  HIS B N   1 
ATOM   846  C  CA  . HIS B 1 21 ? -3.364  9.044   4.024   1.00 40.21 ? 21  HIS B CA  1 
ATOM   847  C  C   . HIS B 1 21 ? -2.508  7.839   3.661   1.00 42.16 ? 21  HIS B C   1 
ATOM   848  O  O   . HIS B 1 21 ? -1.735  7.896   2.713   1.00 44.08 ? 21  HIS B O   1 
ATOM   849  C  CB  . HIS B 1 21 ? -2.796  9.682   5.294   1.00 38.75 ? 21  HIS B CB  1 
ATOM   850  C  CG  . HIS B 1 21 ? -3.486  10.945  5.696   1.00 46.77 ? 21  HIS B CG  1 
ATOM   851  N  ND1 . HIS B 1 21 ? -4.645  10.957  6.448   1.00 42.75 ? 21  HIS B ND1 1 
ATOM   852  C  CD2 . HIS B 1 21 ? -3.196  12.244  5.442   1.00 42.57 ? 21  HIS B CD2 1 
ATOM   853  C  CE1 . HIS B 1 21 ? -5.032  12.201  6.640   1.00 47.99 ? 21  HIS B CE1 1 
ATOM   854  N  NE2 . HIS B 1 21 ? -4.169  13.007  6.039   1.00 45.69 ? 21  HIS B NE2 1 
ATOM   855  N  N   . GLU B 1 22 ? -2.639  6.755   4.419   1.00 40.62 ? 22  GLU B N   1 
ATOM   856  C  CA  . GLU B 1 22 ? -1.863  5.544   4.173   1.00 35.12 ? 22  GLU B CA  1 
ATOM   857  C  C   . GLU B 1 22 ? -2.759  4.331   3.980   1.00 32.73 ? 22  GLU B C   1 
ATOM   858  O  O   . GLU B 1 22 ? -3.807  4.210   4.616   1.00 33.31 ? 22  GLU B O   1 
ATOM   859  C  CB  . GLU B 1 22 ? -0.888  5.298   5.332   1.00 36.48 ? 22  GLU B CB  1 
ATOM   860  C  CG  . GLU B 1 22 ? 0.418   6.077   5.220   1.00 37.08 ? 22  GLU B CG  1 
ATOM   861  C  CD  . GLU B 1 22 ? 1.235   6.052   6.503   1.00 36.85 ? 22  GLU B CD  1 
ATOM   862  O  OE1 . GLU B 1 22 ? 1.280   4.998   7.173   1.00 40.34 ? 22  GLU B OE1 1 
ATOM   863  O  OE2 . GLU B 1 22 ? 1.849   7.090   6.837   1.00 41.69 ? 22  GLU B OE2 1 
ATOM   864  N  N   . ALA B 1 23 ? -2.337  3.428   3.104   1.00 32.98 ? 23  ALA B N   1 
ATOM   865  C  CA  . ALA B 1 23 ? -3.110  2.226   2.814   1.00 30.78 ? 23  ALA B CA  1 
ATOM   866  C  C   . ALA B 1 23 ? -2.212  0.998   2.660   1.00 33.25 ? 23  ALA B C   1 
ATOM   867  O  O   . ALA B 1 23 ? -1.190  1.056   1.973   1.00 33.60 ? 23  ALA B O   1 
ATOM   868  C  CB  . ALA B 1 23 ? -3.922  2.440   1.546   1.00 32.74 ? 23  ALA B CB  1 
ATOM   869  N  N   . TYR B 1 24 ? -2.603  -0.107  3.293   1.00 31.27 ? 24  TYR B N   1 
ATOM   870  C  CA  . TYR B 1 24 ? -1.839  -1.355  3.229   1.00 29.56 ? 24  TYR B CA  1 
ATOM   871  C  C   . TYR B 1 24 ? -2.729  -2.529  2.822   1.00 28.15 ? 24  TYR B C   1 
ATOM   872  O  O   . TYR B 1 24 ? -3.713  -2.845  3.506   1.00 28.68 ? 24  TYR B O   1 
ATOM   873  C  CB  . TYR B 1 24 ? -1.199  -1.658  4.584   1.00 32.07 ? 24  TYR B CB  1 
ATOM   874  C  CG  . TYR B 1 24 ? -0.255  -0.578  5.047   1.00 33.62 ? 24  TYR B CG  1 
ATOM   875  C  CD1 . TYR B 1 24 ? 1.053   -0.512  4.567   1.00 34.95 ? 24  TYR B CD1 1 
ATOM   876  C  CD2 . TYR B 1 24 ? -0.682  0.404   5.936   1.00 32.87 ? 24  TYR B CD2 1 
ATOM   877  C  CE1 . TYR B 1 24 ? 1.914   0.513   4.965   1.00 34.56 ? 24  TYR B CE1 1 
ATOM   878  C  CE2 . TYR B 1 24 ? 0.165   1.429   6.338   1.00 32.08 ? 24  TYR B CE2 1 
ATOM   879  C  CZ  . TYR B 1 24 ? 1.458   1.481   5.849   1.00 33.95 ? 24  TYR B CZ  1 
ATOM   880  O  OH  . TYR B 1 24 ? 2.276   2.516   6.228   1.00 37.10 ? 24  TYR B OH  1 
ATOM   881  N  N   . GLU B 1 25 ? -2.358  -3.170  1.716   1.00 24.46 ? 25  GLU B N   1 
ATOM   882  C  CA  . GLU B 1 25 ? -3.083  -4.307  1.162   1.00 28.52 ? 25  GLU B CA  1 
ATOM   883  C  C   . GLU B 1 25 ? -2.695  -5.637  1.817   1.00 28.05 ? 25  GLU B C   1 
ATOM   884  O  O   . GLU B 1 25 ? -1.546  -5.847  2.204   1.00 28.63 ? 25  GLU B O   1 
ATOM   885  C  CB  . GLU B 1 25 ? -2.815  -4.425  -0.354  1.00 27.44 ? 25  GLU B CB  1 
ATOM   886  C  CG  . GLU B 1 25 ? -2.995  -3.138  -1.148  1.00 40.02 ? 25  GLU B CG  1 
ATOM   887  C  CD  . GLU B 1 25 ? -1.732  -2.290  -1.229  1.00 43.02 ? 25  GLU B CD  1 
ATOM   888  O  OE1 . GLU B 1 25 ? -0.998  -2.162  -0.218  1.00 35.69 ? 25  GLU B OE1 1 
ATOM   889  O  OE2 . GLU B 1 25 ? -1.478  -1.732  -2.315  1.00 46.60 ? 25  GLU B OE2 1 
ATOM   890  N  N   . TYR B 1 26 ? -3.671  -6.534  1.917   1.00 28.95 ? 26  TYR B N   1 
ATOM   891  C  CA  . TYR B 1 26 ? -3.467  -7.866  2.475   1.00 28.25 ? 26  TYR B CA  1 
ATOM   892  C  C   . TYR B 1 26 ? -4.480  -8.816  1.843   1.00 30.38 ? 26  TYR B C   1 
ATOM   893  O  O   . TYR B 1 26 ? -5.589  -8.398  1.477   1.00 29.81 ? 26  TYR B O   1 
ATOM   894  C  CB  . TYR B 1 26 ? -3.691  -7.865  3.989   1.00 27.35 ? 26  TYR B CB  1 
ATOM   895  C  CG  . TYR B 1 26 ? -2.758  -6.953  4.735   1.00 29.65 ? 26  TYR B CG  1 
ATOM   896  C  CD1 . TYR B 1 26 ? -1.436  -7.322  4.971   1.00 22.52 ? 26  TYR B CD1 1 
ATOM   897  C  CD2 . TYR B 1 26 ? -3.183  -5.702  5.175   1.00 25.73 ? 26  TYR B CD2 1 
ATOM   898  C  CE1 . TYR B 1 26 ? -0.558  -6.468  5.628   1.00 23.48 ? 26  TYR B CE1 1 
ATOM   899  C  CE2 . TYR B 1 26 ? -2.320  -4.847  5.827   1.00 24.85 ? 26  TYR B CE2 1 
ATOM   900  C  CZ  . TYR B 1 26 ? -1.006  -5.234  6.055   1.00 25.10 ? 26  TYR B CZ  1 
ATOM   901  O  OH  . TYR B 1 26 ? -0.152  -4.388  6.737   1.00 32.75 ? 26  TYR B OH  1 
ATOM   902  N  N   . ASP B 1 27 ? -4.093  -10.078 1.678   1.00 31.24 ? 27  ASP B N   1 
ATOM   903  C  CA  . ASP B 1 27 ? -5.022  -11.074 1.162   1.00 30.83 ? 27  ASP B CA  1 
ATOM   904  C  C   . ASP B 1 27 ? -5.327  -11.908 2.407   1.00 30.75 ? 27  ASP B C   1 
ATOM   905  O  O   . ASP B 1 27 ? -4.918  -11.526 3.513   1.00 31.61 ? 27  ASP B O   1 
ATOM   906  C  CB  . ASP B 1 27 ? -4.398  -11.921 0.035   1.00 29.97 ? 27  ASP B CB  1 
ATOM   907  C  CG  . ASP B 1 27 ? -3.113  -12.616 0.452   1.00 33.98 ? 27  ASP B CG  1 
ATOM   908  O  OD1 . ASP B 1 27 ? -3.109  -13.347 1.465   1.00 35.78 ? 27  ASP B OD1 1 
ATOM   909  O  OD2 . ASP B 1 27 ? -2.096  -12.431 -0.247  1.00 51.25 ? 27  ASP B OD2 1 
ATOM   910  N  N   . GLU B 1 28 ? -6.012  -13.033 2.256   1.00 30.52 ? 28  GLU B N   1 
ATOM   911  C  CA  . GLU B 1 28 ? -6.360  -13.839 3.420   1.00 34.26 ? 28  GLU B CA  1 
ATOM   912  C  C   . GLU B 1 28 ? -5.421  -14.988 3.743   1.00 35.65 ? 28  GLU B C   1 
ATOM   913  O  O   . GLU B 1 28 ? -5.727  -15.814 4.608   1.00 36.09 ? 28  GLU B O   1 
ATOM   914  C  CB  . GLU B 1 28 ? -7.780  -14.387 3.278   1.00 38.02 ? 28  GLU B CB  1 
ATOM   915  C  CG  . GLU B 1 28 ? -8.883  -13.321 3.290   1.00 39.86 ? 28  GLU B CG  1 
ATOM   916  C  CD  . GLU B 1 28 ? -10.264 -13.944 3.405   1.00 45.69 ? 28  GLU B CD  1 
ATOM   917  O  OE1 . GLU B 1 28 ? -10.608 -14.808 2.565   1.00 60.16 ? 28  GLU B OE1 1 
ATOM   918  O  OE2 . GLU B 1 28 ? -11.006 -13.572 4.335   1.00 54.90 ? 28  GLU B OE2 1 
ATOM   919  N  N   . SER B 1 29 ? -4.284  -15.056 3.059   1.00 33.52 ? 29  SER B N   1 
ATOM   920  C  CA  . SER B 1 29 ? -3.337  -16.124 3.332   1.00 32.61 ? 29  SER B CA  1 
ATOM   921  C  C   . SER B 1 29 ? -2.813  -15.928 4.756   1.00 32.29 ? 29  SER B C   1 
ATOM   922  O  O   . SER B 1 29 ? -2.824  -14.807 5.293   1.00 32.57 ? 29  SER B O   1 
ATOM   923  C  CB  . SER B 1 29 ? -2.170  -16.085 2.339   1.00 30.22 ? 29  SER B CB  1 
ATOM   924  O  OG  . SER B 1 29 ? -1.285  -15.016 2.635   1.00 34.44 ? 29  SER B OG  1 
ATOM   925  N  N   . LEU B 1 30 ? -2.364  -17.021 5.360   1.00 30.72 ? 30  LEU B N   1 
ATOM   926  C  CA  . LEU B 1 30 ? -1.828  -16.987 6.719   1.00 30.45 ? 30  LEU B CA  1 
ATOM   927  C  C   . LEU B 1 30 ? -0.673  -16.010 6.858   1.00 31.21 ? 30  LEU B C   1 
ATOM   928  O  O   . LEU B 1 30 ? -0.646  -15.208 7.791   1.00 32.25 ? 30  LEU B O   1 
ATOM   929  C  CB  . LEU B 1 30 ? -1.353  -18.387 7.141   1.00 32.38 ? 30  LEU B CB  1 
ATOM   930  C  CG  . LEU B 1 30 ? -2.423  -19.453 7.422   1.00 30.15 ? 30  LEU B CG  1 
ATOM   931  C  CD1 . LEU B 1 30 ? -1.758  -20.797 7.733   1.00 30.34 ? 30  LEU B CD1 1 
ATOM   932  C  CD2 . LEU B 1 30 ? -3.283  -19.012 8.596   1.00 22.46 ? 30  LEU B CD2 1 
ATOM   933  N  N   . GLU B 1 31 ? 0.278   -16.071 5.926   1.00 33.01 ? 31  GLU B N   1 
ATOM   934  C  CA  . GLU B 1 31 ? 1.447   -15.196 5.980   1.00 35.99 ? 31  GLU B CA  1 
ATOM   935  C  C   . GLU B 1 31 ? 1.065   -13.722 5.870   1.00 32.11 ? 31  GLU B C   1 
ATOM   936  O  O   . GLU B 1 31 ? 1.603   -12.881 6.590   1.00 30.21 ? 31  GLU B O   1 
ATOM   937  C  CB  . GLU B 1 31 ? 2.462   -15.582 4.885   1.00 39.67 ? 31  GLU B CB  1 
ATOM   938  C  CG  . GLU B 1 31 ? 2.188   -15.054 3.482   1.00 45.52 ? 31  GLU B CG  1 
ATOM   939  C  CD  . GLU B 1 31 ? 3.124   -15.657 2.426   1.00 49.89 ? 31  GLU B CD  1 
ATOM   940  O  OE1 . GLU B 1 31 ? 4.325   -15.873 2.720   1.00 49.66 ? 31  GLU B OE1 1 
ATOM   941  O  OE2 . GLU B 1 31 ? 2.658   -15.905 1.288   1.00 55.25 ? 31  GLU B OE2 1 
ATOM   942  N  N   . SER B 1 32 ? 0.120   -13.413 4.987   1.00 31.08 ? 32  SER B N   1 
ATOM   943  C  CA  . SER B 1 32 ? -0.327  -12.039 4.818   1.00 32.01 ? 32  SER B CA  1 
ATOM   944  C  C   . SER B 1 32 ? -1.064  -11.565 6.078   1.00 32.26 ? 32  SER B C   1 
ATOM   945  O  O   . SER B 1 32 ? -0.902  -10.419 6.504   1.00 30.19 ? 32  SER B O   1 
ATOM   946  C  CB  . SER B 1 32 ? -1.241  -11.931 3.599   1.00 32.88 ? 32  SER B CB  1 
ATOM   947  O  OG  . SER B 1 32 ? -1.635  -10.594 3.379   1.00 38.28 ? 32  SER B OG  1 
ATOM   948  N  N   . VAL B 1 33 ? -1.856  -12.448 6.686   1.00 32.06 ? 33  VAL B N   1 
ATOM   949  C  CA  . VAL B 1 33 ? -2.591  -12.082 7.902   1.00 29.41 ? 33  VAL B CA  1 
ATOM   950  C  C   . VAL B 1 33 ? -1.611  -11.805 9.040   1.00 29.61 ? 33  VAL B C   1 
ATOM   951  O  O   . VAL B 1 33 ? -1.804  -10.872 9.832   1.00 28.81 ? 33  VAL B O   1 
ATOM   952  C  CB  . VAL B 1 33 ? -3.582  -13.194 8.327   1.00 31.51 ? 33  VAL B CB  1 
ATOM   953  C  CG1 . VAL B 1 33 ? -4.087  -12.936 9.743   1.00 29.23 ? 33  VAL B CG1 1 
ATOM   954  C  CG2 . VAL B 1 33 ? -4.764  -13.226 7.354   1.00 30.97 ? 33  VAL B CG2 1 
ATOM   955  N  N   . GLU B 1 34 ? -0.552  -12.610 9.103   1.00 29.12 ? 34  GLU B N   1 
ATOM   956  C  CA  . GLU B 1 34 ? 0.470   -12.451 10.130  1.00 30.81 ? 34  GLU B CA  1 
ATOM   957  C  C   . GLU B 1 34 ? 1.189   -11.114 9.952   1.00 29.33 ? 34  GLU B C   1 
ATOM   958  O  O   . GLU B 1 34 ? 1.588   -10.480 10.929  1.00 31.51 ? 34  GLU B O   1 
ATOM   959  C  CB  . GLU B 1 34 ? 1.478   -13.610 10.065  1.00 31.30 ? 34  GLU B CB  1 
ATOM   960  C  CG  . GLU B 1 34 ? 2.504   -13.613 11.193  1.00 36.91 ? 34  GLU B CG  1 
ATOM   961  C  CD  . GLU B 1 34 ? 1.865   -13.585 12.580  1.00 42.27 ? 34  GLU B CD  1 
ATOM   962  O  OE1 . GLU B 1 34 ? 0.858   -14.293 12.799  1.00 49.90 ? 34  GLU B OE1 1 
ATOM   963  O  OE2 . GLU B 1 34 ? 2.379   -12.864 13.461  1.00 45.57 ? 34  GLU B OE2 1 
ATOM   964  N  N   . ARG B 1 35 ? 1.364   -10.688 8.702   1.00 30.21 ? 35  ARG B N   1 
ATOM   965  C  CA  . ARG B 1 35 ? 2.014   -9.401  8.439   1.00 30.33 ? 35  ARG B CA  1 
ATOM   966  C  C   . ARG B 1 35 ? 1.056   -8.287  8.868   1.00 28.91 ? 35  ARG B C   1 
ATOM   967  O  O   . ARG B 1 35 ? 1.485   -7.224  9.318   1.00 32.56 ? 35  ARG B O   1 
ATOM   968  C  CB  . ARG B 1 35 ? 2.359   -9.244  6.950   1.00 27.76 ? 35  ARG B CB  1 
ATOM   969  C  CG  . ARG B 1 35 ? 3.594   -10.011 6.494   1.00 38.77 ? 35  ARG B CG  1 
ATOM   970  C  CD  . ARG B 1 35 ? 3.847   -9.833  4.988   1.00 39.76 ? 35  ARG B CD  1 
ATOM   971  N  NE  . ARG B 1 35 ? 3.684   -8.443  4.563   1.00 46.88 ? 35  ARG B NE  1 
ATOM   972  C  CZ  . ARG B 1 35 ? 2.683   -8.006  3.798   1.00 54.62 ? 35  ARG B CZ  1 
ATOM   973  N  NH1 . ARG B 1 35 ? 1.757   -8.853  3.360   1.00 51.05 ? 35  ARG B NH1 1 
ATOM   974  N  NH2 . ARG B 1 35 ? 2.592   -6.717  3.491   1.00 44.20 ? 35  ARG B NH2 1 
ATOM   975  N  N   . ALA B 1 36 ? -0.245  -8.529  8.734   1.00 28.63 ? 36  ALA B N   1 
ATOM   976  C  CA  . ALA B 1 36 ? -1.222  -7.526  9.148   1.00 29.45 ? 36  ALA B CA  1 
ATOM   977  C  C   . ALA B 1 36 ? -1.164  -7.361  10.665  1.00 28.55 ? 36  ALA B C   1 
ATOM   978  O  O   . ALA B 1 36 ? -1.208  -6.239  11.166  1.00 30.57 ? 36  ALA B O   1 
ATOM   979  C  CB  . ALA B 1 36 ? -2.636  -7.922  8.702   1.00 27.28 ? 36  ALA B CB  1 
ATOM   980  N  N   . ARG B 1 37 ? -1.051  -8.470  11.397  1.00 33.58 ? 37  ARG B N   1 
ATOM   981  C  CA  . ARG B 1 37 ? -0.967  -8.394  12.866  1.00 34.40 ? 37  ARG B CA  1 
ATOM   982  C  C   . ARG B 1 37 ? 0.195   -7.505  13.280  1.00 35.21 ? 37  ARG B C   1 
ATOM   983  O  O   . ARG B 1 37 ? 0.034   -6.599  14.091  1.00 36.93 ? 37  ARG B O   1 
ATOM   984  C  CB  . ARG B 1 37 ? -0.740  -9.771  13.502  1.00 35.33 ? 37  ARG B CB  1 
ATOM   985  C  CG  . ARG B 1 37 ? -1.924  -10.695 13.478  1.00 34.71 ? 37  ARG B CG  1 
ATOM   986  C  CD  . ARG B 1 37 ? -1.746  -11.839 14.481  1.00 35.35 ? 37  ARG B CD  1 
ATOM   987  N  NE  . ARG B 1 37 ? -2.840  -12.786 14.333  1.00 27.29 ? 37  ARG B NE  1 
ATOM   988  C  CZ  . ARG B 1 37 ? -2.862  -13.756 13.426  1.00 34.09 ? 37  ARG B CZ  1 
ATOM   989  N  NH1 . ARG B 1 37 ? -1.834  -13.918 12.600  1.00 26.47 ? 37  ARG B NH1 1 
ATOM   990  N  NH2 . ARG B 1 37 ? -3.933  -14.534 13.314  1.00 33.46 ? 37  ARG B NH2 1 
ATOM   991  N  N   . ASN B 1 38 ? 1.372   -7.781  12.724  1.00 36.92 ? 38  ASN B N   1 
ATOM   992  C  CA  . ASN B 1 38 ? 2.553   -6.997  13.048  1.00 36.22 ? 38  ASN B CA  1 
ATOM   993  C  C   . ASN B 1 38 ? 2.380   -5.536  12.661  1.00 36.56 ? 38  ASN B C   1 
ATOM   994  O  O   . ASN B 1 38 ? 2.769   -4.646  13.416  1.00 37.99 ? 38  ASN B O   1 
ATOM   995  C  CB  . ASN B 1 38 ? 3.785   -7.589  12.367  1.00 38.03 ? 38  ASN B CB  1 
ATOM   996  C  CG  . ASN B 1 38 ? 4.150   -8.951  12.926  1.00 43.46 ? 38  ASN B CG  1 
ATOM   997  O  OD1 . ASN B 1 38 ? 4.438   -9.086  14.112  1.00 53.77 ? 38  ASN B OD1 1 
ATOM   998  N  ND2 . ASN B 1 38 ? 4.135   -9.970  12.074  1.00 50.82 ? 38  ASN B ND2 1 
ATOM   999  N  N   . LYS B 1 39 ? 1.787   -5.286  11.496  1.00 36.91 ? 39  LYS B N   1 
ATOM   1000 C  CA  . LYS B 1 39 ? 1.564   -3.916  11.039  1.00 37.19 ? 39  LYS B CA  1 
ATOM   1001 C  C   . LYS B 1 39 ? 0.669   -3.143  12.014  1.00 35.80 ? 39  LYS B C   1 
ATOM   1002 O  O   . LYS B 1 39 ? 0.968   -2.002  12.367  1.00 35.40 ? 39  LYS B O   1 
ATOM   1003 C  CB  . LYS B 1 39 ? 0.935   -3.917  9.641   1.00 37.57 ? 39  LYS B CB  1 
ATOM   1004 C  CG  . LYS B 1 39 ? 0.487   -2.544  9.156   1.00 40.50 ? 39  LYS B CG  1 
ATOM   1005 C  CD  . LYS B 1 39 ? 1.651   -1.558  9.058   1.00 46.48 ? 39  LYS B CD  1 
ATOM   1006 C  CE  . LYS B 1 39 ? 2.640   -1.967  7.984   1.00 40.99 ? 39  LYS B CE  1 
ATOM   1007 N  NZ  . LYS B 1 39 ? 3.716   -0.959  7.801   1.00 46.42 ? 39  LYS B NZ  1 
ATOM   1008 N  N   . LEU B 1 40 ? -0.423  -3.773  12.442  1.00 36.29 ? 40  LEU B N   1 
ATOM   1009 C  CA  . LEU B 1 40 ? -1.358  -3.159  13.388  1.00 38.75 ? 40  LEU B CA  1 
ATOM   1010 C  C   . LEU B 1 40 ? -0.588  -2.748  14.645  1.00 42.06 ? 40  LEU B C   1 
ATOM   1011 O  O   . LEU B 1 40 ? -0.687  -1.611  15.123  1.00 43.39 ? 40  LEU B O   1 
ATOM   1012 C  CB  . LEU B 1 40 ? -2.442  -4.162  13.792  1.00 37.70 ? 40  LEU B CB  1 
ATOM   1013 C  CG  . LEU B 1 40 ? -3.883  -3.680  14.019  1.00 47.65 ? 40  LEU B CG  1 
ATOM   1014 C  CD1 . LEU B 1 40 ? -4.648  -4.752  14.792  1.00 37.46 ? 40  LEU B CD1 1 
ATOM   1015 C  CD2 . LEU B 1 40 ? -3.902  -2.360  14.781  1.00 43.23 ? 40  LEU B CD2 1 
ATOM   1016 N  N   . ARG B 1 41 ? 0.184   -3.691  15.171  1.00 42.07 ? 41  ARG B N   1 
ATOM   1017 C  CA  . ARG B 1 41 ? 0.970   -3.454  16.370  1.00 48.37 ? 41  ARG B CA  1 
ATOM   1018 C  C   . ARG B 1 41 ? 1.920   -2.272  16.207  1.00 47.99 ? 41  ARG B C   1 
ATOM   1019 O  O   . ARG B 1 41 ? 2.138   -1.505  17.143  1.00 50.58 ? 41  ARG B O   1 
ATOM   1020 C  CB  . ARG B 1 41 ? 1.737   -4.730  16.727  1.00 51.23 ? 41  ARG B CB  1 
ATOM   1021 C  CG  . ARG B 1 41 ? 2.708   -4.602  17.885  1.00 62.63 ? 41  ARG B CG  1 
ATOM   1022 C  CD  . ARG B 1 41 ? 2.726   -5.886  18.705  1.00 72.68 ? 41  ARG B CD  1 
ATOM   1023 N  NE  . ARG B 1 41 ? 2.471   -7.075  17.894  1.00 73.86 ? 41  ARG B NE  1 
ATOM   1024 C  CZ  . ARG B 1 41 ? 3.283   -7.539  16.947  1.00 77.28 ? 41  ARG B CZ  1 
ATOM   1025 N  NH1 . ARG B 1 41 ? 4.425   -6.915  16.677  1.00 72.31 ? 41  ARG B NH1 1 
ATOM   1026 N  NH2 . ARG B 1 41 ? 2.949   -8.630  16.267  1.00 74.91 ? 41  ARG B NH2 1 
ATOM   1027 N  N   . GLU B 1 42 ? 2.472   -2.117  15.009  1.00 48.95 ? 42  GLU B N   1 
ATOM   1028 C  CA  . GLU B 1 42 ? 3.389   -1.021  14.729  1.00 50.30 ? 42  GLU B CA  1 
ATOM   1029 C  C   . GLU B 1 42 ? 2.657   0.322   14.625  1.00 49.19 ? 42  GLU B C   1 
ATOM   1030 O  O   . GLU B 1 42 ? 3.147   1.354   15.096  1.00 49.50 ? 42  GLU B O   1 
ATOM   1031 C  CB  . GLU B 1 42 ? 4.141   -1.292  13.426  1.00 52.37 ? 42  GLU B CB  1 
ATOM   1032 C  CG  . GLU B 1 42 ? 4.991   -0.122  12.949  1.00 65.17 ? 42  GLU B CG  1 
ATOM   1033 C  CD  . GLU B 1 42 ? 5.586   -0.345  11.569  1.00 78.39 ? 42  GLU B CD  1 
ATOM   1034 O  OE1 . GLU B 1 42 ? 6.252   0.583   11.059  1.00 84.54 ? 42  GLU B OE1 1 
ATOM   1035 O  OE2 . GLU B 1 42 ? 5.390   -1.443  10.997  1.00 73.47 ? 42  GLU B OE2 1 
ATOM   1036 N  N   . LEU B 1 43 ? 1.488   0.307   13.995  1.00 45.73 ? 43  LEU B N   1 
ATOM   1037 C  CA  . LEU B 1 43 ? 0.704   1.522   13.827  1.00 44.48 ? 43  LEU B CA  1 
ATOM   1038 C  C   . LEU B 1 43 ? 0.279   2.092   15.182  1.00 44.42 ? 43  LEU B C   1 
ATOM   1039 O  O   . LEU B 1 43 ? 0.183   3.307   15.348  1.00 42.04 ? 43  LEU B O   1 
ATOM   1040 C  CB  . LEU B 1 43 ? -0.522  1.228   12.955  1.00 40.15 ? 43  LEU B CB  1 
ATOM   1041 C  CG  . LEU B 1 43 ? -0.141  0.720   11.557  1.00 36.62 ? 43  LEU B CG  1 
ATOM   1042 C  CD1 . LEU B 1 43 ? -1.380  0.244   10.819  1.00 30.86 ? 43  LEU B CD1 1 
ATOM   1043 C  CD2 . LEU B 1 43 ? 0.570   1.830   10.786  1.00 28.59 ? 43  LEU B CD2 1 
ATOM   1044 N  N   . LEU B 1 44 ? 0.033   1.210   16.146  1.00 44.66 ? 44  LEU B N   1 
ATOM   1045 C  CA  . LEU B 1 44 ? -0.365  1.641   17.477  1.00 50.72 ? 44  LEU B CA  1 
ATOM   1046 C  C   . LEU B 1 44 ? 0.773   2.411   18.145  1.00 52.54 ? 44  LEU B C   1 
ATOM   1047 O  O   . LEU B 1 44 ? 0.536   3.309   18.959  1.00 57.19 ? 44  LEU B O   1 
ATOM   1048 C  CB  . LEU B 1 44 ? -0.741  0.435   18.339  1.00 48.66 ? 44  LEU B CB  1 
ATOM   1049 C  CG  . LEU B 1 44 ? -1.841  -0.471  17.784  1.00 56.97 ? 44  LEU B CG  1 
ATOM   1050 C  CD1 . LEU B 1 44 ? -2.028  -1.662  18.711  1.00 61.39 ? 44  LEU B CD1 1 
ATOM   1051 C  CD2 . LEU B 1 44 ? -3.138  0.312   17.632  1.00 54.69 ? 44  LEU B CD2 1 
ATOM   1052 N  N   . GLU B 1 45 ? 2.005   2.060   17.787  1.00 53.01 ? 45  GLU B N   1 
ATOM   1053 C  CA  . GLU B 1 45 ? 3.185   2.706   18.351  1.00 54.73 ? 45  GLU B CA  1 
ATOM   1054 C  C   . GLU B 1 45 ? 3.615   3.992   17.643  1.00 54.04 ? 45  GLU B C   1 
ATOM   1055 O  O   . GLU B 1 45 ? 4.506   4.693   18.118  1.00 57.73 ? 45  GLU B O   1 
ATOM   1056 C  CB  . GLU B 1 45 ? 4.348   1.713   18.386  1.00 53.22 ? 45  GLU B CB  1 
ATOM   1057 C  CG  . GLU B 1 45 ? 4.187   0.647   19.461  1.00 65.68 ? 45  GLU B CG  1 
ATOM   1058 C  CD  . GLU B 1 45 ? 5.165   -0.503  19.314  1.00 77.37 ? 45  GLU B CD  1 
ATOM   1059 O  OE1 . GLU B 1 45 ? 6.379   -0.243  19.172  1.00 81.66 ? 45  GLU B OE1 1 
ATOM   1060 O  OE2 . GLU B 1 45 ? 4.717   -1.671  19.351  1.00 77.64 ? 45  GLU B OE2 1 
ATOM   1061 N  N   . ARG B 1 46 ? 2.991   4.306   16.513  1.00 52.64 ? 46  ARG B N   1 
ATOM   1062 C  CA  . ARG B 1 46 ? 3.333   5.527   15.797  1.00 51.41 ? 46  ARG B CA  1 
ATOM   1063 C  C   . ARG B 1 46 ? 2.561   6.704   16.389  1.00 56.07 ? 46  ARG B C   1 
ATOM   1064 O  O   . ARG B 1 46 ? 1.376   6.585   16.723  1.00 56.64 ? 46  ARG B O   1 
ATOM   1065 C  CB  . ARG B 1 46 ? 3.023   5.383   14.303  1.00 51.01 ? 46  ARG B CB  1 
ATOM   1066 C  CG  . ARG B 1 46 ? 4.046   4.538   13.547  1.00 49.75 ? 46  ARG B CG  1 
ATOM   1067 C  CD  . ARG B 1 46 ? 3.663   4.357   12.085  1.00 42.85 ? 46  ARG B CD  1 
ATOM   1068 N  NE  . ARG B 1 46 ? 3.426   5.622   11.390  1.00 36.05 ? 46  ARG B NE  1 
ATOM   1069 C  CZ  . ARG B 1 46 ? 2.997   5.711   10.133  1.00 36.76 ? 46  ARG B CZ  1 
ATOM   1070 N  NH1 . ARG B 1 46 ? 2.761   4.610   9.430   1.00 31.19 ? 46  ARG B NH1 1 
ATOM   1071 N  NH2 . ARG B 1 46 ? 2.790   6.899   9.579   1.00 35.26 ? 46  ARG B NH2 1 
ATOM   1072 N  N   . ASP B 1 47 ? 3.240   7.839   16.516  1.00 56.67 ? 47  ASP B N   1 
ATOM   1073 C  CA  . ASP B 1 47 ? 2.638   9.036   17.090  1.00 57.81 ? 47  ASP B CA  1 
ATOM   1074 C  C   . ASP B 1 47 ? 1.859   9.854   16.082  1.00 56.41 ? 47  ASP B C   1 
ATOM   1075 O  O   . ASP B 1 47 ? 1.089   10.739  16.458  1.00 59.86 ? 47  ASP B O   1 
ATOM   1076 C  CB  . ASP B 1 47 ? 3.720   9.920   17.713  1.00 61.68 ? 47  ASP B CB  1 
ATOM   1077 C  CG  . ASP B 1 47 ? 4.516   9.199   18.772  1.00 65.85 ? 47  ASP B CG  1 
ATOM   1078 O  OD1 . ASP B 1 47 ? 3.902   8.741   19.759  1.00 70.74 ? 47  ASP B OD1 1 
ATOM   1079 O  OD2 . ASP B 1 47 ? 5.751   9.087   18.616  1.00 70.65 ? 47  ASP B OD2 1 
ATOM   1080 N  N   . ASP B 1 48 ? 2.058   9.571   14.801  1.00 52.38 ? 48  ASP B N   1 
ATOM   1081 C  CA  . ASP B 1 48 ? 1.354   10.317  13.766  1.00 47.40 ? 48  ASP B CA  1 
ATOM   1082 C  C   . ASP B 1 48 ? 0.154   9.569   13.208  1.00 42.92 ? 48  ASP B C   1 
ATOM   1083 O  O   . ASP B 1 48 ? -0.383  9.947   12.162  1.00 43.97 ? 48  ASP B O   1 
ATOM   1084 C  CB  . ASP B 1 48 ? 2.305   10.676  12.621  1.00 47.40 ? 48  ASP B CB  1 
ATOM   1085 C  CG  . ASP B 1 48 ? 2.921   9.456   11.961  1.00 45.28 ? 48  ASP B CG  1 
ATOM   1086 O  OD1 . ASP B 1 48 ? 3.353   9.583   10.798  1.00 48.30 ? 48  ASP B OD1 1 
ATOM   1087 O  OD2 . ASP B 1 48 ? 2.986   8.381   12.598  1.00 46.83 ? 48  ASP B OD2 1 
ATOM   1088 N  N   . VAL B 1 49 ? -0.274  8.519   13.905  1.00 39.51 ? 49  VAL B N   1 
ATOM   1089 C  CA  . VAL B 1 49 ? -1.421  7.728   13.456  1.00 35.14 ? 49  VAL B CA  1 
ATOM   1090 C  C   . VAL B 1 49 ? -2.591  7.794   14.430  1.00 34.79 ? 49  VAL B C   1 
ATOM   1091 O  O   . VAL B 1 49 ? -2.547  7.212   15.516  1.00 34.07 ? 49  VAL B O   1 
ATOM   1092 C  CB  . VAL B 1 49 ? -1.028  6.241   13.249  1.00 34.35 ? 49  VAL B CB  1 
ATOM   1093 C  CG1 . VAL B 1 49 ? -2.259  5.423   12.898  1.00 31.93 ? 49  VAL B CG1 1 
ATOM   1094 C  CG2 . VAL B 1 49 ? 0.014   6.130   12.144  1.00 33.44 ? 49  VAL B CG2 1 
ATOM   1095 N  N   . GLY B 1 50 ? -3.652  8.481   14.029  1.00 36.47 ? 50  GLY B N   1 
ATOM   1096 C  CA  . GLY B 1 50 ? -4.804  8.604   14.904  1.00 35.92 ? 50  GLY B CA  1 
ATOM   1097 C  C   . GLY B 1 50 ? -5.961  7.674   14.591  1.00 37.04 ? 50  GLY B C   1 
ATOM   1098 O  O   . GLY B 1 50 ? -6.760  7.328   15.469  1.00 37.77 ? 50  GLY B O   1 
ATOM   1099 N  N   . ILE B 1 51 ? -6.069  7.255   13.341  1.00 35.86 ? 51  ILE B N   1 
ATOM   1100 C  CA  . ILE B 1 51 ? -7.170  6.386   12.968  1.00 34.31 ? 51  ILE B CA  1 
ATOM   1101 C  C   . ILE B 1 51 ? -6.762  5.237   12.072  1.00 33.11 ? 51  ILE B C   1 
ATOM   1102 O  O   . ILE B 1 51 ? -6.046  5.426   11.088  1.00 32.66 ? 51  ILE B O   1 
ATOM   1103 C  CB  . ILE B 1 51 ? -8.272  7.166   12.232  1.00 35.82 ? 51  ILE B CB  1 
ATOM   1104 C  CG1 . ILE B 1 51 ? -8.823  8.281   13.129  1.00 30.80 ? 51  ILE B CG1 1 
ATOM   1105 C  CG2 . ILE B 1 51 ? -9.375  6.207   11.796  1.00 29.24 ? 51  ILE B CG2 1 
ATOM   1106 C  CD1 . ILE B 1 51 ? -9.854  9.161   12.426  1.00 29.74 ? 51  ILE B CD1 1 
ATOM   1107 N  N   . ILE B 1 52 ? -7.244  4.048   12.418  1.00 33.31 ? 52  ILE B N   1 
ATOM   1108 C  CA  . ILE B 1 52 ? -6.977  2.863   11.632  1.00 31.00 ? 52  ILE B CA  1 
ATOM   1109 C  C   . ILE B 1 52 ? -8.311  2.276   11.169  1.00 33.39 ? 52  ILE B C   1 
ATOM   1110 O  O   . ILE B 1 52 ? -9.158  1.887   11.982  1.00 30.88 ? 52  ILE B O   1 
ATOM   1111 C  CB  . ILE B 1 52 ? -6.205  1.807   12.447  1.00 33.77 ? 52  ILE B CB  1 
ATOM   1112 C  CG1 . ILE B 1 52 ? -4.877  2.397   12.944  1.00 27.80 ? 52  ILE B CG1 1 
ATOM   1113 C  CG2 . ILE B 1 52 ? -5.931  0.581   11.579  1.00 27.20 ? 52  ILE B CG2 1 
ATOM   1114 C  CD1 . ILE B 1 52 ? -4.133  1.483   13.915  1.00 30.01 ? 52  ILE B CD1 1 
ATOM   1115 N  N   . LEU B 1 53 ? -8.498  2.247   9.854   1.00 32.21 ? 53  LEU B N   1 
ATOM   1116 C  CA  . LEU B 1 53 ? -9.699  1.692   9.247   1.00 28.67 ? 53  LEU B CA  1 
ATOM   1117 C  C   . LEU B 1 53 ? -9.273  0.327   8.716   1.00 30.82 ? 53  LEU B C   1 
ATOM   1118 O  O   . LEU B 1 53 ? -8.291  0.227   7.966   1.00 30.80 ? 53  LEU B O   1 
ATOM   1119 C  CB  . LEU B 1 53 ? -10.175 2.583   8.095   1.00 28.05 ? 53  LEU B CB  1 
ATOM   1120 C  CG  . LEU B 1 53 ? -10.514 4.047   8.427   1.00 30.91 ? 53  LEU B CG  1 
ATOM   1121 C  CD1 . LEU B 1 53 ? -10.891 4.799   7.146   1.00 28.36 ? 53  LEU B CD1 1 
ATOM   1122 C  CD2 . LEU B 1 53 ? -11.668 4.102   9.434   1.00 32.70 ? 53  LEU B CD2 1 
ATOM   1123 N  N   . ILE B 1 54 ? -10.004 -0.717  9.101   1.00 27.89 ? 54  ILE B N   1 
ATOM   1124 C  CA  . ILE B 1 54 ? -9.673  -2.069  8.677   1.00 30.07 ? 54  ILE B CA  1 
ATOM   1125 C  C   . ILE B 1 54 ? -10.923 -2.848  8.283   1.00 29.15 ? 54  ILE B C   1 
ATOM   1126 O  O   . ILE B 1 54 ? -11.944 -2.791  8.977   1.00 28.50 ? 54  ILE B O   1 
ATOM   1127 C  CB  . ILE B 1 54 ? -8.920  -2.828  9.804   1.00 29.63 ? 54  ILE B CB  1 
ATOM   1128 C  CG1 . ILE B 1 54 ? -8.691  -4.284  9.398   1.00 30.00 ? 54  ILE B CG1 1 
ATOM   1129 C  CG2 . ILE B 1 54 ? -9.710  -2.763  11.097  1.00 35.04 ? 54  ILE B CG2 1 
ATOM   1130 C  CD1 . ILE B 1 54 ? -7.860  -5.061  10.395  1.00 38.70 ? 54  ILE B CD1 1 
ATOM   1131 N  N   . THR B 1 55 ? -10.847 -3.571  7.167   1.00 26.72 ? 55  THR B N   1 
ATOM   1132 C  CA  . THR B 1 55 ? -12.004 -4.341  6.714   1.00 27.97 ? 55  THR B CA  1 
ATOM   1133 C  C   . THR B 1 55 ? -12.441 -5.333  7.777   1.00 30.40 ? 55  THR B C   1 
ATOM   1134 O  O   . THR B 1 55 ? -11.638 -5.789  8.603   1.00 33.25 ? 55  THR B O   1 
ATOM   1135 C  CB  . THR B 1 55 ? -11.714 -5.153  5.430   1.00 26.84 ? 55  THR B CB  1 
ATOM   1136 O  OG1 . THR B 1 55 ? -10.604 -6.029  5.662   1.00 26.95 ? 55  THR B OG1 1 
ATOM   1137 C  CG2 . THR B 1 55 ? -11.424 -4.228  4.251   1.00 23.86 ? 55  THR B CG2 1 
ATOM   1138 N  N   . GLU B 1 56 ? -13.720 -5.672  7.739   1.00 33.99 ? 56  GLU B N   1 
ATOM   1139 C  CA  . GLU B 1 56 ? -14.294 -6.616  8.680   1.00 35.86 ? 56  GLU B CA  1 
ATOM   1140 C  C   . GLU B 1 56 ? -13.584 -7.973  8.534   1.00 32.56 ? 56  GLU B C   1 
ATOM   1141 O  O   . GLU B 1 56 ? -13.212 -8.599  9.526   1.00 35.51 ? 56  GLU B O   1 
ATOM   1142 C  CB  . GLU B 1 56 ? -15.794 -6.744  8.393   1.00 37.97 ? 56  GLU B CB  1 
ATOM   1143 C  CG  . GLU B 1 56 ? -16.672 -6.977  9.603   1.00 48.30 ? 56  GLU B CG  1 
ATOM   1144 C  CD  . GLU B 1 56 ? -18.096 -6.474  9.374   1.00 58.28 ? 56  GLU B CD  1 
ATOM   1145 O  OE1 . GLU B 1 56 ? -18.764 -6.978  8.445   1.00 55.37 ? 56  GLU B OE1 1 
ATOM   1146 O  OE2 . GLU B 1 56 ? -18.540 -5.566  10.117  1.00 55.04 ? 56  GLU B OE2 1 
ATOM   1147 N  N   . ARG B 1 57 ? -13.386 -8.411  7.295   1.00 30.93 ? 57  ARG B N   1 
ATOM   1148 C  CA  . ARG B 1 57 ? -12.723 -9.689  7.024   1.00 33.02 ? 57  ARG B CA  1 
ATOM   1149 C  C   . ARG B 1 57 ? -11.347 -9.773  7.688   1.00 33.24 ? 57  ARG B C   1 
ATOM   1150 O  O   . ARG B 1 57 ? -11.087 -10.672 8.488   1.00 36.05 ? 57  ARG B O   1 
ATOM   1151 C  CB  . ARG B 1 57 ? -12.526 -9.892  5.518   1.00 32.87 ? 57  ARG B CB  1 
ATOM   1152 C  CG  . ARG B 1 57 ? -13.747 -9.675  4.654   1.00 45.87 ? 57  ARG B CG  1 
ATOM   1153 C  CD  . ARG B 1 57 ? -14.603 -10.899 4.602   1.00 50.36 ? 57  ARG B CD  1 
ATOM   1154 N  NE  . ARG B 1 57 ? -13.842 -12.074 4.187   1.00 43.91 ? 57  ARG B NE  1 
ATOM   1155 C  CZ  . ARG B 1 57 ? -14.391 -13.268 4.011   1.00 40.33 ? 57  ARG B CZ  1 
ATOM   1156 N  NH1 . ARG B 1 57 ? -15.696 -13.412 4.208   1.00 30.83 ? 57  ARG B NH1 1 
ATOM   1157 N  NH2 . ARG B 1 57 ? -13.640 -14.312 3.675   1.00 33.27 ? 57  ARG B NH2 1 
ATOM   1158 N  N   . LEU B 1 58 ? -10.467 -8.839  7.334   1.00 30.90 ? 58  LEU B N   1 
ATOM   1159 C  CA  . LEU B 1 58 ? -9.109  -8.817  7.867   1.00 31.30 ? 58  LEU B CA  1 
ATOM   1160 C  C   . LEU B 1 58 ? -9.085  -8.815  9.394   1.00 29.22 ? 58  LEU B C   1 
ATOM   1161 O  O   . LEU B 1 58 ? -8.342  -9.587  10.008  1.00 29.45 ? 58  LEU B O   1 
ATOM   1162 C  CB  . LEU B 1 58 ? -8.341  -7.600  7.322   1.00 29.33 ? 58  LEU B CB  1 
ATOM   1163 C  CG  . LEU B 1 58 ? -6.859  -7.514  7.718   1.00 35.35 ? 58  LEU B CG  1 
ATOM   1164 C  CD1 . LEU B 1 58 ? -6.119  -8.785  7.251   1.00 24.89 ? 58  LEU B CD1 1 
ATOM   1165 C  CD2 . LEU B 1 58 ? -6.231  -6.253  7.098   1.00 28.95 ? 58  LEU B CD2 1 
ATOM   1166 N  N   . ALA B 1 59 ? -9.895  -7.952  10.001  1.00 26.14 ? 59  ALA B N   1 
ATOM   1167 C  CA  . ALA B 1 59 ? -9.967  -7.875  11.458  1.00 31.74 ? 59  ALA B CA  1 
ATOM   1168 C  C   . ALA B 1 59 ? -10.317 -9.248  12.043  1.00 30.95 ? 59  ALA B C   1 
ATOM   1169 O  O   . ALA B 1 59 ? -9.751  -9.659  13.056  1.00 31.04 ? 59  ALA B O   1 
ATOM   1170 C  CB  . ALA B 1 59 ? -11.011 -6.839  11.883  1.00 30.64 ? 59  ALA B CB  1 
ATOM   1171 N  N   . GLN B 1 60 ? -11.251 -9.954  11.409  1.00 32.04 ? 60  GLN B N   1 
ATOM   1172 C  CA  . GLN B 1 60 ? -11.642 -11.280 11.895  1.00 33.25 ? 60  GLN B CA  1 
ATOM   1173 C  C   . GLN B 1 60 ? -10.548 -12.314 11.609  1.00 32.99 ? 60  GLN B C   1 
ATOM   1174 O  O   . GLN B 1 60 ? -10.373 -13.263 12.374  1.00 32.20 ? 60  GLN B O   1 
ATOM   1175 C  CB  . GLN B 1 60 ? -12.975 -11.718 11.269  1.00 29.82 ? 60  GLN B CB  1 
ATOM   1176 C  CG  . GLN B 1 60 ? -14.193 -10.966 11.818  1.00 31.39 ? 60  GLN B CG  1 
ATOM   1177 C  CD  . GLN B 1 60 ? -15.499 -11.319 11.113  1.00 39.14 ? 60  GLN B CD  1 
ATOM   1178 O  OE1 . GLN B 1 60 ? -16.383 -10.475 10.970  1.00 44.71 ? 60  GLN B OE1 1 
ATOM   1179 N  NE2 . GLN B 1 60 ? -15.629 -12.571 10.682  1.00 36.92 ? 60  GLN B NE2 1 
ATOM   1180 N  N   . ARG B 1 61 ? -9.809  -12.127 10.516  1.00 31.04 ? 61  ARG B N   1 
ATOM   1181 C  CA  . ARG B 1 61 ? -8.723  -13.047 10.186  1.00 31.70 ? 61  ARG B CA  1 
ATOM   1182 C  C   . ARG B 1 61 ? -7.619  -12.890 11.231  1.00 33.39 ? 61  ARG B C   1 
ATOM   1183 O  O   . ARG B 1 61 ? -7.038  -13.873 11.693  1.00 33.24 ? 61  ARG B O   1 
ATOM   1184 C  CB  . ARG B 1 61 ? -8.159  -12.755 8.794   1.00 29.30 ? 61  ARG B CB  1 
ATOM   1185 C  CG  . ARG B 1 61 ? -8.996  -13.299 7.653   1.00 28.15 ? 61  ARG B CG  1 
ATOM   1186 C  CD  . ARG B 1 61 ? -9.043  -14.827 7.682   1.00 29.61 ? 61  ARG B CD  1 
ATOM   1187 N  NE  . ARG B 1 61 ? -9.762  -15.377 6.534   1.00 31.75 ? 61  ARG B NE  1 
ATOM   1188 C  CZ  . ARG B 1 61 ? -10.220 -16.626 6.468   1.00 33.03 ? 61  ARG B CZ  1 
ATOM   1189 N  NH1 . ARG B 1 61 ? -10.031 -17.459 7.489   1.00 26.57 ? 61  ARG B NH1 1 
ATOM   1190 N  NH2 . ARG B 1 61 ? -10.875 -17.040 5.389   1.00 24.82 ? 61  ARG B NH2 1 
ATOM   1191 N  N   . ILE B 1 62 ? -7.346  -11.641 11.598  1.00 34.54 ? 62  ILE B N   1 
ATOM   1192 C  CA  . ILE B 1 62 ? -6.336  -11.338 12.597  1.00 34.34 ? 62  ILE B CA  1 
ATOM   1193 C  C   . ILE B 1 62 ? -6.765  -11.981 13.906  1.00 37.18 ? 62  ILE B C   1 
ATOM   1194 O  O   . ILE B 1 62 ? -5.962  -12.616 14.591  1.00 39.46 ? 62  ILE B O   1 
ATOM   1195 C  CB  . ILE B 1 62 ? -6.183  -9.807  12.783  1.00 34.43 ? 62  ILE B CB  1 
ATOM   1196 C  CG1 . ILE B 1 62 ? -5.538  -9.198  11.533  1.00 32.76 ? 62  ILE B CG1 1 
ATOM   1197 C  CG2 . ILE B 1 62 ? -5.350  -9.502  14.025  1.00 31.93 ? 62  ILE B CG2 1 
ATOM   1198 C  CD1 . ILE B 1 62 ? -5.494  -7.666  11.535  1.00 28.69 ? 62  ILE B CD1 1 
ATOM   1199 N  N   . GLY B 1 63 ? -8.043  -11.826 14.235  1.00 41.83 ? 63  GLY B N   1 
ATOM   1200 C  CA  . GLY B 1 63 ? -8.572  -12.415 15.454  1.00 47.34 ? 63  GLY B CA  1 
ATOM   1201 C  C   . GLY B 1 63 ? -8.692  -11.419 16.588  1.00 51.36 ? 63  GLY B C   1 
ATOM   1202 O  O   . GLY B 1 63 ? -9.656  -10.663 16.661  1.00 55.16 ? 63  GLY B O   1 
ATOM   1203 N  N   . SER B 1 64 ? -7.707  -11.423 17.477  1.00 58.68 ? 64  SER B N   1 
ATOM   1204 C  CA  . SER B 1 64 ? -7.691  -10.506 18.610  1.00 63.29 ? 64  SER B CA  1 
ATOM   1205 C  C   . SER B 1 64 ? -7.430  -9.090  18.113  1.00 64.42 ? 64  SER B C   1 
ATOM   1206 O  O   . SER B 1 64 ? -6.481  -8.854  17.366  1.00 69.05 ? 64  SER B O   1 
ATOM   1207 C  CB  . SER B 1 64 ? -6.592  -10.915 19.597  1.00 64.15 ? 64  SER B CB  1 
ATOM   1208 O  OG  . SER B 1 64 ? -6.412  -9.937  20.607  1.00 69.05 ? 64  SER B OG  1 
ATOM   1209 N  N   . LEU B 1 65 ? -8.275  -8.152  18.518  1.00 64.32 ? 65  LEU B N   1 
ATOM   1210 C  CA  . LEU B 1 65 ? -8.108  -6.762  18.112  1.00 63.95 ? 65  LEU B CA  1 
ATOM   1211 C  C   . LEU B 1 65 ? -7.777  -5.938  19.352  1.00 66.37 ? 65  LEU B C   1 
ATOM   1212 O  O   . LEU B 1 65 ? -8.281  -6.218  20.440  1.00 68.90 ? 65  LEU B O   1 
ATOM   1213 C  CB  . LEU B 1 65 ? -9.393  -6.242  17.464  1.00 62.88 ? 65  LEU B CB  1 
ATOM   1214 C  CG  . LEU B 1 65 ? -9.222  -5.230  16.328  1.00 60.75 ? 65  LEU B CG  1 
ATOM   1215 C  CD1 . LEU B 1 65 ? -8.500  -5.897  15.153  1.00 52.72 ? 65  LEU B CD1 1 
ATOM   1216 C  CD2 . LEU B 1 65 ? -10.587 -4.718  15.883  1.00 60.36 ? 65  LEU B CD2 1 
ATOM   1217 N  N   . PRO B 1 66 ? -6.919  -4.916  19.210  1.00 66.52 ? 66  PRO B N   1 
ATOM   1218 C  CA  . PRO B 1 66 ? -6.556  -4.082  20.360  1.00 67.65 ? 66  PRO B CA  1 
ATOM   1219 C  C   . PRO B 1 66 ? -7.793  -3.542  21.073  1.00 69.57 ? 66  PRO B C   1 
ATOM   1220 O  O   . PRO B 1 66 ? -8.855  -3.397  20.466  1.00 68.34 ? 66  PRO B O   1 
ATOM   1221 C  CB  . PRO B 1 66 ? -5.722  -2.970  19.728  1.00 67.44 ? 66  PRO B CB  1 
ATOM   1222 C  CG  . PRO B 1 66 ? -5.087  -3.654  18.552  1.00 66.30 ? 66  PRO B CG  1 
ATOM   1223 C  CD  . PRO B 1 66 ? -6.235  -4.458  17.989  1.00 66.27 ? 66  PRO B CD  1 
ATOM   1224 N  N   . GLU B 1 67 ? -7.653  -3.254  22.363  1.00 72.06 ? 67  GLU B N   1 
ATOM   1225 C  CA  . GLU B 1 67 ? -8.762  -2.726  23.150  1.00 73.28 ? 67  GLU B CA  1 
ATOM   1226 C  C   . GLU B 1 67 ? -8.474  -1.285  23.561  1.00 72.99 ? 67  GLU B C   1 
ATOM   1227 O  O   . GLU B 1 67 ? -9.073  -0.763  24.501  1.00 75.54 ? 67  GLU B O   1 
ATOM   1228 C  CB  . GLU B 1 67 ? -8.986  -3.592  24.387  1.00 74.81 ? 67  GLU B CB  1 
ATOM   1229 N  N   . VAL B 1 68 ? -7.555  -0.647  22.844  1.00 70.84 ? 68  VAL B N   1 
ATOM   1230 C  CA  . VAL B 1 68 ? -7.172  0.734   23.122  1.00 67.08 ? 68  VAL B CA  1 
ATOM   1231 C  C   . VAL B 1 68 ? -8.265  1.738   22.776  1.00 64.85 ? 68  VAL B C   1 
ATOM   1232 O  O   . VAL B 1 68 ? -9.217  1.425   22.065  1.00 63.08 ? 68  VAL B O   1 
ATOM   1233 C  CB  . VAL B 1 68 ? -5.913  1.125   22.336  1.00 67.14 ? 68  VAL B CB  1 
ATOM   1234 C  CG1 . VAL B 1 68 ? -4.740  0.265   22.770  1.00 69.56 ? 68  VAL B CG1 1 
ATOM   1235 C  CG2 . VAL B 1 68 ? -6.171  0.971   20.842  1.00 69.97 ? 68  VAL B CG2 1 
ATOM   1236 N  N   . LYS B 1 69 ? -8.112  2.956   23.280  1.00 63.79 ? 69  LYS B N   1 
ATOM   1237 C  CA  . LYS B 1 69 ? -9.077  4.015   23.022  1.00 63.94 ? 69  LYS B CA  1 
ATOM   1238 C  C   . LYS B 1 69 ? -8.494  4.914   21.929  1.00 60.40 ? 69  LYS B C   1 
ATOM   1239 O  O   . LYS B 1 69 ? -9.220  5.456   21.097  1.00 59.35 ? 69  LYS B O   1 
ATOM   1240 C  CB  . LYS B 1 69 ? -9.336  4.807   24.307  1.00 65.15 ? 69  LYS B CB  1 
ATOM   1241 C  CG  . LYS B 1 69 ? -10.589 5.667   24.276  1.00 71.42 ? 69  LYS B CG  1 
ATOM   1242 C  CD  . LYS B 1 69 ? -10.894 6.255   25.651  1.00 72.52 ? 69  LYS B CD  1 
ATOM   1243 C  CE  . LYS B 1 69 ? -11.224 5.164   26.668  1.00 82.03 ? 69  LYS B CE  1 
ATOM   1244 N  NZ  . LYS B 1 69 ? -11.509 5.721   28.026  1.00 80.20 ? 69  LYS B NZ  1 
ATOM   1245 N  N   . PHE B 1 70 ? -7.172  5.050   21.936  1.00 57.22 ? 70  PHE B N   1 
ATOM   1246 C  CA  . PHE B 1 70 ? -6.471  5.844   20.937  1.00 53.05 ? 70  PHE B CA  1 
ATOM   1247 C  C   . PHE B 1 70 ? -5.233  5.060   20.526  1.00 52.78 ? 70  PHE B C   1 
ATOM   1248 O  O   . PHE B 1 70 ? -4.514  4.545   21.377  1.00 57.17 ? 70  PHE B O   1 
ATOM   1249 C  CB  . PHE B 1 70 ? -6.058  7.209   21.504  1.00 53.88 ? 70  PHE B CB  1 
ATOM   1250 C  CG  . PHE B 1 70 ? -5.618  8.190   20.451  1.00 53.42 ? 70  PHE B CG  1 
ATOM   1251 C  CD1 . PHE B 1 70 ? -4.304  8.201   19.985  1.00 50.97 ? 70  PHE B CD1 1 
ATOM   1252 C  CD2 . PHE B 1 70 ? -6.537  9.069   19.880  1.00 53.90 ? 70  PHE B CD2 1 
ATOM   1253 C  CE1 . PHE B 1 70 ? -3.912  9.070   18.964  1.00 51.64 ? 70  PHE B CE1 1 
ATOM   1254 C  CE2 . PHE B 1 70 ? -6.158  9.942   18.860  1.00 56.59 ? 70  PHE B CE2 1 
ATOM   1255 C  CZ  . PHE B 1 70 ? -4.844  9.941   18.401  1.00 56.46 ? 70  PHE B CZ  1 
ATOM   1256 N  N   . PRO B 1 71 ? -4.986  4.927   19.214  1.00 49.06 ? 71  PRO B N   1 
ATOM   1257 C  CA  . PRO B 1 71 ? -5.790  5.480   18.120  1.00 44.62 ? 71  PRO B CA  1 
ATOM   1258 C  C   . PRO B 1 71 ? -7.181  4.859   18.034  1.00 41.91 ? 71  PRO B C   1 
ATOM   1259 O  O   . PRO B 1 71 ? -7.499  3.899   18.736  1.00 41.96 ? 71  PRO B O   1 
ATOM   1260 C  CB  . PRO B 1 71 ? -4.961  5.146   16.889  1.00 40.82 ? 71  PRO B CB  1 
ATOM   1261 C  CG  . PRO B 1 71 ? -4.397  3.805   17.252  1.00 43.28 ? 71  PRO B CG  1 
ATOM   1262 C  CD  . PRO B 1 71 ? -3.927  4.049   18.682  1.00 48.96 ? 71  PRO B CD  1 
ATOM   1263 N  N   . ILE B 1 72 ? -7.998  5.425   17.155  1.00 40.24 ? 72  ILE B N   1 
ATOM   1264 C  CA  . ILE B 1 72 ? -9.347  4.946   16.928  1.00 38.40 ? 72  ILE B CA  1 
ATOM   1265 C  C   . ILE B 1 72 ? -9.309  3.877   15.836  1.00 37.26 ? 72  ILE B C   1 
ATOM   1266 O  O   . ILE B 1 72 ? -8.834  4.125   14.731  1.00 37.25 ? 72  ILE B O   1 
ATOM   1267 C  CB  . ILE B 1 72 ? -10.248 6.101   16.478  1.00 38.28 ? 72  ILE B CB  1 
ATOM   1268 C  CG1 . ILE B 1 72 ? -10.231 7.202   17.543  1.00 35.91 ? 72  ILE B CG1 1 
ATOM   1269 C  CG2 . ILE B 1 72 ? -11.663 5.587   16.220  1.00 37.03 ? 72  ILE B CG2 1 
ATOM   1270 C  CD1 . ILE B 1 72 ? -10.801 8.515   17.085  1.00 32.52 ? 72  ILE B CD1 1 
ATOM   1271 N  N   . ILE B 1 73 ? -9.799  2.686   16.159  1.00 37.95 ? 73  ILE B N   1 
ATOM   1272 C  CA  . ILE B 1 73 ? -9.833  1.579   15.213  1.00 35.39 ? 73  ILE B CA  1 
ATOM   1273 C  C   . ILE B 1 73 ? -11.278 1.375   14.799  1.00 35.65 ? 73  ILE B C   1 
ATOM   1274 O  O   . ILE B 1 73 ? -12.145 1.202   15.651  1.00 36.25 ? 73  ILE B O   1 
ATOM   1275 C  CB  . ILE B 1 73 ? -9.317  0.273   15.859  1.00 36.59 ? 73  ILE B CB  1 
ATOM   1276 C  CG1 . ILE B 1 73 ? -7.866  0.454   16.319  1.00 36.95 ? 73  ILE B CG1 1 
ATOM   1277 C  CG2 . ILE B 1 73 ? -9.427  -0.885  14.869  1.00 33.74 ? 73  ILE B CG2 1 
ATOM   1278 C  CD1 . ILE B 1 73 ? -7.298  -0.768  17.030  1.00 39.88 ? 73  ILE B CD1 1 
ATOM   1279 N  N   . LEU B 1 74 ? -11.536 1.412   13.494  1.00 35.99 ? 74  LEU B N   1 
ATOM   1280 C  CA  . LEU B 1 74 ? -12.881 1.224   12.959  1.00 33.24 ? 74  LEU B CA  1 
ATOM   1281 C  C   . LEU B 1 74 ? -12.885 0.140   11.901  1.00 34.73 ? 74  LEU B C   1 
ATOM   1282 O  O   . LEU B 1 74 ? -11.998 0.086   11.048  1.00 33.41 ? 74  LEU B O   1 
ATOM   1283 C  CB  . LEU B 1 74 ? -13.402 2.501   12.308  1.00 34.57 ? 74  LEU B CB  1 
ATOM   1284 C  CG  . LEU B 1 74 ? -13.764 3.727   13.133  1.00 40.71 ? 74  LEU B CG  1 
ATOM   1285 C  CD1 . LEU B 1 74 ? -14.187 4.826   12.169  1.00 38.47 ? 74  LEU B CD1 1 
ATOM   1286 C  CD2 . LEU B 1 74 ? -14.883 3.396   14.121  1.00 44.93 ? 74  LEU B CD2 1 
ATOM   1287 N  N   . GLN B 1 75 ? -13.897 -0.716  11.948  1.00 35.96 ? 75  GLN B N   1 
ATOM   1288 C  CA  . GLN B 1 75 ? -14.011 -1.783  10.975  1.00 35.26 ? 75  GLN B CA  1 
ATOM   1289 C  C   . GLN B 1 75 ? -14.893 -1.337  9.818   1.00 35.75 ? 75  GLN B C   1 
ATOM   1290 O  O   . GLN B 1 75 ? -15.849 -0.581  10.000  1.00 32.78 ? 75  GLN B O   1 
ATOM   1291 C  CB  . GLN B 1 75 ? -14.593 -3.036  11.625  1.00 33.64 ? 75  GLN B CB  1 
ATOM   1292 C  CG  . GLN B 1 75 ? -13.768 -3.550  12.785  1.00 38.79 ? 75  GLN B CG  1 
ATOM   1293 C  CD  . GLN B 1 75 ? -14.177 -4.943  13.237  1.00 41.01 ? 75  GLN B CD  1 
ATOM   1294 O  OE1 . GLN B 1 75 ? -13.793 -5.392  14.317  1.00 48.41 ? 75  GLN B OE1 1 
ATOM   1295 N  NE2 . GLN B 1 75 ? -14.949 -5.636  12.409  1.00 38.69 ? 75  GLN B NE2 1 
ATOM   1296 N  N   . ILE B 1 76 ? -14.551 -1.807  8.626   1.00 36.71 ? 76  ILE B N   1 
ATOM   1297 C  CA  . ILE B 1 76 ? -15.301 -1.488  7.421   1.00 38.30 ? 76  ILE B CA  1 
ATOM   1298 C  C   . ILE B 1 76 ? -16.185 -2.683  7.090   1.00 40.12 ? 76  ILE B C   1 
ATOM   1299 O  O   . ILE B 1 76 ? -15.689 -3.793  6.896   1.00 43.00 ? 76  ILE B O   1 
ATOM   1300 C  CB  . ILE B 1 76 ? -14.352 -1.233  6.231   1.00 36.73 ? 76  ILE B CB  1 
ATOM   1301 C  CG1 . ILE B 1 76 ? -13.411 -0.073  6.570   1.00 34.57 ? 76  ILE B CG1 1 
ATOM   1302 C  CG2 . ILE B 1 76 ? -15.167 -0.956  4.960   1.00 30.41 ? 76  ILE B CG2 1 
ATOM   1303 C  CD1 . ILE B 1 76 ? -12.285 0.127   5.564   1.00 28.55 ? 76  ILE B CD1 1 
ATOM   1304 N  N   . PRO B 1 77 ? -17.509 -2.475  7.025   1.00 42.12 ? 77  PRO B N   1 
ATOM   1305 C  CA  . PRO B 1 77 ? -18.429 -3.570  6.710   1.00 43.33 ? 77  PRO B CA  1 
ATOM   1306 C  C   . PRO B 1 77 ? -18.119 -4.222  5.367   1.00 45.41 ? 77  PRO B C   1 
ATOM   1307 O  O   . PRO B 1 77 ? -17.846 -3.537  4.384   1.00 43.60 ? 77  PRO B O   1 
ATOM   1308 C  CB  . PRO B 1 77 ? -19.794 -2.887  6.734   1.00 43.11 ? 77  PRO B CB  1 
ATOM   1309 C  CG  . PRO B 1 77 ? -19.611 -1.829  7.783   1.00 42.90 ? 77  PRO B CG  1 
ATOM   1310 C  CD  . PRO B 1 77 ? -18.253 -1.260  7.406   1.00 44.78 ? 77  PRO B CD  1 
ATOM   1311 N  N   . ASP B 1 78 ? -18.159 -5.551  5.345   1.00 52.10 ? 78  ASP B N   1 
ATOM   1312 C  CA  . ASP B 1 78 ? -17.880 -6.329  4.143   1.00 58.81 ? 78  ASP B CA  1 
ATOM   1313 C  C   . ASP B 1 78 ? -18.856 -6.008  3.012   1.00 59.61 ? 78  ASP B C   1 
ATOM   1314 O  O   . ASP B 1 78 ? -19.876 -5.352  3.225   1.00 63.16 ? 78  ASP B O   1 
ATOM   1315 C  CB  . ASP B 1 78 ? -17.939 -7.825  4.472   1.00 61.86 ? 78  ASP B CB  1 
ATOM   1316 C  CG  . ASP B 1 78 ? -17.563 -8.701  3.290   1.00 70.23 ? 78  ASP B CG  1 
ATOM   1317 O  OD1 . ASP B 1 78 ? -16.422 -8.580  2.796   1.00 81.63 ? 78  ASP B OD1 1 
ATOM   1318 O  OD2 . ASP B 1 78 ? -18.406 -9.513  2.853   1.00 76.30 ? 78  ASP B OD2 1 
ATOM   1319 N  N   . GLU B 1 86 ? -11.777 -10.004 -5.946  1.00 66.79 ? 86  GLU B N   1 
ATOM   1320 C  CA  . GLU B 1 86 ? -12.662 -8.914  -6.340  1.00 67.71 ? 86  GLU B CA  1 
ATOM   1321 C  C   . GLU B 1 86 ? -11.869 -7.727  -6.886  1.00 66.90 ? 86  GLU B C   1 
ATOM   1322 O  O   . GLU B 1 86 ? -10.960 -7.216  -6.228  1.00 65.59 ? 86  GLU B O   1 
ATOM   1323 C  CB  . GLU B 1 86 ? -13.510 -8.475  -5.147  1.00 69.56 ? 86  GLU B CB  1 
ATOM   1324 N  N   . ASP B 1 87 ? -12.223 -7.292  -8.094  1.00 65.86 ? 87  ASP B N   1 
ATOM   1325 C  CA  . ASP B 1 87 ? -11.545 -6.172  -8.737  1.00 65.17 ? 87  ASP B CA  1 
ATOM   1326 C  C   . ASP B 1 87 ? -12.539 -5.251  -9.442  1.00 64.85 ? 87  ASP B C   1 
ATOM   1327 O  O   . ASP B 1 87 ? -12.183 -4.557  -10.400 1.00 62.82 ? 87  ASP B O   1 
ATOM   1328 C  CB  . ASP B 1 87 ? -10.517 -6.694  -9.737  1.00 65.93 ? 87  ASP B CB  1 
ATOM   1329 N  N   . ILE B 1 88 ? -13.779 -5.249  -8.959  1.00 64.62 ? 88  ILE B N   1 
ATOM   1330 C  CA  . ILE B 1 88 ? -14.848 -4.424  -9.523  1.00 63.96 ? 88  ILE B CA  1 
ATOM   1331 C  C   . ILE B 1 88 ? -14.545 -2.926  -9.465  1.00 61.58 ? 88  ILE B C   1 
ATOM   1332 O  O   . ILE B 1 88 ? -14.897 -2.180  -10.381 1.00 63.11 ? 88  ILE B O   1 
ATOM   1333 C  CB  . ILE B 1 88 ? -16.193 -4.680  -8.790  1.00 64.81 ? 88  ILE B CB  1 
ATOM   1334 C  CG1 . ILE B 1 88 ? -16.639 -6.129  -9.002  1.00 70.99 ? 88  ILE B CG1 1 
ATOM   1335 C  CG2 . ILE B 1 88 ? -17.259 -3.724  -9.301  1.00 66.31 ? 88  ILE B CG2 1 
ATOM   1336 C  CD1 . ILE B 1 88 ? -16.837 -6.511  -10.462 1.00 78.79 ? 88  ILE B CD1 1 
ATOM   1337 N  N   . LEU B 1 89 ? -13.892 -2.495  -8.390  1.00 59.66 ? 89  LEU B N   1 
ATOM   1338 C  CA  . LEU B 1 89 ? -13.550 -1.086  -8.202  1.00 57.87 ? 89  LEU B CA  1 
ATOM   1339 C  C   . LEU B 1 89 ? -12.380 -0.667  -9.093  1.00 56.20 ? 89  LEU B C   1 
ATOM   1340 O  O   . LEU B 1 89 ? -12.468 0.327   -9.812  1.00 55.80 ? 89  LEU B O   1 
ATOM   1341 C  CB  . LEU B 1 89 ? -13.217 -0.825  -6.726  1.00 58.62 ? 89  LEU B CB  1 
ATOM   1342 C  CG  . LEU B 1 89 ? -13.158 0.625   -6.235  1.00 61.84 ? 89  LEU B CG  1 
ATOM   1343 C  CD1 . LEU B 1 89 ? -13.393 0.655   -4.728  1.00 67.19 ? 89  LEU B CD1 1 
ATOM   1344 C  CD2 . LEU B 1 89 ? -11.822 1.253   -6.597  1.00 63.27 ? 89  LEU B CD2 1 
ATOM   1345 N  N   . ARG B 1 90 ? -11.287 -1.426  -9.043  1.00 54.00 ? 90  ARG B N   1 
ATOM   1346 C  CA  . ARG B 1 90 ? -10.114 -1.137  -9.864  1.00 50.86 ? 90  ARG B CA  1 
ATOM   1347 C  C   . ARG B 1 90 ? -10.452 -1.282  -11.343 1.00 51.05 ? 90  ARG B C   1 
ATOM   1348 O  O   . ARG B 1 90 ? -9.922  -0.558  -12.190 1.00 50.59 ? 90  ARG B O   1 
ATOM   1349 C  CB  . ARG B 1 90 ? -8.968  -2.086  -9.502  1.00 46.36 ? 90  ARG B CB  1 
ATOM   1350 C  CG  . ARG B 1 90 ? -8.296  -1.756  -8.174  1.00 46.16 ? 90  ARG B CG  1 
ATOM   1351 C  CD  . ARG B 1 90 ? -7.325  -2.845  -7.769  1.00 44.49 ? 90  ARG B CD  1 
ATOM   1352 N  NE  . ARG B 1 90 ? -8.027  -4.070  -7.394  1.00 49.69 ? 90  ARG B NE  1 
ATOM   1353 C  CZ  . ARG B 1 90 ? -7.498  -5.290  -7.460  1.00 53.45 ? 90  ARG B CZ  1 
ATOM   1354 N  NH1 . ARG B 1 90 ? -6.251  -5.457  -7.892  1.00 45.33 ? 90  ARG B NH1 1 
ATOM   1355 N  NH2 . ARG B 1 90 ? -8.218  -6.345  -7.095  1.00 49.93 ? 90  ARG B NH2 1 
ATOM   1356 N  N   . ASP B 1 91 ? -11.341 -2.221  -11.649 1.00 53.51 ? 91  ASP B N   1 
ATOM   1357 C  CA  . ASP B 1 91 ? -11.750 -2.464  -13.026 1.00 57.47 ? 91  ASP B CA  1 
ATOM   1358 C  C   . ASP B 1 91 ? -12.536 -1.263  -13.553 1.00 56.58 ? 91  ASP B C   1 
ATOM   1359 O  O   . ASP B 1 91 ? -12.265 -0.766  -14.646 1.00 55.59 ? 91  ASP B O   1 
ATOM   1360 C  CB  . ASP B 1 91 ? -12.608 -3.732  -13.095 1.00 59.52 ? 91  ASP B CB  1 
ATOM   1361 C  CG  . ASP B 1 91 ? -12.687 -4.315  -14.494 1.00 70.80 ? 91  ASP B CG  1 
ATOM   1362 O  OD1 . ASP B 1 91 ? -13.194 -3.625  -15.405 1.00 75.02 ? 91  ASP B OD1 1 
ATOM   1363 O  OD2 . ASP B 1 91 ? -12.240 -5.471  -14.679 1.00 77.53 ? 91  ASP B OD2 1 
ATOM   1364 N  N   . VAL B 1 92 ? -13.499 -0.794  -12.759 1.00 56.90 ? 92  VAL B N   1 
ATOM   1365 C  CA  . VAL B 1 92 ? -14.334 0.341   -13.144 1.00 56.32 ? 92  VAL B CA  1 
ATOM   1366 C  C   . VAL B 1 92 ? -13.527 1.615   -13.386 1.00 57.69 ? 92  VAL B C   1 
ATOM   1367 O  O   . VAL B 1 92 ? -13.726 2.300   -14.397 1.00 55.76 ? 92  VAL B O   1 
ATOM   1368 C  CB  . VAL B 1 92 ? -15.405 0.590   -12.075 1.00 56.06 ? 92  VAL B CB  1 
ATOM   1369 N  N   . VAL B 1 93 ? -12.626 1.936   -12.459 1.00 56.52 ? 93  VAL B N   1 
ATOM   1370 C  CA  . VAL B 1 93 ? -11.797 3.130   -12.597 1.00 57.78 ? 93  VAL B CA  1 
ATOM   1371 C  C   . VAL B 1 93 ? -10.894 3.000   -13.823 1.00 58.51 ? 93  VAL B C   1 
ATOM   1372 O  O   . VAL B 1 93 ? -10.577 3.993   -14.480 1.00 56.15 ? 93  VAL B O   1 
ATOM   1373 C  CB  . VAL B 1 93 ? -10.910 3.358   -11.348 1.00 58.89 ? 93  VAL B CB  1 
ATOM   1374 C  CG1 . VAL B 1 93 ? -9.999  4.561   -11.572 1.00 55.71 ? 93  VAL B CG1 1 
ATOM   1375 C  CG2 . VAL B 1 93 ? -11.781 3.575   -10.118 1.00 55.75 ? 93  VAL B CG2 1 
ATOM   1376 N  N   . ARG B 1 94 ? -10.484 1.770   -14.122 1.00 60.47 ? 94  ARG B N   1 
ATOM   1377 C  CA  . ARG B 1 94 ? -9.622  1.502   -15.270 1.00 65.22 ? 94  ARG B CA  1 
ATOM   1378 C  C   . ARG B 1 94 ? -10.388 1.737   -16.570 1.00 65.23 ? 94  ARG B C   1 
ATOM   1379 O  O   . ARG B 1 94 ? -9.909  2.429   -17.470 1.00 62.03 ? 94  ARG B O   1 
ATOM   1380 C  CB  . ARG B 1 94 ? -9.102  0.061   -15.213 1.00 68.37 ? 94  ARG B CB  1 
ATOM   1381 N  N   . ARG B 1 95 ? -11.578 1.152   -16.663 1.00 67.47 ? 95  ARG B N   1 
ATOM   1382 C  CA  . ARG B 1 95 ? -12.415 1.306   -17.846 1.00 72.07 ? 95  ARG B CA  1 
ATOM   1383 C  C   . ARG B 1 95 ? -12.738 2.784   -18.053 1.00 74.62 ? 95  ARG B C   1 
ATOM   1384 O  O   . ARG B 1 95 ? -12.767 3.274   -19.183 1.00 74.90 ? 95  ARG B O   1 
ATOM   1385 C  CB  . ARG B 1 95 ? -13.713 0.510   -17.679 1.00 70.36 ? 95  ARG B CB  1 
ATOM   1386 C  CG  . ARG B 1 95 ? -13.506 -0.989  -17.559 1.00 69.80 ? 95  ARG B CG  1 
ATOM   1387 C  CD  . ARG B 1 95 ? -14.797 -1.712  -17.195 1.00 79.29 ? 95  ARG B CD  1 
ATOM   1388 N  NE  . ARG B 1 95 ? -15.224 -1.435  -15.824 1.00 78.76 ? 95  ARG B NE  1 
ATOM   1389 C  CZ  . ARG B 1 95 ? -16.292 -1.979  -15.248 1.00 77.58 ? 95  ARG B CZ  1 
ATOM   1390 N  NH1 . ARG B 1 95 ? -17.052 -2.832  -15.923 1.00 83.73 ? 95  ARG B NH1 1 
ATOM   1391 N  NH2 . ARG B 1 95 ? -16.601 -1.676  -13.993 1.00 70.60 ? 95  ARG B NH2 1 
ATOM   1392 N  N   . ALA B 1 96 ? -12.969 3.486   -16.948 1.00 77.62 ? 96  ALA B N   1 
ATOM   1393 C  CA  . ALA B 1 96 ? -13.296 4.906   -16.987 1.00 80.86 ? 96  ALA B CA  1 
ATOM   1394 C  C   . ALA B 1 96 ? -12.200 5.719   -17.661 1.00 82.77 ? 96  ALA B C   1 
ATOM   1395 O  O   . ALA B 1 96 ? -12.441 6.832   -18.132 1.00 84.12 ? 96  ALA B O   1 
ATOM   1396 C  CB  . ALA B 1 96 ? -13.538 5.425   -15.574 1.00 80.72 ? 96  ALA B CB  1 
ATOM   1397 N  N   . ILE B 1 97 ? -10.993 5.169   -17.703 1.00 84.98 ? 97  ILE B N   1 
ATOM   1398 C  CA  . ILE B 1 97 ? -9.883  5.869   -18.332 1.00 88.50 ? 97  ILE B CA  1 
ATOM   1399 C  C   . ILE B 1 97 ? -9.952  5.703   -19.848 1.00 90.91 ? 97  ILE B C   1 
ATOM   1400 O  O   . ILE B 1 97 ? -9.068  5.112   -20.466 1.00 91.07 ? 97  ILE B O   1 
ATOM   1401 C  CB  . ILE B 1 97 ? -8.529  5.342   -17.823 1.00 89.17 ? 97  ILE B CB  1 
ATOM   1402 C  CG1 . ILE B 1 97 ? -8.519  5.336   -16.292 1.00 88.21 ? 97  ILE B CG1 1 
ATOM   1403 C  CG2 . ILE B 1 97 ? -7.401  6.232   -18.330 1.00 92.44 ? 97  ILE B CG2 1 
ATOM   1404 C  CD1 . ILE B 1 97 ? -7.267  4.744   -15.684 1.00 86.19 ? 97  ILE B CD1 1 
ATOM   1405 N  N   . GLY B 1 98 ? -11.026 6.222   -20.435 1.00 93.84 ? 98  GLY B N   1 
ATOM   1406 C  CA  . GLY B 1 98 ? -11.206 6.146   -21.872 1.00 94.64 ? 98  GLY B CA  1 
ATOM   1407 C  C   . GLY B 1 98 ? -10.863 7.495   -22.468 1.00 96.11 ? 98  GLY B C   1 
ATOM   1408 O  O   . GLY B 1 98 ? -11.364 7.875   -23.527 1.00 95.25 ? 98  GLY B O   1 
ATOM   1409 N  N   . VAL B 1 99 ? -9.999  8.220   -21.768 1.00 96.46 ? 99  VAL B N   1 
ATOM   1410 C  CA  . VAL B 1 99 ? -9.563  9.541   -22.197 1.00 96.29 ? 99  VAL B CA  1 
ATOM   1411 C  C   . VAL B 1 99 ? -8.662  9.412   -23.421 1.00 95.98 ? 99  VAL B C   1 
ATOM   1412 O  O   . VAL B 1 99 ? -8.254  8.272   -23.725 1.00 95.69 ? 99  VAL B O   1 
ATOM   1413 C  CB  . VAL B 1 99 ? -8.776  10.250  -21.070 1.00 96.70 ? 99  VAL B CB  1 
ATOM   1414 C  CG1 . VAL B 1 99 ? -8.577  11.715  -21.413 1.00 98.75 ? 99  VAL B CG1 1 
ATOM   1415 C  CG2 . VAL B 1 99 ? -9.512  10.099  -19.745 1.00 94.34 ? 99  VAL B CG2 1 
HETATM 1416 O  O   . HOH C 2 .  ? 12.869  14.849  5.971   1.00 58.96 ? 204 HOH A O   1 
HETATM 1417 O  O   . HOH C 2 .  ? 15.276  11.120  -13.020 1.00 51.21 ? 205 HOH A O   1 
HETATM 1418 O  O   . HOH C 2 .  ? 2.541   -11.828 3.259   1.00 49.79 ? 207 HOH A O   1 
HETATM 1419 O  O   . HOH C 2 .  ? 16.183  15.960  -8.772  1.00 38.94 ? 208 HOH A O   1 
HETATM 1420 O  O   . HOH C 2 .  ? 3.476   3.635   2.362   1.00 57.42 ? 209 HOH A O   1 
HETATM 1421 O  O   . HOH C 2 .  ? 10.778  8.298   -11.374 1.00 50.28 ? 211 HOH A O   1 
HETATM 1422 O  O   . HOH C 2 .  ? 0.179   4.306   1.444   1.00 38.11 ? 213 HOH A O   1 
HETATM 1423 O  O   . HOH C 2 .  ? 9.957   1.239   6.243   1.00 37.67 ? 218 HOH A O   1 
HETATM 1424 O  O   . HOH C 2 .  ? 9.403   9.680   -4.508  1.00 51.05 ? 221 HOH A O   1 
HETATM 1425 O  O   . HOH C 2 .  ? 19.677  11.840  -2.816  1.00 33.64 ? 224 HOH A O   1 
HETATM 1426 O  O   . HOH C 2 .  ? 21.164  9.973   -9.208  1.00 48.15 ? 225 HOH A O   1 
HETATM 1427 O  O   . HOH C 2 .  ? 22.789  6.335   -1.006  1.00 48.86 ? 226 HOH A O   1 
HETATM 1428 O  O   . HOH C 2 .  ? 18.349  -0.452  5.735   1.00 56.38 ? 228 HOH A O   1 
HETATM 1429 O  O   . HOH C 2 .  ? 13.856  16.462  3.850   1.00 46.41 ? 229 HOH A O   1 
HETATM 1430 O  O   . HOH C 2 .  ? 9.148   6.564   -12.362 1.00 40.40 ? 232 HOH A O   1 
HETATM 1431 O  O   . HOH C 2 .  ? -1.608  7.153   -4.148  1.00 44.33 ? 233 HOH A O   1 
HETATM 1432 O  O   . HOH C 2 .  ? -2.835  -8.308  -2.316  1.00 50.59 ? 237 HOH A O   1 
HETATM 1433 O  O   . HOH C 2 .  ? -2.741  -8.194  -7.805  1.00 50.99 ? 238 HOH A O   1 
HETATM 1434 O  O   . HOH C 2 .  ? 28.204  0.665   3.386   1.00 77.41 ? 242 HOH A O   1 
HETATM 1435 O  O   . HOH C 2 .  ? 4.705   10.944  -2.856  1.00 49.90 ? 247 HOH A O   1 
HETATM 1436 O  O   . HOH C 2 .  ? 11.383  -14.064 12.168  1.00 75.04 ? 252 HOH A O   1 
HETATM 1437 O  O   . HOH C 2 .  ? 8.969   8.538   -7.279  1.00 53.66 ? 253 HOH A O   1 
HETATM 1438 O  O   . HOH C 2 .  ? 7.573   2.094   4.489   1.00 48.75 ? 255 HOH A O   1 
HETATM 1439 O  O   . HOH C 2 .  ? 20.018  3.565   -8.237  1.00 69.77 ? 258 HOH A O   1 
HETATM 1440 O  O   . HOH C 2 .  ? -20.494 1.519   -11.852 1.00 67.52 ? 259 HOH A O   1 
HETATM 1441 O  O   . HOH C 2 .  ? 21.922  7.131   -6.518  1.00 54.47 ? 260 HOH A O   1 
HETATM 1442 O  O   . HOH C 2 .  ? 17.863  -0.555  0.875   1.00 70.53 ? 263 HOH A O   1 
HETATM 1443 O  O   . HOH C 2 .  ? 12.705  4.493   -21.021 1.00 60.46 ? 264 HOH A O   1 
HETATM 1444 O  O   . HOH C 2 .  ? 12.508  -13.213 6.884   1.00 62.33 ? 265 HOH A O   1 
HETATM 1445 O  O   . HOH C 2 .  ? 16.895  -7.922  -9.691  1.00 62.27 ? 270 HOH A O   1 
HETATM 1446 O  O   . HOH C 2 .  ? 19.662  9.127   -14.743 1.00 63.87 ? 271 HOH A O   1 
HETATM 1447 O  O   . HOH C 2 .  ? 16.844  -19.258 8.517   1.00 74.05 ? 272 HOH A O   1 
HETATM 1448 O  O   . HOH C 2 .  ? 11.236  -9.166  5.693   1.00 58.49 ? 273 HOH A O   1 
HETATM 1449 O  O   . HOH C 2 .  ? -22.024 5.849   -11.816 1.00 77.43 ? 275 HOH A O   1 
HETATM 1450 O  O   . HOH C 2 .  ? -2.208  10.880  -14.165 1.00 66.35 ? 281 HOH A O   1 
HETATM 1451 O  O   . HOH C 2 .  ? 23.814  -3.188  -9.485  1.00 77.65 ? 283 HOH A O   1 
HETATM 1452 O  O   . HOH C 2 .  ? 1.423   5.851   -13.061 1.00 78.73 ? 290 HOH A O   1 
HETATM 1453 O  O   . HOH C 2 .  ? 16.606  11.367  -19.684 1.00 70.85 ? 292 HOH A O   1 
HETATM 1454 O  O   . HOH C 2 .  ? 17.395  9.493   3.961   1.00 42.24 ? 293 HOH A O   1 
HETATM 1455 O  O   . HOH C 2 .  ? 9.681   -14.235 4.768   1.00 60.61 ? 297 HOH A O   1 
HETATM 1456 O  O   . HOH C 2 .  ? 22.846  5.074   1.384   1.00 69.66 ? 298 HOH A O   1 
HETATM 1457 O  O   . HOH D 2 .  ? 1.177   -2.235  1.044   1.00 37.53 ? 201 HOH B O   1 
HETATM 1458 O  O   . HOH D 2 .  ? -1.657  -15.823 10.307  1.00 34.73 ? 203 HOH B O   1 
HETATM 1459 O  O   . HOH D 2 .  ? 0.949   -4.439  2.611   1.00 47.72 ? 206 HOH B O   1 
HETATM 1460 O  O   . HOH D 2 .  ? -8.082  -9.106  3.183   1.00 45.96 ? 210 HOH B O   1 
HETATM 1461 O  O   . HOH D 2 .  ? -14.780 -6.989  4.992   1.00 49.73 ? 212 HOH B O   1 
HETATM 1462 O  O   . HOH D 2 .  ? -4.004  -16.494 11.363  1.00 31.89 ? 214 HOH B O   1 
HETATM 1463 O  O   . HOH D 2 .  ? -10.327 -15.881 12.320  1.00 35.33 ? 215 HOH B O   1 
HETATM 1464 O  O   . HOH D 2 .  ? -9.629  2.116   18.918  1.00 52.57 ? 216 HOH B O   1 
HETATM 1465 O  O   . HOH D 2 .  ? -15.336 -14.868 1.208   1.00 64.75 ? 217 HOH B O   1 
HETATM 1466 O  O   . HOH D 2 .  ? 1.450   1.199   1.921   1.00 35.02 ? 219 HOH B O   1 
HETATM 1467 O  O   . HOH D 2 .  ? -5.429  -8.070  -1.212  1.00 58.97 ? 220 HOH B O   1 
HETATM 1468 O  O   . HOH D 2 .  ? -17.104 -10.591 6.733   1.00 66.07 ? 222 HOH B O   1 
HETATM 1469 O  O   . HOH D 2 .  ? -12.221 -9.245  15.578  1.00 52.54 ? 223 HOH B O   1 
HETATM 1470 O  O   . HOH D 2 .  ? -9.267  -7.076  -3.490  1.00 51.52 ? 230 HOH B O   1 
HETATM 1471 O  O   . HOH D 2 .  ? -10.264 -7.384  3.458   1.00 49.37 ? 231 HOH B O   1 
HETATM 1472 O  O   . HOH D 2 .  ? 0.462   -18.303 3.512   1.00 64.57 ? 234 HOH B O   1 
HETATM 1473 O  O   . HOH D 2 .  ? -6.994  -15.690 13.611  1.00 34.99 ? 235 HOH B O   1 
HETATM 1474 O  O   . HOH D 2 .  ? -8.764  -18.469 2.633   1.00 48.03 ? 236 HOH B O   1 
HETATM 1475 O  O   . HOH D 2 .  ? -9.024  -17.185 10.135  1.00 35.34 ? 239 HOH B O   1 
HETATM 1476 O  O   . HOH D 2 .  ? -6.912  -8.633  -6.434  1.00 62.36 ? 240 HOH B O   1 
HETATM 1477 O  O   . HOH D 2 .  ? -8.222  11.803  -4.957  1.00 60.00 ? 241 HOH B O   1 
HETATM 1478 O  O   . HOH D 2 .  ? -3.225  -3.033  -4.499  1.00 52.31 ? 243 HOH B O   1 
HETATM 1479 O  O   . HOH D 2 .  ? 1.993   -17.676 8.263   1.00 49.50 ? 245 HOH B O   1 
HETATM 1480 O  O   . HOH D 2 .  ? 4.092   -13.605 7.336   1.00 44.12 ? 246 HOH B O   1 
HETATM 1481 O  O   . HOH D 2 .  ? -14.796 -14.596 12.117  1.00 47.82 ? 249 HOH B O   1 
HETATM 1482 O  O   . HOH D 2 .  ? -8.809  4.165   29.335  1.00 52.64 ? 251 HOH B O   1 
HETATM 1483 O  O   . HOH D 2 .  ? -0.473  6.439   19.763  1.00 55.11 ? 257 HOH B O   1 
HETATM 1484 O  O   . HOH D 2 .  ? -1.944  11.997  -2.130  1.00 58.03 ? 261 HOH B O   1 
HETATM 1485 O  O   . HOH D 2 .  ? -10.118 12.019  -26.377 1.00 56.83 ? 262 HOH B O   1 
HETATM 1486 O  O   . HOH D 2 .  ? -17.703 0.181   2.668   1.00 64.26 ? 266 HOH B O   1 
HETATM 1487 O  O   . HOH D 2 .  ? -12.158 -13.691 14.527  1.00 49.80 ? 274 HOH B O   1 
HETATM 1488 O  O   . HOH D 2 .  ? -16.360 5.791   -28.037 1.00 58.13 ? 280 HOH B O   1 
HETATM 1489 O  O   . HOH D 2 .  ? -1.534  4.923   16.843  1.00 52.66 ? 282 HOH B O   1 
HETATM 1490 O  O   . HOH D 2 .  ? -23.513 -7.147  1.932   1.00 64.53 ? 291 HOH B O   1 
HETATM 1491 O  O   . HOH D 2 .  ? -2.955  11.716  1.568   1.00 60.93 ? 294 HOH B O   1 
HETATM 1492 O  O   . HOH D 2 .  ? -14.636 0.546   -1.603  1.00 73.91 ? 295 HOH B O   1 
HETATM 1493 O  O   . HOH D 2 .  ? -16.229 1.694   -15.488 1.00 72.40 ? 296 HOH B O   1 
HETATM 1494 O  O   . HOH D 2 .  ? 8.580   -10.563 14.685  1.00 74.98 ? 299 HOH B O   1 
HETATM 1495 O  O   . HOH D 2 .  ? -0.968  8.189   17.795  1.00 74.99 ? 300 HOH B O   1 
HETATM 1496 O  O   . HOH D 2 .  ? -12.320 -11.061 18.880  1.00 68.02 ? 301 HOH B O   1 
HETATM 1497 O  O   . HOH D 2 .  ? -8.342  -10.820 0.006   1.00 61.17 ? 302 HOH B O   1 
# 
